data_1N1J
# 
_entry.id   1N1J 
# 
_audit_conform.dict_name       mmcif_pdbx.dic 
_audit_conform.dict_version    5.387 
_audit_conform.dict_location   http://mmcif.pdb.org/dictionaries/ascii/mmcif_pdbx.dic 
# 
loop_
_database_2.database_id 
_database_2.database_code 
_database_2.pdbx_database_accession 
_database_2.pdbx_DOI 
PDB   1N1J         pdb_00001n1j 10.2210/pdb1n1j/pdb 
RCSB  RCSB017402   ?            ?                   
WWPDB D_1000017402 ?            ?                   
# 
loop_
_pdbx_audit_revision_history.ordinal 
_pdbx_audit_revision_history.data_content_type 
_pdbx_audit_revision_history.major_revision 
_pdbx_audit_revision_history.minor_revision 
_pdbx_audit_revision_history.revision_date 
1 'Structure model' 1 0 2003-02-18 
2 'Structure model' 1 1 2008-04-28 
3 'Structure model' 1 2 2011-07-13 
4 'Structure model' 1 3 2014-04-16 
5 'Structure model' 1 4 2017-10-11 
6 'Structure model' 1 5 2024-03-13 
# 
_pdbx_audit_revision_details.ordinal             1 
_pdbx_audit_revision_details.revision_ordinal    1 
_pdbx_audit_revision_details.data_content_type   'Structure model' 
_pdbx_audit_revision_details.provider            repository 
_pdbx_audit_revision_details.type                'Initial release' 
_pdbx_audit_revision_details.description         ? 
_pdbx_audit_revision_details.details             ? 
# 
loop_
_pdbx_audit_revision_group.ordinal 
_pdbx_audit_revision_group.revision_ordinal 
_pdbx_audit_revision_group.data_content_type 
_pdbx_audit_revision_group.group 
1 2 'Structure model' 'Version format compliance' 
2 3 'Structure model' 'Version format compliance' 
3 4 'Structure model' Other                       
4 5 'Structure model' Advisory                    
5 5 'Structure model' 'Refinement description'    
6 6 'Structure model' Advisory                    
7 6 'Structure model' 'Data collection'           
8 6 'Structure model' 'Database references'       
# 
loop_
_pdbx_audit_revision_category.ordinal 
_pdbx_audit_revision_category.revision_ordinal 
_pdbx_audit_revision_category.data_content_type 
_pdbx_audit_revision_category.category 
1 5 'Structure model' pdbx_unobs_or_zero_occ_atoms 
2 5 'Structure model' software                     
3 6 'Structure model' chem_comp_atom               
4 6 'Structure model' chem_comp_bond               
5 6 'Structure model' database_2                   
6 6 'Structure model' pdbx_unobs_or_zero_occ_atoms 
7 6 'Structure model' struct_ref_seq_dif           
# 
loop_
_pdbx_audit_revision_item.ordinal 
_pdbx_audit_revision_item.revision_ordinal 
_pdbx_audit_revision_item.data_content_type 
_pdbx_audit_revision_item.item 
1 6 'Structure model' '_database_2.pdbx_DOI'                
2 6 'Structure model' '_database_2.pdbx_database_accession' 
3 6 'Structure model' '_struct_ref_seq_dif.details'         
# 
_pdbx_database_status.status_code                     REL 
_pdbx_database_status.entry_id                        1N1J 
_pdbx_database_status.recvd_initial_deposition_date   2002-10-18 
_pdbx_database_status.deposit_site                    RCSB 
_pdbx_database_status.process_site                    PDBJ 
_pdbx_database_status.status_code_sf                  REL 
_pdbx_database_status.SG_entry                        . 
_pdbx_database_status.status_code_mr                  ? 
_pdbx_database_status.status_code_cs                  ? 
_pdbx_database_status.methods_development_category    ? 
_pdbx_database_status.pdb_format_compatible           Y 
_pdbx_database_status.status_code_nmr_data            ? 
# 
loop_
_audit_author.name 
_audit_author.pdbx_ordinal 
'Romier, C.'       1 
'Cocchiarella, F.' 2 
'Mantovani, R.'    3 
'Moras, D.'        4 
# 
_citation.id                        primary 
_citation.title                     
'The NF-YB/NF-YC structure gives insight into DNA binding and transcription regulation by CCAAT factor NF-Y' 
_citation.journal_abbrev            J.Biol.Chem. 
_citation.journal_volume            278 
_citation.page_first                1336 
_citation.page_last                 1345 
_citation.year                      2003 
_citation.journal_id_ASTM           JBCHA3 
_citation.country                   US 
_citation.journal_id_ISSN           0021-9258 
_citation.journal_id_CSD            0071 
_citation.book_publisher            ? 
_citation.pdbx_database_id_PubMed   12401788 
_citation.pdbx_database_id_DOI      10.1074/jbc.M209635200 
# 
loop_
_citation_author.citation_id 
_citation_author.name 
_citation_author.ordinal 
_citation_author.identifier_ORCID 
primary 'Romier, C.'       1 ? 
primary 'Cocchiarella, F.' 2 ? 
primary 'Mantovani, R.'    3 ? 
primary 'Moras, D.'        4 ? 
# 
loop_
_entity.id 
_entity.type 
_entity.src_method 
_entity.pdbx_description 
_entity.formula_weight 
_entity.pdbx_number_of_molecules 
_entity.pdbx_ec 
_entity.pdbx_mutation 
_entity.pdbx_fragment 
_entity.details 
1 polymer man NF-YB 10722.289 1   ? ? NF-YB3 ? 
2 polymer man NF-YC 11386.336 1   ? ? NF-YC2 ? 
3 water   nat water 18.015    299 ? ? ?      ? 
# 
loop_
_entity_name_com.entity_id 
_entity_name_com.name 
1 'Nuclear transcription factor Y subunit beta'  
2 'Nuclear transcription factor Y subunit gamma' 
# 
loop_
_entity_poly.entity_id 
_entity_poly.type 
_entity_poly.nstd_linkage 
_entity_poly.nstd_monomer 
_entity_poly.pdbx_seq_one_letter_code 
_entity_poly.pdbx_seq_one_letter_code_can 
_entity_poly.pdbx_strand_id 
_entity_poly.pdbx_target_identifier 
1 'polypeptide(L)' no no 
;SFREQDIYLPIANVARIMKNAIPQTGKIAKDAKECVQECVSEFISFITSEASERCHQEKRKTINGEDILFAMSTLGFDSY
VEPLKLYLQKFRE
;
;SFREQDIYLPIANVARIMKNAIPQTGKIAKDAKECVQECVSEFISFITSEASERCHQEKRKTINGEDILFAMSTLGFDSY
VEPLKLYLQKFRE
;
A ? 
2 'polypeptide(L)' no no 
;GSHMEEIRNLTVKDFRVQELPLARIKKIMKLDEDVKMISAEAPVLFAKAAQIFITELTLRAWIHTEDNKRRTLQRNDIAM
AITKFDQFDFLIDIVPR
;
;GSHMEEIRNLTVKDFRVQELPLARIKKIMKLDEDVKMISAEAPVLFAKAAQIFITELTLRAWIHTEDNKRRTLQRNDIAM
AITKFDQFDFLIDIVPR
;
B ? 
# 
_pdbx_entity_nonpoly.entity_id   3 
_pdbx_entity_nonpoly.name        water 
_pdbx_entity_nonpoly.comp_id     HOH 
# 
loop_
_entity_poly_seq.entity_id 
_entity_poly_seq.num 
_entity_poly_seq.mon_id 
_entity_poly_seq.hetero 
1 1  SER n 
1 2  PHE n 
1 3  ARG n 
1 4  GLU n 
1 5  GLN n 
1 6  ASP n 
1 7  ILE n 
1 8  TYR n 
1 9  LEU n 
1 10 PRO n 
1 11 ILE n 
1 12 ALA n 
1 13 ASN n 
1 14 VAL n 
1 15 ALA n 
1 16 ARG n 
1 17 ILE n 
1 18 MET n 
1 19 LYS n 
1 20 ASN n 
1 21 ALA n 
1 22 ILE n 
1 23 PRO n 
1 24 GLN n 
1 25 THR n 
1 26 GLY n 
1 27 LYS n 
1 28 ILE n 
1 29 ALA n 
1 30 LYS n 
1 31 ASP n 
1 32 ALA n 
1 33 LYS n 
1 34 GLU n 
1 35 CYS n 
1 36 VAL n 
1 37 GLN n 
1 38 GLU n 
1 39 CYS n 
1 40 VAL n 
1 41 SER n 
1 42 GLU n 
1 43 PHE n 
1 44 ILE n 
1 45 SER n 
1 46 PHE n 
1 47 ILE n 
1 48 THR n 
1 49 SER n 
1 50 GLU n 
1 51 ALA n 
1 52 SER n 
1 53 GLU n 
1 54 ARG n 
1 55 CYS n 
1 56 HIS n 
1 57 GLN n 
1 58 GLU n 
1 59 LYS n 
1 60 ARG n 
1 61 LYS n 
1 62 THR n 
1 63 ILE n 
1 64 ASN n 
1 65 GLY n 
1 66 GLU n 
1 67 ASP n 
1 68 ILE n 
1 69 LEU n 
1 70 PHE n 
1 71 ALA n 
1 72 MET n 
1 73 SER n 
1 74 THR n 
1 75 LEU n 
1 76 GLY n 
1 77 PHE n 
1 78 ASP n 
1 79 SER n 
1 80 TYR n 
1 81 VAL n 
1 82 GLU n 
1 83 PRO n 
1 84 LEU n 
1 85 LYS n 
1 86 LEU n 
1 87 TYR n 
1 88 LEU n 
1 89 GLN n 
1 90 LYS n 
1 91 PHE n 
1 92 ARG n 
1 93 GLU n 
2 1  GLY n 
2 2  SER n 
2 3  HIS n 
2 4  MET n 
2 5  GLU n 
2 6  GLU n 
2 7  ILE n 
2 8  ARG n 
2 9  ASN n 
2 10 LEU n 
2 11 THR n 
2 12 VAL n 
2 13 LYS n 
2 14 ASP n 
2 15 PHE n 
2 16 ARG n 
2 17 VAL n 
2 18 GLN n 
2 19 GLU n 
2 20 LEU n 
2 21 PRO n 
2 22 LEU n 
2 23 ALA n 
2 24 ARG n 
2 25 ILE n 
2 26 LYS n 
2 27 LYS n 
2 28 ILE n 
2 29 MET n 
2 30 LYS n 
2 31 LEU n 
2 32 ASP n 
2 33 GLU n 
2 34 ASP n 
2 35 VAL n 
2 36 LYS n 
2 37 MET n 
2 38 ILE n 
2 39 SER n 
2 40 ALA n 
2 41 GLU n 
2 42 ALA n 
2 43 PRO n 
2 44 VAL n 
2 45 LEU n 
2 46 PHE n 
2 47 ALA n 
2 48 LYS n 
2 49 ALA n 
2 50 ALA n 
2 51 GLN n 
2 52 ILE n 
2 53 PHE n 
2 54 ILE n 
2 55 THR n 
2 56 GLU n 
2 57 LEU n 
2 58 THR n 
2 59 LEU n 
2 60 ARG n 
2 61 ALA n 
2 62 TRP n 
2 63 ILE n 
2 64 HIS n 
2 65 THR n 
2 66 GLU n 
2 67 ASP n 
2 68 ASN n 
2 69 LYS n 
2 70 ARG n 
2 71 ARG n 
2 72 THR n 
2 73 LEU n 
2 74 GLN n 
2 75 ARG n 
2 76 ASN n 
2 77 ASP n 
2 78 ILE n 
2 79 ALA n 
2 80 MET n 
2 81 ALA n 
2 82 ILE n 
2 83 THR n 
2 84 LYS n 
2 85 PHE n 
2 86 ASP n 
2 87 GLN n 
2 88 PHE n 
2 89 ASP n 
2 90 PHE n 
2 91 LEU n 
2 92 ILE n 
2 93 ASP n 
2 94 ILE n 
2 95 VAL n 
2 96 PRO n 
2 97 ARG n 
# 
loop_
_entity_src_gen.entity_id 
_entity_src_gen.pdbx_src_id 
_entity_src_gen.pdbx_alt_source_flag 
_entity_src_gen.pdbx_seq_type 
_entity_src_gen.pdbx_beg_seq_num 
_entity_src_gen.pdbx_end_seq_num 
_entity_src_gen.gene_src_common_name 
_entity_src_gen.gene_src_genus 
_entity_src_gen.pdbx_gene_src_gene 
_entity_src_gen.gene_src_species 
_entity_src_gen.gene_src_strain 
_entity_src_gen.gene_src_tissue 
_entity_src_gen.gene_src_tissue_fraction 
_entity_src_gen.gene_src_details 
_entity_src_gen.pdbx_gene_src_fragment 
_entity_src_gen.pdbx_gene_src_scientific_name 
_entity_src_gen.pdbx_gene_src_ncbi_taxonomy_id 
_entity_src_gen.pdbx_gene_src_variant 
_entity_src_gen.pdbx_gene_src_cell_line 
_entity_src_gen.pdbx_gene_src_atcc 
_entity_src_gen.pdbx_gene_src_organ 
_entity_src_gen.pdbx_gene_src_organelle 
_entity_src_gen.pdbx_gene_src_cell 
_entity_src_gen.pdbx_gene_src_cellular_location 
_entity_src_gen.host_org_common_name 
_entity_src_gen.pdbx_host_org_scientific_name 
_entity_src_gen.pdbx_host_org_ncbi_taxonomy_id 
_entity_src_gen.host_org_genus 
_entity_src_gen.pdbx_host_org_gene 
_entity_src_gen.pdbx_host_org_organ 
_entity_src_gen.host_org_species 
_entity_src_gen.pdbx_host_org_tissue 
_entity_src_gen.pdbx_host_org_tissue_fraction 
_entity_src_gen.pdbx_host_org_strain 
_entity_src_gen.pdbx_host_org_variant 
_entity_src_gen.pdbx_host_org_cell_line 
_entity_src_gen.pdbx_host_org_atcc 
_entity_src_gen.pdbx_host_org_culture_collection 
_entity_src_gen.pdbx_host_org_cell 
_entity_src_gen.pdbx_host_org_organelle 
_entity_src_gen.pdbx_host_org_cellular_location 
_entity_src_gen.pdbx_host_org_vector_type 
_entity_src_gen.pdbx_host_org_vector 
_entity_src_gen.host_org_details 
_entity_src_gen.expression_system_id 
_entity_src_gen.plasmid_name 
_entity_src_gen.plasmid_details 
_entity_src_gen.pdbx_description 
1 1 sample ? ? ? human Homo ? ? ? ? ? ? ? 'Homo sapiens' 9606 ? ? ? ? ? ? ? ? 'Escherichia coli' 562 Escherichia ? ? ? ? ? ? ? ? ? 
? ? ? ? plasmid ? ? ? pACYC11b ? ? 
2 1 sample ? ? ? human Homo ? ? ? ? ? ? ? 'Homo sapiens' 9606 ? ? ? ? ? ? ? ? 'Escherichia coli' 562 Escherichia ? ? ? ? ? ? ? ? ? 
? ? ? ? plasmid ? ? ? pET15b   ? ? 
# 
loop_
_chem_comp.id 
_chem_comp.type 
_chem_comp.mon_nstd_flag 
_chem_comp.name 
_chem_comp.pdbx_synonyms 
_chem_comp.formula 
_chem_comp.formula_weight 
ALA 'L-peptide linking' y ALANINE         ? 'C3 H7 N O2'     89.093  
ARG 'L-peptide linking' y ARGININE        ? 'C6 H15 N4 O2 1' 175.209 
ASN 'L-peptide linking' y ASPARAGINE      ? 'C4 H8 N2 O3'    132.118 
ASP 'L-peptide linking' y 'ASPARTIC ACID' ? 'C4 H7 N O4'     133.103 
CYS 'L-peptide linking' y CYSTEINE        ? 'C3 H7 N O2 S'   121.158 
GLN 'L-peptide linking' y GLUTAMINE       ? 'C5 H10 N2 O3'   146.144 
GLU 'L-peptide linking' y 'GLUTAMIC ACID' ? 'C5 H9 N O4'     147.129 
GLY 'peptide linking'   y GLYCINE         ? 'C2 H5 N O2'     75.067  
HIS 'L-peptide linking' y HISTIDINE       ? 'C6 H10 N3 O2 1' 156.162 
HOH non-polymer         . WATER           ? 'H2 O'           18.015  
ILE 'L-peptide linking' y ISOLEUCINE      ? 'C6 H13 N O2'    131.173 
LEU 'L-peptide linking' y LEUCINE         ? 'C6 H13 N O2'    131.173 
LYS 'L-peptide linking' y LYSINE          ? 'C6 H15 N2 O2 1' 147.195 
MET 'L-peptide linking' y METHIONINE      ? 'C5 H11 N O2 S'  149.211 
PHE 'L-peptide linking' y PHENYLALANINE   ? 'C9 H11 N O2'    165.189 
PRO 'L-peptide linking' y PROLINE         ? 'C5 H9 N O2'     115.130 
SER 'L-peptide linking' y SERINE          ? 'C3 H7 N O3'     105.093 
THR 'L-peptide linking' y THREONINE       ? 'C4 H9 N O3'     119.119 
TRP 'L-peptide linking' y TRYPTOPHAN      ? 'C11 H12 N2 O2'  204.225 
TYR 'L-peptide linking' y TYROSINE        ? 'C9 H11 N O3'    181.189 
VAL 'L-peptide linking' y VALINE          ? 'C5 H11 N O2'    117.146 
# 
loop_
_pdbx_poly_seq_scheme.asym_id 
_pdbx_poly_seq_scheme.entity_id 
_pdbx_poly_seq_scheme.seq_id 
_pdbx_poly_seq_scheme.mon_id 
_pdbx_poly_seq_scheme.ndb_seq_num 
_pdbx_poly_seq_scheme.pdb_seq_num 
_pdbx_poly_seq_scheme.auth_seq_num 
_pdbx_poly_seq_scheme.pdb_mon_id 
_pdbx_poly_seq_scheme.auth_mon_id 
_pdbx_poly_seq_scheme.pdb_strand_id 
_pdbx_poly_seq_scheme.pdb_ins_code 
_pdbx_poly_seq_scheme.hetero 
A 1 1  SER 1  49  ?   ?   ?   A . n 
A 1 2  PHE 2  50  ?   ?   ?   A . n 
A 1 3  ARG 3  51  ?   ?   ?   A . n 
A 1 4  GLU 4  52  ?   ?   ?   A . n 
A 1 5  GLN 5  53  ?   ?   ?   A . n 
A 1 6  ASP 6  54  ?   ?   ?   A . n 
A 1 7  ILE 7  55  55  ILE ILE A . n 
A 1 8  TYR 8  56  56  TYR TYR A . n 
A 1 9  LEU 9  57  57  LEU LEU A . n 
A 1 10 PRO 10 58  58  PRO PRO A . n 
A 1 11 ILE 11 59  59  ILE ILE A . n 
A 1 12 ALA 12 60  60  ALA ALA A . n 
A 1 13 ASN 13 61  61  ASN ASN A . n 
A 1 14 VAL 14 62  62  VAL VAL A . n 
A 1 15 ALA 15 63  63  ALA ALA A . n 
A 1 16 ARG 16 64  64  ARG ARG A . n 
A 1 17 ILE 17 65  65  ILE ILE A . n 
A 1 18 MET 18 66  66  MET MET A . n 
A 1 19 LYS 19 67  67  LYS LYS A . n 
A 1 20 ASN 20 68  68  ASN ASN A . n 
A 1 21 ALA 21 69  69  ALA ALA A . n 
A 1 22 ILE 22 70  70  ILE ILE A . n 
A 1 23 PRO 23 71  71  PRO PRO A . n 
A 1 24 GLN 24 72  72  GLN GLN A . n 
A 1 25 THR 25 73  73  THR THR A . n 
A 1 26 GLY 26 74  74  GLY GLY A . n 
A 1 27 LYS 27 75  75  LYS LYS A . n 
A 1 28 ILE 28 76  76  ILE ILE A . n 
A 1 29 ALA 29 77  77  ALA ALA A . n 
A 1 30 LYS 30 78  78  LYS LYS A . n 
A 1 31 ASP 31 79  79  ASP ASP A . n 
A 1 32 ALA 32 80  80  ALA ALA A . n 
A 1 33 LYS 33 81  81  LYS LYS A . n 
A 1 34 GLU 34 82  82  GLU GLU A . n 
A 1 35 CYS 35 83  83  CYS CYS A . n 
A 1 36 VAL 36 84  84  VAL VAL A . n 
A 1 37 GLN 37 85  85  GLN GLN A . n 
A 1 38 GLU 38 86  86  GLU GLU A . n 
A 1 39 CYS 39 87  87  CYS CYS A . n 
A 1 40 VAL 40 88  88  VAL VAL A . n 
A 1 41 SER 41 89  89  SER SER A . n 
A 1 42 GLU 42 90  90  GLU GLU A . n 
A 1 43 PHE 43 91  91  PHE PHE A . n 
A 1 44 ILE 44 92  92  ILE ILE A . n 
A 1 45 SER 45 93  93  SER SER A . n 
A 1 46 PHE 46 94  94  PHE PHE A . n 
A 1 47 ILE 47 95  95  ILE ILE A . n 
A 1 48 THR 48 96  96  THR THR A . n 
A 1 49 SER 49 97  97  SER SER A . n 
A 1 50 GLU 50 98  98  GLU GLU A . n 
A 1 51 ALA 51 99  99  ALA ALA A . n 
A 1 52 SER 52 100 100 SER SER A . n 
A 1 53 GLU 53 101 101 GLU GLU A . n 
A 1 54 ARG 54 102 102 ARG ARG A . n 
A 1 55 CYS 55 103 103 CYS CYS A . n 
A 1 56 HIS 56 104 104 HIS HIS A . n 
A 1 57 GLN 57 105 105 GLN GLN A . n 
A 1 58 GLU 58 106 106 GLU GLU A . n 
A 1 59 LYS 59 107 107 LYS LYS A . n 
A 1 60 ARG 60 108 108 ARG ARG A . n 
A 1 61 LYS 61 109 109 LYS LYS A . n 
A 1 62 THR 62 110 110 THR THR A . n 
A 1 63 ILE 63 111 111 ILE ILE A . n 
A 1 64 ASN 64 112 112 ASN ASN A . n 
A 1 65 GLY 65 113 113 GLY GLY A . n 
A 1 66 GLU 66 114 114 GLU GLU A . n 
A 1 67 ASP 67 115 115 ASP ASP A . n 
A 1 68 ILE 68 116 116 ILE ILE A . n 
A 1 69 LEU 69 117 117 LEU LEU A . n 
A 1 70 PHE 70 118 118 PHE PHE A . n 
A 1 71 ALA 71 119 119 ALA ALA A . n 
A 1 72 MET 72 120 120 MET MET A . n 
A 1 73 SER 73 121 121 SER SER A . n 
A 1 74 THR 74 122 122 THR THR A . n 
A 1 75 LEU 75 123 123 LEU LEU A . n 
A 1 76 GLY 76 124 124 GLY GLY A . n 
A 1 77 PHE 77 125 125 PHE PHE A . n 
A 1 78 ASP 78 126 126 ASP ASP A . n 
A 1 79 SER 79 127 127 SER SER A . n 
A 1 80 TYR 80 128 128 TYR TYR A . n 
A 1 81 VAL 81 129 129 VAL VAL A . n 
A 1 82 GLU 82 130 130 GLU GLU A . n 
A 1 83 PRO 83 131 131 PRO PRO A . n 
A 1 84 LEU 84 132 132 LEU LEU A . n 
A 1 85 LYS 85 133 133 LYS LYS A . n 
A 1 86 LEU 86 134 134 LEU LEU A . n 
A 1 87 TYR 87 135 135 TYR TYR A . n 
A 1 88 LEU 88 136 136 LEU LEU A . n 
A 1 89 GLN 89 137 137 GLN GLN A . n 
A 1 90 LYS 90 138 138 LYS LYS A . n 
A 1 91 PHE 91 139 139 PHE PHE A . n 
A 1 92 ARG 92 140 140 ARG ARG A . n 
A 1 93 GLU 93 141 141 GLU GLU A . n 
B 2 1  GLY 1  24  ?   ?   ?   B . n 
B 2 2  SER 2  25  ?   ?   ?   B . n 
B 2 3  HIS 3  26  ?   ?   ?   B . n 
B 2 4  MET 4  27  ?   ?   ?   B . n 
B 2 5  GLU 5  28  ?   ?   ?   B . n 
B 2 6  GLU 6  29  ?   ?   ?   B . n 
B 2 7  ILE 7  30  ?   ?   ?   B . n 
B 2 8  ARG 8  31  ?   ?   ?   B . n 
B 2 9  ASN 9  32  ?   ?   ?   B . n 
B 2 10 LEU 10 33  ?   ?   ?   B . n 
B 2 11 THR 11 34  ?   ?   ?   B . n 
B 2 12 VAL 12 35  ?   ?   ?   B . n 
B 2 13 LYS 13 36  ?   ?   ?   B . n 
B 2 14 ASP 14 37  ?   ?   ?   B . n 
B 2 15 PHE 15 38  ?   ?   ?   B . n 
B 2 16 ARG 16 39  ?   ?   ?   B . n 
B 2 17 VAL 17 40  ?   ?   ?   B . n 
B 2 18 GLN 18 41  ?   ?   ?   B . n 
B 2 19 GLU 19 42  ?   ?   ?   B . n 
B 2 20 LEU 20 43  43  LEU LEU B . n 
B 2 21 PRO 21 44  44  PRO PRO B . n 
B 2 22 LEU 22 45  45  LEU LEU B . n 
B 2 23 ALA 23 46  46  ALA ALA B . n 
B 2 24 ARG 24 47  47  ARG ARG B . n 
B 2 25 ILE 25 48  48  ILE ILE B . n 
B 2 26 LYS 26 49  49  LYS LYS B . n 
B 2 27 LYS 27 50  50  LYS LYS B . n 
B 2 28 ILE 28 51  51  ILE ILE B . n 
B 2 29 MET 29 52  52  MET MET B . n 
B 2 30 LYS 30 53  53  LYS LYS B . n 
B 2 31 LEU 31 54  54  LEU LEU B . n 
B 2 32 ASP 32 55  55  ASP ASP B . n 
B 2 33 GLU 33 56  56  GLU GLU B . n 
B 2 34 ASP 34 57  57  ASP ASP B . n 
B 2 35 VAL 35 58  58  VAL VAL B . n 
B 2 36 LYS 36 59  59  LYS LYS B . n 
B 2 37 MET 37 60  60  MET MET B . n 
B 2 38 ILE 38 61  61  ILE ILE B . n 
B 2 39 SER 39 62  62  SER SER B . n 
B 2 40 ALA 40 63  63  ALA ALA B . n 
B 2 41 GLU 41 64  64  GLU GLU B . n 
B 2 42 ALA 42 65  65  ALA ALA B . n 
B 2 43 PRO 43 66  66  PRO PRO B . n 
B 2 44 VAL 44 67  67  VAL VAL B . n 
B 2 45 LEU 45 68  68  LEU LEU B . n 
B 2 46 PHE 46 69  69  PHE PHE B . n 
B 2 47 ALA 47 70  70  ALA ALA B . n 
B 2 48 LYS 48 71  71  LYS LYS B . n 
B 2 49 ALA 49 72  72  ALA ALA B . n 
B 2 50 ALA 50 73  73  ALA ALA B . n 
B 2 51 GLN 51 74  74  GLN GLN B . n 
B 2 52 ILE 52 75  75  ILE ILE B . n 
B 2 53 PHE 53 76  76  PHE PHE B . n 
B 2 54 ILE 54 77  77  ILE ILE B . n 
B 2 55 THR 55 78  78  THR THR B . n 
B 2 56 GLU 56 79  79  GLU GLU B . n 
B 2 57 LEU 57 80  80  LEU LEU B . n 
B 2 58 THR 58 81  81  THR THR B . n 
B 2 59 LEU 59 82  82  LEU LEU B . n 
B 2 60 ARG 60 83  83  ARG ARG B . n 
B 2 61 ALA 61 84  84  ALA ALA B . n 
B 2 62 TRP 62 85  85  TRP TRP B . n 
B 2 63 ILE 63 86  86  ILE ILE B . n 
B 2 64 HIS 64 87  87  HIS HIS B . n 
B 2 65 THR 65 88  88  THR THR B . n 
B 2 66 GLU 66 89  89  GLU GLU B . n 
B 2 67 ASP 67 90  90  ASP ASP B . n 
B 2 68 ASN 68 91  91  ASN ASN B . n 
B 2 69 LYS 69 92  92  LYS LYS B . n 
B 2 70 ARG 70 93  93  ARG ARG B . n 
B 2 71 ARG 71 94  94  ARG ARG B . n 
B 2 72 THR 72 95  95  THR THR B . n 
B 2 73 LEU 73 96  96  LEU LEU B . n 
B 2 74 GLN 74 97  97  GLN GLN B . n 
B 2 75 ARG 75 98  98  ARG ARG B . n 
B 2 76 ASN 76 99  99  ASN ASN B . n 
B 2 77 ASP 77 100 100 ASP ASP B . n 
B 2 78 ILE 78 101 101 ILE ILE B . n 
B 2 79 ALA 79 102 102 ALA ALA B . n 
B 2 80 MET 80 103 103 MET MET B . n 
B 2 81 ALA 81 104 104 ALA ALA B . n 
B 2 82 ILE 82 105 105 ILE ILE B . n 
B 2 83 THR 83 106 106 THR THR B . n 
B 2 84 LYS 84 107 107 LYS LYS B . n 
B 2 85 PHE 85 108 108 PHE PHE B . n 
B 2 86 ASP 86 109 109 ASP ASP B . n 
B 2 87 GLN 87 110 110 GLN GLN B . n 
B 2 88 PHE 88 111 111 PHE PHE B . n 
B 2 89 ASP 89 112 112 ASP ASP B . n 
B 2 90 PHE 90 113 113 PHE PHE B . n 
B 2 91 LEU 91 114 114 LEU LEU B . n 
B 2 92 ILE 92 115 115 ILE ILE B . n 
B 2 93 ASP 93 116 116 ASP ASP B . n 
B 2 94 ILE 94 117 117 ILE ILE B . n 
B 2 95 VAL 95 118 118 VAL VAL B . n 
B 2 96 PRO 96 119 119 PRO PRO B . n 
B 2 97 ARG 97 120 120 ARG ARG B . n 
# 
loop_
_pdbx_nonpoly_scheme.asym_id 
_pdbx_nonpoly_scheme.entity_id 
_pdbx_nonpoly_scheme.mon_id 
_pdbx_nonpoly_scheme.ndb_seq_num 
_pdbx_nonpoly_scheme.pdb_seq_num 
_pdbx_nonpoly_scheme.auth_seq_num 
_pdbx_nonpoly_scheme.pdb_mon_id 
_pdbx_nonpoly_scheme.auth_mon_id 
_pdbx_nonpoly_scheme.pdb_strand_id 
_pdbx_nonpoly_scheme.pdb_ins_code 
C 3 HOH 1   142 1   HOH WAT A . 
C 3 HOH 2   143 2   HOH WAT A . 
C 3 HOH 3   144 3   HOH WAT A . 
C 3 HOH 4   145 4   HOH WAT A . 
C 3 HOH 5   146 5   HOH WAT A . 
C 3 HOH 6   147 6   HOH WAT A . 
C 3 HOH 7   148 8   HOH WAT A . 
C 3 HOH 8   149 9   HOH WAT A . 
C 3 HOH 9   150 10  HOH WAT A . 
C 3 HOH 10  151 11  HOH WAT A . 
C 3 HOH 11  152 12  HOH WAT A . 
C 3 HOH 12  153 13  HOH WAT A . 
C 3 HOH 13  154 14  HOH WAT A . 
C 3 HOH 14  155 15  HOH WAT A . 
C 3 HOH 15  156 16  HOH WAT A . 
C 3 HOH 16  157 17  HOH WAT A . 
C 3 HOH 17  158 18  HOH WAT A . 
C 3 HOH 18  159 19  HOH WAT A . 
C 3 HOH 19  160 20  HOH WAT A . 
C 3 HOH 20  161 21  HOH WAT A . 
C 3 HOH 21  162 22  HOH WAT A . 
C 3 HOH 22  163 23  HOH WAT A . 
C 3 HOH 23  164 24  HOH WAT A . 
C 3 HOH 24  165 25  HOH WAT A . 
C 3 HOH 25  166 26  HOH WAT A . 
C 3 HOH 26  167 27  HOH WAT A . 
C 3 HOH 27  168 28  HOH WAT A . 
C 3 HOH 28  169 29  HOH WAT A . 
C 3 HOH 29  170 30  HOH WAT A . 
C 3 HOH 30  171 31  HOH WAT A . 
C 3 HOH 31  172 32  HOH WAT A . 
C 3 HOH 32  173 33  HOH WAT A . 
C 3 HOH 33  174 34  HOH WAT A . 
C 3 HOH 34  175 35  HOH WAT A . 
C 3 HOH 35  176 36  HOH WAT A . 
C 3 HOH 36  177 37  HOH WAT A . 
C 3 HOH 37  178 41  HOH WAT A . 
C 3 HOH 38  179 42  HOH WAT A . 
C 3 HOH 39  180 43  HOH WAT A . 
C 3 HOH 40  181 44  HOH WAT A . 
C 3 HOH 41  182 45  HOH WAT A . 
C 3 HOH 42  183 46  HOH WAT A . 
C 3 HOH 43  184 47  HOH WAT A . 
C 3 HOH 44  185 48  HOH WAT A . 
C 3 HOH 45  186 49  HOH WAT A . 
C 3 HOH 46  187 50  HOH WAT A . 
C 3 HOH 47  188 51  HOH WAT A . 
C 3 HOH 48  189 63  HOH WAT A . 
C 3 HOH 49  190 66  HOH WAT A . 
C 3 HOH 50  191 83  HOH WAT A . 
C 3 HOH 51  192 84  HOH WAT A . 
C 3 HOH 52  193 85  HOH WAT A . 
C 3 HOH 53  194 110 HOH WAT A . 
C 3 HOH 54  195 115 HOH WAT A . 
C 3 HOH 55  196 116 HOH WAT A . 
C 3 HOH 56  197 117 HOH WAT A . 
C 3 HOH 57  198 118 HOH WAT A . 
C 3 HOH 58  199 119 HOH WAT A . 
C 3 HOH 59  200 120 HOH WAT A . 
C 3 HOH 60  201 121 HOH WAT A . 
C 3 HOH 61  202 122 HOH WAT A . 
C 3 HOH 62  203 123 HOH WAT A . 
C 3 HOH 63  204 125 HOH WAT A . 
C 3 HOH 64  205 126 HOH WAT A . 
C 3 HOH 65  206 127 HOH WAT A . 
C 3 HOH 66  207 128 HOH WAT A . 
C 3 HOH 67  208 129 HOH WAT A . 
C 3 HOH 68  209 130 HOH WAT A . 
C 3 HOH 69  210 131 HOH WAT A . 
C 3 HOH 70  211 134 HOH WAT A . 
C 3 HOH 71  212 135 HOH WAT A . 
C 3 HOH 72  213 136 HOH WAT A . 
C 3 HOH 73  214 138 HOH WAT A . 
C 3 HOH 74  215 139 HOH WAT A . 
C 3 HOH 75  216 140 HOH WAT A . 
C 3 HOH 76  217 141 HOH WAT A . 
C 3 HOH 77  218 142 HOH WAT A . 
C 3 HOH 78  219 143 HOH WAT A . 
C 3 HOH 79  220 144 HOH WAT A . 
C 3 HOH 80  221 145 HOH WAT A . 
C 3 HOH 81  222 146 HOH WAT A . 
C 3 HOH 82  223 147 HOH WAT A . 
C 3 HOH 83  224 148 HOH WAT A . 
C 3 HOH 84  225 149 HOH WAT A . 
C 3 HOH 85  226 150 HOH WAT A . 
C 3 HOH 86  227 151 HOH WAT A . 
C 3 HOH 87  228 152 HOH WAT A . 
C 3 HOH 88  229 153 HOH WAT A . 
C 3 HOH 89  230 154 HOH WAT A . 
C 3 HOH 90  231 155 HOH WAT A . 
C 3 HOH 91  232 156 HOH WAT A . 
C 3 HOH 92  233 157 HOH WAT A . 
C 3 HOH 93  234 158 HOH WAT A . 
C 3 HOH 94  235 160 HOH WAT A . 
C 3 HOH 95  236 161 HOH WAT A . 
C 3 HOH 96  237 162 HOH WAT A . 
C 3 HOH 97  238 164 HOH WAT A . 
C 3 HOH 98  239 165 HOH WAT A . 
C 3 HOH 99  240 166 HOH WAT A . 
C 3 HOH 100 241 167 HOH WAT A . 
C 3 HOH 101 242 169 HOH WAT A . 
C 3 HOH 102 243 170 HOH WAT A . 
C 3 HOH 103 244 171 HOH WAT A . 
C 3 HOH 104 245 172 HOH WAT A . 
C 3 HOH 105 246 173 HOH WAT A . 
C 3 HOH 106 247 174 HOH WAT A . 
C 3 HOH 107 248 175 HOH WAT A . 
C 3 HOH 108 249 176 HOH WAT A . 
C 3 HOH 109 250 177 HOH WAT A . 
C 3 HOH 110 251 178 HOH WAT A . 
C 3 HOH 111 252 179 HOH WAT A . 
C 3 HOH 112 253 180 HOH WAT A . 
C 3 HOH 113 254 182 HOH WAT A . 
C 3 HOH 114 255 193 HOH WAT A . 
C 3 HOH 115 256 196 HOH WAT A . 
C 3 HOH 116 257 206 HOH WAT A . 
C 3 HOH 117 258 207 HOH WAT A . 
C 3 HOH 118 259 208 HOH WAT A . 
C 3 HOH 119 260 209 HOH WAT A . 
C 3 HOH 120 261 210 HOH WAT A . 
C 3 HOH 121 262 211 HOH WAT A . 
C 3 HOH 122 263 212 HOH WAT A . 
C 3 HOH 123 264 213 HOH WAT A . 
C 3 HOH 124 265 214 HOH WAT A . 
C 3 HOH 125 266 215 HOH WAT A . 
C 3 HOH 126 267 216 HOH WAT A . 
C 3 HOH 127 268 217 HOH WAT A . 
C 3 HOH 128 269 218 HOH WAT A . 
C 3 HOH 129 270 219 HOH WAT A . 
C 3 HOH 130 271 220 HOH WAT A . 
C 3 HOH 131 272 221 HOH WAT A . 
C 3 HOH 132 273 223 HOH WAT A . 
C 3 HOH 133 274 226 HOH WAT A . 
C 3 HOH 134 275 227 HOH WAT A . 
C 3 HOH 135 276 228 HOH WAT A . 
C 3 HOH 136 277 229 HOH WAT A . 
C 3 HOH 137 278 230 HOH WAT A . 
C 3 HOH 138 279 231 HOH WAT A . 
C 3 HOH 139 280 232 HOH WAT A . 
C 3 HOH 140 281 233 HOH WAT A . 
C 3 HOH 141 282 235 HOH WAT A . 
C 3 HOH 142 283 236 HOH WAT A . 
C 3 HOH 143 284 237 HOH WAT A . 
C 3 HOH 144 285 238 HOH WAT A . 
C 3 HOH 145 286 239 HOH WAT A . 
C 3 HOH 146 287 240 HOH WAT A . 
C 3 HOH 147 288 242 HOH WAT A . 
C 3 HOH 148 289 243 HOH WAT A . 
C 3 HOH 149 290 244 HOH WAT A . 
C 3 HOH 150 291 246 HOH WAT A . 
C 3 HOH 151 292 247 HOH WAT A . 
C 3 HOH 152 293 248 HOH WAT A . 
C 3 HOH 153 294 249 HOH WAT A . 
C 3 HOH 154 295 250 HOH WAT A . 
C 3 HOH 155 296 255 HOH WAT A . 
C 3 HOH 156 297 264 HOH WAT A . 
C 3 HOH 157 298 265 HOH WAT A . 
C 3 HOH 158 299 266 HOH WAT A . 
C 3 HOH 159 300 267 HOH WAT A . 
C 3 HOH 160 301 268 HOH WAT A . 
C 3 HOH 161 302 269 HOH WAT A . 
C 3 HOH 162 303 270 HOH WAT A . 
C 3 HOH 163 304 271 HOH WAT A . 
C 3 HOH 164 305 272 HOH WAT A . 
C 3 HOH 165 306 273 HOH WAT A . 
C 3 HOH 166 307 274 HOH WAT A . 
C 3 HOH 167 308 275 HOH WAT A . 
C 3 HOH 168 309 276 HOH WAT A . 
C 3 HOH 169 310 277 HOH WAT A . 
C 3 HOH 170 311 278 HOH WAT A . 
C 3 HOH 171 312 279 HOH WAT A . 
C 3 HOH 172 313 280 HOH WAT A . 
C 3 HOH 173 314 281 HOH WAT A . 
C 3 HOH 174 315 293 HOH WAT A . 
C 3 HOH 175 316 294 HOH WAT A . 
C 3 HOH 176 317 295 HOH WAT A . 
C 3 HOH 177 318 296 HOH WAT A . 
C 3 HOH 178 319 299 HOH WAT A . 
D 3 HOH 1   121 7   HOH WAT B . 
D 3 HOH 2   122 38  HOH WAT B . 
D 3 HOH 3   123 39  HOH WAT B . 
D 3 HOH 4   124 40  HOH WAT B . 
D 3 HOH 5   125 52  HOH WAT B . 
D 3 HOH 6   126 53  HOH WAT B . 
D 3 HOH 7   127 54  HOH WAT B . 
D 3 HOH 8   128 55  HOH WAT B . 
D 3 HOH 9   129 56  HOH WAT B . 
D 3 HOH 10  130 57  HOH WAT B . 
D 3 HOH 11  131 58  HOH WAT B . 
D 3 HOH 12  132 59  HOH WAT B . 
D 3 HOH 13  133 60  HOH WAT B . 
D 3 HOH 14  134 61  HOH WAT B . 
D 3 HOH 15  135 62  HOH WAT B . 
D 3 HOH 16  136 64  HOH WAT B . 
D 3 HOH 17  137 65  HOH WAT B . 
D 3 HOH 18  138 67  HOH WAT B . 
D 3 HOH 19  139 68  HOH WAT B . 
D 3 HOH 20  140 69  HOH WAT B . 
D 3 HOH 21  141 70  HOH WAT B . 
D 3 HOH 22  142 71  HOH WAT B . 
D 3 HOH 23  143 72  HOH WAT B . 
D 3 HOH 24  144 73  HOH WAT B . 
D 3 HOH 25  145 74  HOH WAT B . 
D 3 HOH 26  146 75  HOH WAT B . 
D 3 HOH 27  147 76  HOH WAT B . 
D 3 HOH 28  148 77  HOH WAT B . 
D 3 HOH 29  149 78  HOH WAT B . 
D 3 HOH 30  150 79  HOH WAT B . 
D 3 HOH 31  151 80  HOH WAT B . 
D 3 HOH 32  152 81  HOH WAT B . 
D 3 HOH 33  153 82  HOH WAT B . 
D 3 HOH 34  154 86  HOH WAT B . 
D 3 HOH 35  155 87  HOH WAT B . 
D 3 HOH 36  156 88  HOH WAT B . 
D 3 HOH 37  157 89  HOH WAT B . 
D 3 HOH 38  158 90  HOH WAT B . 
D 3 HOH 39  159 91  HOH WAT B . 
D 3 HOH 40  160 92  HOH WAT B . 
D 3 HOH 41  161 93  HOH WAT B . 
D 3 HOH 42  162 94  HOH WAT B . 
D 3 HOH 43  163 95  HOH WAT B . 
D 3 HOH 44  164 96  HOH WAT B . 
D 3 HOH 45  165 97  HOH WAT B . 
D 3 HOH 46  166 98  HOH WAT B . 
D 3 HOH 47  167 99  HOH WAT B . 
D 3 HOH 48  168 100 HOH WAT B . 
D 3 HOH 49  169 101 HOH WAT B . 
D 3 HOH 50  170 102 HOH WAT B . 
D 3 HOH 51  171 103 HOH WAT B . 
D 3 HOH 52  172 104 HOH WAT B . 
D 3 HOH 53  173 105 HOH WAT B . 
D 3 HOH 54  174 106 HOH WAT B . 
D 3 HOH 55  175 107 HOH WAT B . 
D 3 HOH 56  176 108 HOH WAT B . 
D 3 HOH 57  177 109 HOH WAT B . 
D 3 HOH 58  178 111 HOH WAT B . 
D 3 HOH 59  179 112 HOH WAT B . 
D 3 HOH 60  180 113 HOH WAT B . 
D 3 HOH 61  181 114 HOH WAT B . 
D 3 HOH 62  182 124 HOH WAT B . 
D 3 HOH 63  183 132 HOH WAT B . 
D 3 HOH 64  184 133 HOH WAT B . 
D 3 HOH 65  185 137 HOH WAT B . 
D 3 HOH 66  186 159 HOH WAT B . 
D 3 HOH 67  187 163 HOH WAT B . 
D 3 HOH 68  188 168 HOH WAT B . 
D 3 HOH 69  189 181 HOH WAT B . 
D 3 HOH 70  190 183 HOH WAT B . 
D 3 HOH 71  191 184 HOH WAT B . 
D 3 HOH 72  192 185 HOH WAT B . 
D 3 HOH 73  193 186 HOH WAT B . 
D 3 HOH 74  194 187 HOH WAT B . 
D 3 HOH 75  195 188 HOH WAT B . 
D 3 HOH 76  196 189 HOH WAT B . 
D 3 HOH 77  197 190 HOH WAT B . 
D 3 HOH 78  198 191 HOH WAT B . 
D 3 HOH 79  199 192 HOH WAT B . 
D 3 HOH 80  200 194 HOH WAT B . 
D 3 HOH 81  201 195 HOH WAT B . 
D 3 HOH 82  202 197 HOH WAT B . 
D 3 HOH 83  203 198 HOH WAT B . 
D 3 HOH 84  204 199 HOH WAT B . 
D 3 HOH 85  205 200 HOH WAT B . 
D 3 HOH 86  206 201 HOH WAT B . 
D 3 HOH 87  207 202 HOH WAT B . 
D 3 HOH 88  208 203 HOH WAT B . 
D 3 HOH 89  209 204 HOH WAT B . 
D 3 HOH 90  210 205 HOH WAT B . 
D 3 HOH 91  211 222 HOH WAT B . 
D 3 HOH 92  212 224 HOH WAT B . 
D 3 HOH 93  213 225 HOH WAT B . 
D 3 HOH 94  214 234 HOH WAT B . 
D 3 HOH 95  215 241 HOH WAT B . 
D 3 HOH 96  216 245 HOH WAT B . 
D 3 HOH 97  217 251 HOH WAT B . 
D 3 HOH 98  218 252 HOH WAT B . 
D 3 HOH 99  219 253 HOH WAT B . 
D 3 HOH 100 220 254 HOH WAT B . 
D 3 HOH 101 221 256 HOH WAT B . 
D 3 HOH 102 222 257 HOH WAT B . 
D 3 HOH 103 223 258 HOH WAT B . 
D 3 HOH 104 224 259 HOH WAT B . 
D 3 HOH 105 225 260 HOH WAT B . 
D 3 HOH 106 226 261 HOH WAT B . 
D 3 HOH 107 227 262 HOH WAT B . 
D 3 HOH 108 228 263 HOH WAT B . 
D 3 HOH 109 229 282 HOH WAT B . 
D 3 HOH 110 230 283 HOH WAT B . 
D 3 HOH 111 231 284 HOH WAT B . 
D 3 HOH 112 232 285 HOH WAT B . 
D 3 HOH 113 233 286 HOH WAT B . 
D 3 HOH 114 234 287 HOH WAT B . 
D 3 HOH 115 235 288 HOH WAT B . 
D 3 HOH 116 236 289 HOH WAT B . 
D 3 HOH 117 237 290 HOH WAT B . 
D 3 HOH 118 238 291 HOH WAT B . 
D 3 HOH 119 239 292 HOH WAT B . 
D 3 HOH 120 240 297 HOH WAT B . 
D 3 HOH 121 241 298 HOH WAT B . 
# 
loop_
_pdbx_unobs_or_zero_occ_atoms.id 
_pdbx_unobs_or_zero_occ_atoms.PDB_model_num 
_pdbx_unobs_or_zero_occ_atoms.polymer_flag 
_pdbx_unobs_or_zero_occ_atoms.occupancy_flag 
_pdbx_unobs_or_zero_occ_atoms.auth_asym_id 
_pdbx_unobs_or_zero_occ_atoms.auth_comp_id 
_pdbx_unobs_or_zero_occ_atoms.auth_seq_id 
_pdbx_unobs_or_zero_occ_atoms.PDB_ins_code 
_pdbx_unobs_or_zero_occ_atoms.auth_atom_id 
_pdbx_unobs_or_zero_occ_atoms.label_alt_id 
_pdbx_unobs_or_zero_occ_atoms.label_asym_id 
_pdbx_unobs_or_zero_occ_atoms.label_comp_id 
_pdbx_unobs_or_zero_occ_atoms.label_seq_id 
_pdbx_unobs_or_zero_occ_atoms.label_atom_id 
1  1 Y 0 A ARG 64  ? NE  ? A ARG 16 NE  
2  1 Y 0 A ARG 64  ? CZ  ? A ARG 16 CZ  
3  1 Y 0 A ARG 64  ? NH1 ? A ARG 16 NH1 
4  1 Y 0 A ARG 64  ? NH2 ? A ARG 16 NH2 
5  1 Y 0 A LYS 67  ? CD  ? A LYS 19 CD  
6  1 Y 0 A LYS 67  ? CE  ? A LYS 19 CE  
7  1 Y 0 A LYS 67  ? NZ  ? A LYS 19 NZ  
8  1 Y 0 A GLU 114 ? CD  ? A GLU 66 CD  
9  1 Y 0 A GLU 114 ? OE1 ? A GLU 66 OE1 
10 1 Y 0 A GLU 114 ? OE2 ? A GLU 66 OE2 
11 1 Y 0 A LEU 134 ? CG  ? A LEU 86 CG  
12 1 Y 0 A LEU 134 ? CD1 ? A LEU 86 CD1 
13 1 Y 0 A LEU 134 ? CD2 ? A LEU 86 CD2 
14 1 Y 0 A GLN 137 ? CD  ? A GLN 89 CD  
15 1 Y 0 A GLN 137 ? OE1 ? A GLN 89 OE1 
16 1 Y 0 A GLN 137 ? NE2 ? A GLN 89 NE2 
17 1 Y 0 A LYS 138 ? CD  ? A LYS 90 CD  
18 1 Y 0 A LYS 138 ? CE  ? A LYS 90 CE  
19 1 Y 0 A LYS 138 ? NZ  ? A LYS 90 NZ  
20 1 Y 0 B LYS 50  ? CE  ? B LYS 27 CE  
21 1 Y 0 B LYS 50  ? NZ  ? B LYS 27 NZ  
22 1 Y 0 B GLU 56  ? CB  ? B GLU 33 CB  
23 1 Y 0 B GLU 56  ? CG  ? B GLU 33 CG  
24 1 Y 0 B GLU 56  ? CD  ? B GLU 33 CD  
25 1 Y 0 B GLU 56  ? OE1 ? B GLU 33 OE1 
26 1 Y 0 B GLU 56  ? OE2 ? B GLU 33 OE2 
27 1 Y 0 B ASP 57  ? CG  ? B ASP 34 CG  
28 1 Y 0 B ASP 57  ? OD1 ? B ASP 34 OD1 
29 1 Y 0 B ASP 57  ? OD2 ? B ASP 34 OD2 
30 1 Y 0 B LYS 59  ? CD  ? B LYS 36 CD  
31 1 Y 0 B LYS 59  ? CE  ? B LYS 36 CE  
32 1 Y 0 B LYS 59  ? NZ  ? B LYS 36 NZ  
# 
loop_
_software.name 
_software.classification 
_software.version 
_software.citation_id 
_software.pdbx_ordinal 
ProDC     'data collection' .   ? 1 
SCALEPACK 'data scaling'    .   ? 2 
SHARP     phasing           .   ? 3 
CNS       refinement        1.1 ? 4 
# 
_cell.entry_id           1N1J 
_cell.length_a           51.624 
_cell.length_b           60.345 
_cell.length_c           61.645 
_cell.angle_alpha        90.00 
_cell.angle_beta         90.00 
_cell.angle_gamma        90.00 
_cell.Z_PDB              4 
_cell.pdbx_unique_axis   ? 
_cell.length_a_esd       ? 
_cell.length_b_esd       ? 
_cell.length_c_esd       ? 
_cell.angle_alpha_esd    ? 
_cell.angle_beta_esd     ? 
_cell.angle_gamma_esd    ? 
# 
_symmetry.entry_id                         1N1J 
_symmetry.space_group_name_H-M             'P 21 21 21' 
_symmetry.pdbx_full_space_group_name_H-M   ? 
_symmetry.cell_setting                     ? 
_symmetry.Int_Tables_number                19 
_symmetry.space_group_name_Hall            ? 
# 
_exptl.entry_id          1N1J 
_exptl.method            'X-RAY DIFFRACTION' 
_exptl.crystals_number   1 
# 
_exptl_crystal.id                    1 
_exptl_crystal.density_meas          ? 
_exptl_crystal.density_Matthews      2.17 
_exptl_crystal.density_percent_sol   43.34 
_exptl_crystal.description           ? 
_exptl_crystal.F_000                 ? 
_exptl_crystal.preparation           ? 
# 
_exptl_crystal_grow.crystal_id      1 
_exptl_crystal_grow.method          'VAPOR DIFFUSION, HANGING DROP' 
_exptl_crystal_grow.temp            298 
_exptl_crystal_grow.temp_details    ? 
_exptl_crystal_grow.pH              7.5 
_exptl_crystal_grow.pdbx_details    
'PEG 4000, magnesium acetate, sodium hepes, pH 7.5, VAPOR DIFFUSION, HANGING DROP, temperature 298K' 
_exptl_crystal_grow.pdbx_pH_range   . 
# 
_diffrn.id                     1 
_diffrn.ambient_temp           100 
_diffrn.ambient_temp_details   ? 
_diffrn.crystal_id             1 
# 
_diffrn_detector.diffrn_id              1 
_diffrn_detector.detector               CCD 
_diffrn_detector.type                   MARRESEARCH 
_diffrn_detector.pdbx_collection_date   2001-11-18 
_diffrn_detector.details                ? 
# 
_diffrn_radiation.diffrn_id                        1 
_diffrn_radiation.wavelength_id                    1 
_diffrn_radiation.pdbx_monochromatic_or_laue_m_l   M 
_diffrn_radiation.monochromator                    ? 
_diffrn_radiation.pdbx_diffrn_protocol             'SINGLE WAVELENGTH' 
_diffrn_radiation.pdbx_scattering_type             x-ray 
# 
_diffrn_radiation_wavelength.id           1 
_diffrn_radiation_wavelength.wavelength   0.920023 
_diffrn_radiation_wavelength.wt           1.0 
# 
_diffrn_source.diffrn_id                   1 
_diffrn_source.source                      SYNCHROTRON 
_diffrn_source.type                        'ESRF BEAMLINE BM30A' 
_diffrn_source.pdbx_synchrotron_site       ESRF 
_diffrn_source.pdbx_synchrotron_beamline   BM30A 
_diffrn_source.pdbx_wavelength             ? 
_diffrn_source.pdbx_wavelength_list        0.920023 
# 
_reflns.entry_id                     1N1J 
_reflns.observed_criterion_sigma_I   -3.0 
_reflns.observed_criterion_sigma_F   ? 
_reflns.d_resolution_low             50.0 
_reflns.d_resolution_high            1.67 
_reflns.number_obs                   22726 
_reflns.number_all                   23068 
_reflns.percent_possible_obs         98.5 
_reflns.pdbx_Rmerge_I_obs            ? 
_reflns.pdbx_Rsym_value              0.026 
_reflns.pdbx_netI_over_sigmaI        43.8 
_reflns.B_iso_Wilson_estimate        18.1 
_reflns.pdbx_redundancy              4.9 
_reflns.R_free_details               ? 
_reflns.limit_h_max                  ? 
_reflns.limit_h_min                  ? 
_reflns.limit_k_max                  ? 
_reflns.limit_k_min                  ? 
_reflns.limit_l_max                  ? 
_reflns.limit_l_min                  ? 
_reflns.observed_criterion_F_max     ? 
_reflns.observed_criterion_F_min     ? 
_reflns.pdbx_chi_squared             ? 
_reflns.pdbx_scaling_rejects         ? 
_reflns.pdbx_ordinal                 1 
_reflns.pdbx_diffrn_id               1 
# 
_reflns_shell.d_res_high             1.67 
_reflns_shell.d_res_low              1.71 
_reflns_shell.percent_possible_all   99.6 
_reflns_shell.Rmerge_I_obs           ? 
_reflns_shell.pdbx_Rsym_value        0.053 
_reflns_shell.meanI_over_sigI_obs    17.3 
_reflns_shell.pdbx_redundancy        2.5 
_reflns_shell.percent_possible_obs   ? 
_reflns_shell.number_unique_all      1486 
_reflns_shell.number_measured_all    ? 
_reflns_shell.number_measured_obs    ? 
_reflns_shell.number_unique_obs      ? 
_reflns_shell.pdbx_chi_squared       ? 
_reflns_shell.pdbx_ordinal           1 
_reflns_shell.pdbx_diffrn_id         1 
# 
_refine.entry_id                                 1N1J 
_refine.ls_number_reflns_obs                     22463 
_refine.ls_number_reflns_all                     22945 
_refine.pdbx_ls_sigma_I                          ? 
_refine.pdbx_ls_sigma_F                          0.0 
_refine.pdbx_data_cutoff_high_absF               1171267.13 
_refine.pdbx_data_cutoff_low_absF                0.000000 
_refine.ls_d_res_low                             24.00 
_refine.ls_d_res_high                            1.67 
_refine.ls_percent_reflns_obs                    97.9 
_refine.ls_R_factor_obs                          ? 
_refine.ls_R_factor_all                          ? 
_refine.ls_R_factor_R_work                       0.181 
_refine.ls_R_factor_R_free                       0.206 
_refine.ls_R_factor_R_free_error                 0.006 
_refine.ls_R_factor_R_free_error_details         ? 
_refine.ls_percent_reflns_R_free                 4.9 
_refine.ls_number_reflns_R_free                  1095 
_refine.ls_number_parameters                     ? 
_refine.ls_number_restraints                     ? 
_refine.occupancy_min                            ? 
_refine.occupancy_max                            ? 
_refine.correlation_coeff_Fo_to_Fc               ? 
_refine.correlation_coeff_Fo_to_Fc_free          ? 
_refine.B_iso_mean                               17.5 
_refine.aniso_B[1][1]                            -0.69 
_refine.aniso_B[2][2]                            1.67 
_refine.aniso_B[3][3]                            -0.98 
_refine.aniso_B[1][2]                            0.00 
_refine.aniso_B[1][3]                            0.00 
_refine.aniso_B[2][3]                            0.00 
_refine.solvent_model_details                    'FLAT MODEL' 
_refine.solvent_model_param_ksol                 0.393584 
_refine.solvent_model_param_bsol                 73.8335 
_refine.pdbx_solvent_vdw_probe_radii             ? 
_refine.pdbx_solvent_ion_probe_radii             ? 
_refine.pdbx_solvent_shrinkage_radii             ? 
_refine.pdbx_ls_cross_valid_method               THROUGHOUT 
_refine.details                                  ? 
_refine.pdbx_starting_model                      ? 
_refine.pdbx_method_to_determine_struct          MAD 
_refine.pdbx_isotropic_thermal_model             RESTRAINED 
_refine.pdbx_stereochemistry_target_values       ? 
_refine.pdbx_stereochem_target_val_spec_case     ? 
_refine.pdbx_R_Free_selection_details            RANDOM 
_refine.pdbx_overall_ESU_R_Free                  ? 
_refine.overall_SU_B                             ? 
_refine.ls_redundancy_reflns_obs                 ? 
_refine.B_iso_min                                ? 
_refine.B_iso_max                                ? 
_refine.overall_SU_R_Cruickshank_DPI             ? 
_refine.overall_SU_R_free                        ? 
_refine.overall_SU_ML                            ? 
_refine.pdbx_overall_ESU_R                       ? 
_refine.pdbx_data_cutoff_high_rms_absF           ? 
_refine.pdbx_refine_id                           'X-RAY DIFFRACTION' 
_refine.pdbx_overall_phase_error                 ? 
_refine.ls_wR_factor_R_free                      ? 
_refine.ls_wR_factor_R_work                      ? 
_refine.overall_FOM_free_R_set                   ? 
_refine.overall_FOM_work_R_set                   ? 
_refine.pdbx_diffrn_id                           1 
_refine.pdbx_TLS_residual_ADP_flag               ? 
_refine.pdbx_overall_SU_R_free_Cruickshank_DPI   ? 
_refine.pdbx_overall_SU_R_Blow_DPI               ? 
_refine.pdbx_overall_SU_R_free_Blow_DPI          ? 
# 
_refine_analyze.entry_id                        1N1J 
_refine_analyze.Luzzati_coordinate_error_obs    0.16 
_refine_analyze.Luzzati_sigma_a_obs             0.01 
_refine_analyze.Luzzati_d_res_low_obs           5.00 
_refine_analyze.Luzzati_coordinate_error_free   0.19 
_refine_analyze.Luzzati_sigma_a_free            0.05 
_refine_analyze.Luzzati_d_res_low_free          ? 
_refine_analyze.number_disordered_residues      ? 
_refine_analyze.occupancy_sum_hydrogen          ? 
_refine_analyze.occupancy_sum_non_hydrogen      ? 
_refine_analyze.pdbx_Luzzati_d_res_high_obs     ? 
_refine_analyze.pdbx_refine_id                  'X-RAY DIFFRACTION' 
# 
_refine_hist.pdbx_refine_id                   'X-RAY DIFFRACTION' 
_refine_hist.cycle_id                         LAST 
_refine_hist.pdbx_number_atoms_protein        1337 
_refine_hist.pdbx_number_atoms_nucleic_acid   0 
_refine_hist.pdbx_number_atoms_ligand         0 
_refine_hist.number_atoms_solvent             299 
_refine_hist.number_atoms_total               1636 
_refine_hist.d_res_high                       1.67 
_refine_hist.d_res_low                        24.00 
# 
loop_
_refine_ls_restr.type 
_refine_ls_restr.dev_ideal 
_refine_ls_restr.dev_ideal_target 
_refine_ls_restr.weight 
_refine_ls_restr.number 
_refine_ls_restr.pdbx_refine_id 
_refine_ls_restr.pdbx_restraint_function 
c_bond_d           0.006 ?    ? ? 'X-RAY DIFFRACTION' ? 
c_angle_deg        1.1   ?    ? ? 'X-RAY DIFFRACTION' ? 
c_dihedral_angle_d 19.5  ?    ? ? 'X-RAY DIFFRACTION' ? 
c_improper_angle_d 0.87  ?    ? ? 'X-RAY DIFFRACTION' ? 
c_mcbond_it        1.08  1.50 ? ? 'X-RAY DIFFRACTION' ? 
c_mcangle_it       1.51  2.00 ? ? 'X-RAY DIFFRACTION' ? 
c_scbond_it        2.20  2.00 ? ? 'X-RAY DIFFRACTION' ? 
c_scangle_it       3.18  2.50 ? ? 'X-RAY DIFFRACTION' ? 
# 
_refine_ls_shell.pdbx_total_number_of_bins_used   6 
_refine_ls_shell.d_res_high                       1.67 
_refine_ls_shell.d_res_low                        1.77 
_refine_ls_shell.number_reflns_R_work             3498 
_refine_ls_shell.R_factor_R_work                  0.2 
_refine_ls_shell.percent_reflns_obs               98.3 
_refine_ls_shell.R_factor_R_free                  0.23 
_refine_ls_shell.R_factor_R_free_error            0.017 
_refine_ls_shell.percent_reflns_R_free            4.8 
_refine_ls_shell.number_reflns_R_free             178 
_refine_ls_shell.number_reflns_obs                ? 
_refine_ls_shell.redundancy_reflns_obs            ? 
_refine_ls_shell.number_reflns_all                ? 
_refine_ls_shell.pdbx_refine_id                   'X-RAY DIFFRACTION' 
_refine_ls_shell.R_factor_all                     ? 
# 
loop_
_pdbx_xplor_file.serial_no 
_pdbx_xplor_file.param_file 
_pdbx_xplor_file.topol_file 
_pdbx_xplor_file.pdbx_refine_id 
1 PROTEIN_REP.PARAM PROTEIN.TOP 'X-RAY DIFFRACTION' 
2 WATER_REP.PARAM   WATER.TOP   'X-RAY DIFFRACTION' 
# 
_struct.entry_id                  1N1J 
_struct.title                     'Crystal structure of the NF-YB/NF-YC histone pair' 
_struct.pdbx_model_details        ? 
_struct.pdbx_CASP_flag            ? 
_struct.pdbx_model_type_details   ? 
# 
_struct_keywords.entry_id        1N1J 
_struct_keywords.pdbx_keywords   'DNA BINDING PROTEIN' 
_struct_keywords.text            'HISTONE-LIKE PAIR, DNA binding protein' 
# 
loop_
_struct_asym.id 
_struct_asym.pdbx_blank_PDB_chainid_flag 
_struct_asym.pdbx_modified 
_struct_asym.entity_id 
_struct_asym.details 
A N N 1 ? 
B N N 2 ? 
C N N 3 ? 
D N N 3 ? 
# 
loop_
_struct_ref.id 
_struct_ref.db_name 
_struct_ref.db_code 
_struct_ref.entity_id 
_struct_ref.pdbx_seq_one_letter_code 
_struct_ref.pdbx_align_begin 
_struct_ref.pdbx_db_accession 
_struct_ref.pdbx_db_isoform 
1 UNP NFYB_HUMAN 1 
;SFREQDIYLPIANVARIMKNAIPQTGKIAKDAKECVQECVSEFISFITSEASERCHQEKRKTINGEDILFAMSTLGFDSY
VEPLKLYLQKFRE
;
51 P25208 ? 
2 UNP NFYC_HUMAN 2 
;MEEIRNLTVKDFRVQELPLARIKKIMKLDEDVKMISAEAPVLFAKAAQIFITELTLRAWIHTEDNKRRTLQRNDIAMAIT
KFDQFDFLIDIVPR
;
27 Q13952 ? 
# 
loop_
_struct_ref_seq.align_id 
_struct_ref_seq.ref_id 
_struct_ref_seq.pdbx_PDB_id_code 
_struct_ref_seq.pdbx_strand_id 
_struct_ref_seq.seq_align_beg 
_struct_ref_seq.pdbx_seq_align_beg_ins_code 
_struct_ref_seq.seq_align_end 
_struct_ref_seq.pdbx_seq_align_end_ins_code 
_struct_ref_seq.pdbx_db_accession 
_struct_ref_seq.db_align_beg 
_struct_ref_seq.pdbx_db_align_beg_ins_code 
_struct_ref_seq.db_align_end 
_struct_ref_seq.pdbx_db_align_end_ins_code 
_struct_ref_seq.pdbx_auth_seq_align_beg 
_struct_ref_seq.pdbx_auth_seq_align_end 
1 1 1N1J A 1 ? 93 ? P25208 51 ? 143 ? 49 141 
2 2 1N1J B 4 ? 97 ? Q13952 27 ? 120 ? 27 120 
# 
loop_
_struct_ref_seq_dif.align_id 
_struct_ref_seq_dif.pdbx_pdb_id_code 
_struct_ref_seq_dif.mon_id 
_struct_ref_seq_dif.pdbx_pdb_strand_id 
_struct_ref_seq_dif.seq_num 
_struct_ref_seq_dif.pdbx_pdb_ins_code 
_struct_ref_seq_dif.pdbx_seq_db_name 
_struct_ref_seq_dif.pdbx_seq_db_accession_code 
_struct_ref_seq_dif.db_mon_id 
_struct_ref_seq_dif.pdbx_seq_db_seq_num 
_struct_ref_seq_dif.details 
_struct_ref_seq_dif.pdbx_auth_seq_num 
_struct_ref_seq_dif.pdbx_ordinal 
2 1N1J GLY B 1 ? UNP Q13952 ? ? 'cloning artifact' 24 1 
2 1N1J SER B 2 ? UNP Q13952 ? ? 'cloning artifact' 25 2 
2 1N1J HIS B 3 ? UNP Q13952 ? ? 'cloning artifact' 26 3 
# 
_pdbx_struct_assembly.id                   1 
_pdbx_struct_assembly.details              author_and_software_defined_assembly 
_pdbx_struct_assembly.method_details       PISA 
_pdbx_struct_assembly.oligomeric_details   dimeric 
_pdbx_struct_assembly.oligomeric_count     2 
# 
loop_
_pdbx_struct_assembly_prop.biol_id 
_pdbx_struct_assembly_prop.type 
_pdbx_struct_assembly_prop.value 
_pdbx_struct_assembly_prop.details 
1 'ABSA (A^2)' 4470 ? 
1 MORE         -46  ? 
1 'SSA (A^2)'  8870 ? 
# 
_pdbx_struct_assembly_gen.assembly_id       1 
_pdbx_struct_assembly_gen.oper_expression   1 
_pdbx_struct_assembly_gen.asym_id_list      A,B,C,D 
# 
_pdbx_struct_oper_list.id                   1 
_pdbx_struct_oper_list.type                 'identity operation' 
_pdbx_struct_oper_list.name                 1_555 
_pdbx_struct_oper_list.symmetry_operation   x,y,z 
_pdbx_struct_oper_list.matrix[1][1]         1.0000000000 
_pdbx_struct_oper_list.matrix[1][2]         0.0000000000 
_pdbx_struct_oper_list.matrix[1][3]         0.0000000000 
_pdbx_struct_oper_list.vector[1]            0.0000000000 
_pdbx_struct_oper_list.matrix[2][1]         0.0000000000 
_pdbx_struct_oper_list.matrix[2][2]         1.0000000000 
_pdbx_struct_oper_list.matrix[2][3]         0.0000000000 
_pdbx_struct_oper_list.vector[2]            0.0000000000 
_pdbx_struct_oper_list.matrix[3][1]         0.0000000000 
_pdbx_struct_oper_list.matrix[3][2]         0.0000000000 
_pdbx_struct_oper_list.matrix[3][3]         1.0000000000 
_pdbx_struct_oper_list.vector[3]            0.0000000000 
# 
_struct_biol.id                    1 
_struct_biol.pdbx_parent_biol_id   ? 
_struct_biol.details               ? 
# 
loop_
_struct_conf.conf_type_id 
_struct_conf.id 
_struct_conf.pdbx_PDB_helix_id 
_struct_conf.beg_label_comp_id 
_struct_conf.beg_label_asym_id 
_struct_conf.beg_label_seq_id 
_struct_conf.pdbx_beg_PDB_ins_code 
_struct_conf.end_label_comp_id 
_struct_conf.end_label_asym_id 
_struct_conf.end_label_seq_id 
_struct_conf.pdbx_end_PDB_ins_code 
_struct_conf.beg_auth_comp_id 
_struct_conf.beg_auth_asym_id 
_struct_conf.beg_auth_seq_id 
_struct_conf.end_auth_comp_id 
_struct_conf.end_auth_asym_id 
_struct_conf.end_auth_seq_id 
_struct_conf.pdbx_PDB_helix_class 
_struct_conf.details 
_struct_conf.pdbx_PDB_helix_length 
HELX_P HELX_P1 1 PRO A 10 ? ALA A 21 ? PRO A 58  ALA A 69  1 ? 12 
HELX_P HELX_P2 2 ALA A 29 ? GLU A 58 ? ALA A 77  GLU A 106 1 ? 30 
HELX_P HELX_P3 3 ASN A 64 ? LEU A 75 ? ASN A 112 LEU A 123 1 ? 12 
HELX_P HELX_P4 4 PHE A 77 ? SER A 79 ? PHE A 125 SER A 127 5 ? 3  
HELX_P HELX_P5 5 TYR A 80 ? GLU A 93 ? TYR A 128 GLU A 141 1 ? 14 
HELX_P HELX_P6 6 PRO B 21 ? LYS B 30 ? PRO B 44  LYS B 53  1 ? 10 
HELX_P HELX_P7 7 ALA B 40 ? ASN B 68 ? ALA B 63  ASN B 91  1 ? 29 
HELX_P HELX_P8 8 GLN B 74 ? THR B 83 ? GLN B 97  THR B 106 1 ? 10 
HELX_P HELX_P9 9 LYS B 84 ? ILE B 92 ? LYS B 107 ILE B 115 5 ? 9  
# 
_struct_conf_type.id          HELX_P 
_struct_conf_type.criteria    ? 
_struct_conf_type.reference   ? 
# 
_struct_sheet.id               A 
_struct_sheet.type             ? 
_struct_sheet.number_strands   2 
_struct_sheet.details          ? 
# 
_struct_sheet_order.sheet_id     A 
_struct_sheet_order.range_id_1   1 
_struct_sheet_order.range_id_2   2 
_struct_sheet_order.offset       ? 
_struct_sheet_order.sense        parallel 
# 
loop_
_struct_sheet_range.sheet_id 
_struct_sheet_range.id 
_struct_sheet_range.beg_label_comp_id 
_struct_sheet_range.beg_label_asym_id 
_struct_sheet_range.beg_label_seq_id 
_struct_sheet_range.pdbx_beg_PDB_ins_code 
_struct_sheet_range.end_label_comp_id 
_struct_sheet_range.end_label_asym_id 
_struct_sheet_range.end_label_seq_id 
_struct_sheet_range.pdbx_end_PDB_ins_code 
_struct_sheet_range.beg_auth_comp_id 
_struct_sheet_range.beg_auth_asym_id 
_struct_sheet_range.beg_auth_seq_id 
_struct_sheet_range.end_auth_comp_id 
_struct_sheet_range.end_auth_asym_id 
_struct_sheet_range.end_auth_seq_id 
A 1 LYS A 27 ? ILE A 28 ? LYS A 75 ILE A 76 
A 2 THR B 72 ? LEU B 73 ? THR B 95 LEU B 96 
# 
_pdbx_struct_sheet_hbond.sheet_id                A 
_pdbx_struct_sheet_hbond.range_id_1              1 
_pdbx_struct_sheet_hbond.range_id_2              2 
_pdbx_struct_sheet_hbond.range_1_label_atom_id   N 
_pdbx_struct_sheet_hbond.range_1_label_comp_id   LYS 
_pdbx_struct_sheet_hbond.range_1_label_asym_id   A 
_pdbx_struct_sheet_hbond.range_1_label_seq_id    27 
_pdbx_struct_sheet_hbond.range_1_PDB_ins_code    ? 
_pdbx_struct_sheet_hbond.range_1_auth_atom_id    N 
_pdbx_struct_sheet_hbond.range_1_auth_comp_id    LYS 
_pdbx_struct_sheet_hbond.range_1_auth_asym_id    A 
_pdbx_struct_sheet_hbond.range_1_auth_seq_id     75 
_pdbx_struct_sheet_hbond.range_2_label_atom_id   O 
_pdbx_struct_sheet_hbond.range_2_label_comp_id   LEU 
_pdbx_struct_sheet_hbond.range_2_label_asym_id   B 
_pdbx_struct_sheet_hbond.range_2_label_seq_id    73 
_pdbx_struct_sheet_hbond.range_2_PDB_ins_code    ? 
_pdbx_struct_sheet_hbond.range_2_auth_atom_id    O 
_pdbx_struct_sheet_hbond.range_2_auth_comp_id    LEU 
_pdbx_struct_sheet_hbond.range_2_auth_asym_id    B 
_pdbx_struct_sheet_hbond.range_2_auth_seq_id     96 
# 
loop_
_pdbx_unobs_or_zero_occ_residues.id 
_pdbx_unobs_or_zero_occ_residues.PDB_model_num 
_pdbx_unobs_or_zero_occ_residues.polymer_flag 
_pdbx_unobs_or_zero_occ_residues.occupancy_flag 
_pdbx_unobs_or_zero_occ_residues.auth_asym_id 
_pdbx_unobs_or_zero_occ_residues.auth_comp_id 
_pdbx_unobs_or_zero_occ_residues.auth_seq_id 
_pdbx_unobs_or_zero_occ_residues.PDB_ins_code 
_pdbx_unobs_or_zero_occ_residues.label_asym_id 
_pdbx_unobs_or_zero_occ_residues.label_comp_id 
_pdbx_unobs_or_zero_occ_residues.label_seq_id 
1  1 Y 1 A SER 49 ? A SER 1  
2  1 Y 1 A PHE 50 ? A PHE 2  
3  1 Y 1 A ARG 51 ? A ARG 3  
4  1 Y 1 A GLU 52 ? A GLU 4  
5  1 Y 1 A GLN 53 ? A GLN 5  
6  1 Y 1 A ASP 54 ? A ASP 6  
7  1 Y 1 B GLY 24 ? B GLY 1  
8  1 Y 1 B SER 25 ? B SER 2  
9  1 Y 1 B HIS 26 ? B HIS 3  
10 1 Y 1 B MET 27 ? B MET 4  
11 1 Y 1 B GLU 28 ? B GLU 5  
12 1 Y 1 B GLU 29 ? B GLU 6  
13 1 Y 1 B ILE 30 ? B ILE 7  
14 1 Y 1 B ARG 31 ? B ARG 8  
15 1 Y 1 B ASN 32 ? B ASN 9  
16 1 Y 1 B LEU 33 ? B LEU 10 
17 1 Y 1 B THR 34 ? B THR 11 
18 1 Y 1 B VAL 35 ? B VAL 12 
19 1 Y 1 B LYS 36 ? B LYS 13 
20 1 Y 1 B ASP 37 ? B ASP 14 
21 1 Y 1 B PHE 38 ? B PHE 15 
22 1 Y 1 B ARG 39 ? B ARG 16 
23 1 Y 1 B VAL 40 ? B VAL 17 
24 1 Y 1 B GLN 41 ? B GLN 18 
25 1 Y 1 B GLU 42 ? B GLU 19 
# 
loop_
_chem_comp_atom.comp_id 
_chem_comp_atom.atom_id 
_chem_comp_atom.type_symbol 
_chem_comp_atom.pdbx_aromatic_flag 
_chem_comp_atom.pdbx_stereo_config 
_chem_comp_atom.pdbx_ordinal 
ALA N    N N N 1   
ALA CA   C N S 2   
ALA C    C N N 3   
ALA O    O N N 4   
ALA CB   C N N 5   
ALA OXT  O N N 6   
ALA H    H N N 7   
ALA H2   H N N 8   
ALA HA   H N N 9   
ALA HB1  H N N 10  
ALA HB2  H N N 11  
ALA HB3  H N N 12  
ALA HXT  H N N 13  
ARG N    N N N 14  
ARG CA   C N S 15  
ARG C    C N N 16  
ARG O    O N N 17  
ARG CB   C N N 18  
ARG CG   C N N 19  
ARG CD   C N N 20  
ARG NE   N N N 21  
ARG CZ   C N N 22  
ARG NH1  N N N 23  
ARG NH2  N N N 24  
ARG OXT  O N N 25  
ARG H    H N N 26  
ARG H2   H N N 27  
ARG HA   H N N 28  
ARG HB2  H N N 29  
ARG HB3  H N N 30  
ARG HG2  H N N 31  
ARG HG3  H N N 32  
ARG HD2  H N N 33  
ARG HD3  H N N 34  
ARG HE   H N N 35  
ARG HH11 H N N 36  
ARG HH12 H N N 37  
ARG HH21 H N N 38  
ARG HH22 H N N 39  
ARG HXT  H N N 40  
ASN N    N N N 41  
ASN CA   C N S 42  
ASN C    C N N 43  
ASN O    O N N 44  
ASN CB   C N N 45  
ASN CG   C N N 46  
ASN OD1  O N N 47  
ASN ND2  N N N 48  
ASN OXT  O N N 49  
ASN H    H N N 50  
ASN H2   H N N 51  
ASN HA   H N N 52  
ASN HB2  H N N 53  
ASN HB3  H N N 54  
ASN HD21 H N N 55  
ASN HD22 H N N 56  
ASN HXT  H N N 57  
ASP N    N N N 58  
ASP CA   C N S 59  
ASP C    C N N 60  
ASP O    O N N 61  
ASP CB   C N N 62  
ASP CG   C N N 63  
ASP OD1  O N N 64  
ASP OD2  O N N 65  
ASP OXT  O N N 66  
ASP H    H N N 67  
ASP H2   H N N 68  
ASP HA   H N N 69  
ASP HB2  H N N 70  
ASP HB3  H N N 71  
ASP HD2  H N N 72  
ASP HXT  H N N 73  
CYS N    N N N 74  
CYS CA   C N R 75  
CYS C    C N N 76  
CYS O    O N N 77  
CYS CB   C N N 78  
CYS SG   S N N 79  
CYS OXT  O N N 80  
CYS H    H N N 81  
CYS H2   H N N 82  
CYS HA   H N N 83  
CYS HB2  H N N 84  
CYS HB3  H N N 85  
CYS HG   H N N 86  
CYS HXT  H N N 87  
GLN N    N N N 88  
GLN CA   C N S 89  
GLN C    C N N 90  
GLN O    O N N 91  
GLN CB   C N N 92  
GLN CG   C N N 93  
GLN CD   C N N 94  
GLN OE1  O N N 95  
GLN NE2  N N N 96  
GLN OXT  O N N 97  
GLN H    H N N 98  
GLN H2   H N N 99  
GLN HA   H N N 100 
GLN HB2  H N N 101 
GLN HB3  H N N 102 
GLN HG2  H N N 103 
GLN HG3  H N N 104 
GLN HE21 H N N 105 
GLN HE22 H N N 106 
GLN HXT  H N N 107 
GLU N    N N N 108 
GLU CA   C N S 109 
GLU C    C N N 110 
GLU O    O N N 111 
GLU CB   C N N 112 
GLU CG   C N N 113 
GLU CD   C N N 114 
GLU OE1  O N N 115 
GLU OE2  O N N 116 
GLU OXT  O N N 117 
GLU H    H N N 118 
GLU H2   H N N 119 
GLU HA   H N N 120 
GLU HB2  H N N 121 
GLU HB3  H N N 122 
GLU HG2  H N N 123 
GLU HG3  H N N 124 
GLU HE2  H N N 125 
GLU HXT  H N N 126 
GLY N    N N N 127 
GLY CA   C N N 128 
GLY C    C N N 129 
GLY O    O N N 130 
GLY OXT  O N N 131 
GLY H    H N N 132 
GLY H2   H N N 133 
GLY HA2  H N N 134 
GLY HA3  H N N 135 
GLY HXT  H N N 136 
HIS N    N N N 137 
HIS CA   C N S 138 
HIS C    C N N 139 
HIS O    O N N 140 
HIS CB   C N N 141 
HIS CG   C Y N 142 
HIS ND1  N Y N 143 
HIS CD2  C Y N 144 
HIS CE1  C Y N 145 
HIS NE2  N Y N 146 
HIS OXT  O N N 147 
HIS H    H N N 148 
HIS H2   H N N 149 
HIS HA   H N N 150 
HIS HB2  H N N 151 
HIS HB3  H N N 152 
HIS HD1  H N N 153 
HIS HD2  H N N 154 
HIS HE1  H N N 155 
HIS HE2  H N N 156 
HIS HXT  H N N 157 
HOH O    O N N 158 
HOH H1   H N N 159 
HOH H2   H N N 160 
ILE N    N N N 161 
ILE CA   C N S 162 
ILE C    C N N 163 
ILE O    O N N 164 
ILE CB   C N S 165 
ILE CG1  C N N 166 
ILE CG2  C N N 167 
ILE CD1  C N N 168 
ILE OXT  O N N 169 
ILE H    H N N 170 
ILE H2   H N N 171 
ILE HA   H N N 172 
ILE HB   H N N 173 
ILE HG12 H N N 174 
ILE HG13 H N N 175 
ILE HG21 H N N 176 
ILE HG22 H N N 177 
ILE HG23 H N N 178 
ILE HD11 H N N 179 
ILE HD12 H N N 180 
ILE HD13 H N N 181 
ILE HXT  H N N 182 
LEU N    N N N 183 
LEU CA   C N S 184 
LEU C    C N N 185 
LEU O    O N N 186 
LEU CB   C N N 187 
LEU CG   C N N 188 
LEU CD1  C N N 189 
LEU CD2  C N N 190 
LEU OXT  O N N 191 
LEU H    H N N 192 
LEU H2   H N N 193 
LEU HA   H N N 194 
LEU HB2  H N N 195 
LEU HB3  H N N 196 
LEU HG   H N N 197 
LEU HD11 H N N 198 
LEU HD12 H N N 199 
LEU HD13 H N N 200 
LEU HD21 H N N 201 
LEU HD22 H N N 202 
LEU HD23 H N N 203 
LEU HXT  H N N 204 
LYS N    N N N 205 
LYS CA   C N S 206 
LYS C    C N N 207 
LYS O    O N N 208 
LYS CB   C N N 209 
LYS CG   C N N 210 
LYS CD   C N N 211 
LYS CE   C N N 212 
LYS NZ   N N N 213 
LYS OXT  O N N 214 
LYS H    H N N 215 
LYS H2   H N N 216 
LYS HA   H N N 217 
LYS HB2  H N N 218 
LYS HB3  H N N 219 
LYS HG2  H N N 220 
LYS HG3  H N N 221 
LYS HD2  H N N 222 
LYS HD3  H N N 223 
LYS HE2  H N N 224 
LYS HE3  H N N 225 
LYS HZ1  H N N 226 
LYS HZ2  H N N 227 
LYS HZ3  H N N 228 
LYS HXT  H N N 229 
MET N    N N N 230 
MET CA   C N S 231 
MET C    C N N 232 
MET O    O N N 233 
MET CB   C N N 234 
MET CG   C N N 235 
MET SD   S N N 236 
MET CE   C N N 237 
MET OXT  O N N 238 
MET H    H N N 239 
MET H2   H N N 240 
MET HA   H N N 241 
MET HB2  H N N 242 
MET HB3  H N N 243 
MET HG2  H N N 244 
MET HG3  H N N 245 
MET HE1  H N N 246 
MET HE2  H N N 247 
MET HE3  H N N 248 
MET HXT  H N N 249 
PHE N    N N N 250 
PHE CA   C N S 251 
PHE C    C N N 252 
PHE O    O N N 253 
PHE CB   C N N 254 
PHE CG   C Y N 255 
PHE CD1  C Y N 256 
PHE CD2  C Y N 257 
PHE CE1  C Y N 258 
PHE CE2  C Y N 259 
PHE CZ   C Y N 260 
PHE OXT  O N N 261 
PHE H    H N N 262 
PHE H2   H N N 263 
PHE HA   H N N 264 
PHE HB2  H N N 265 
PHE HB3  H N N 266 
PHE HD1  H N N 267 
PHE HD2  H N N 268 
PHE HE1  H N N 269 
PHE HE2  H N N 270 
PHE HZ   H N N 271 
PHE HXT  H N N 272 
PRO N    N N N 273 
PRO CA   C N S 274 
PRO C    C N N 275 
PRO O    O N N 276 
PRO CB   C N N 277 
PRO CG   C N N 278 
PRO CD   C N N 279 
PRO OXT  O N N 280 
PRO H    H N N 281 
PRO HA   H N N 282 
PRO HB2  H N N 283 
PRO HB3  H N N 284 
PRO HG2  H N N 285 
PRO HG3  H N N 286 
PRO HD2  H N N 287 
PRO HD3  H N N 288 
PRO HXT  H N N 289 
SER N    N N N 290 
SER CA   C N S 291 
SER C    C N N 292 
SER O    O N N 293 
SER CB   C N N 294 
SER OG   O N N 295 
SER OXT  O N N 296 
SER H    H N N 297 
SER H2   H N N 298 
SER HA   H N N 299 
SER HB2  H N N 300 
SER HB3  H N N 301 
SER HG   H N N 302 
SER HXT  H N N 303 
THR N    N N N 304 
THR CA   C N S 305 
THR C    C N N 306 
THR O    O N N 307 
THR CB   C N R 308 
THR OG1  O N N 309 
THR CG2  C N N 310 
THR OXT  O N N 311 
THR H    H N N 312 
THR H2   H N N 313 
THR HA   H N N 314 
THR HB   H N N 315 
THR HG1  H N N 316 
THR HG21 H N N 317 
THR HG22 H N N 318 
THR HG23 H N N 319 
THR HXT  H N N 320 
TRP N    N N N 321 
TRP CA   C N S 322 
TRP C    C N N 323 
TRP O    O N N 324 
TRP CB   C N N 325 
TRP CG   C Y N 326 
TRP CD1  C Y N 327 
TRP CD2  C Y N 328 
TRP NE1  N Y N 329 
TRP CE2  C Y N 330 
TRP CE3  C Y N 331 
TRP CZ2  C Y N 332 
TRP CZ3  C Y N 333 
TRP CH2  C Y N 334 
TRP OXT  O N N 335 
TRP H    H N N 336 
TRP H2   H N N 337 
TRP HA   H N N 338 
TRP HB2  H N N 339 
TRP HB3  H N N 340 
TRP HD1  H N N 341 
TRP HE1  H N N 342 
TRP HE3  H N N 343 
TRP HZ2  H N N 344 
TRP HZ3  H N N 345 
TRP HH2  H N N 346 
TRP HXT  H N N 347 
TYR N    N N N 348 
TYR CA   C N S 349 
TYR C    C N N 350 
TYR O    O N N 351 
TYR CB   C N N 352 
TYR CG   C Y N 353 
TYR CD1  C Y N 354 
TYR CD2  C Y N 355 
TYR CE1  C Y N 356 
TYR CE2  C Y N 357 
TYR CZ   C Y N 358 
TYR OH   O N N 359 
TYR OXT  O N N 360 
TYR H    H N N 361 
TYR H2   H N N 362 
TYR HA   H N N 363 
TYR HB2  H N N 364 
TYR HB3  H N N 365 
TYR HD1  H N N 366 
TYR HD2  H N N 367 
TYR HE1  H N N 368 
TYR HE2  H N N 369 
TYR HH   H N N 370 
TYR HXT  H N N 371 
VAL N    N N N 372 
VAL CA   C N S 373 
VAL C    C N N 374 
VAL O    O N N 375 
VAL CB   C N N 376 
VAL CG1  C N N 377 
VAL CG2  C N N 378 
VAL OXT  O N N 379 
VAL H    H N N 380 
VAL H2   H N N 381 
VAL HA   H N N 382 
VAL HB   H N N 383 
VAL HG11 H N N 384 
VAL HG12 H N N 385 
VAL HG13 H N N 386 
VAL HG21 H N N 387 
VAL HG22 H N N 388 
VAL HG23 H N N 389 
VAL HXT  H N N 390 
# 
loop_
_chem_comp_bond.comp_id 
_chem_comp_bond.atom_id_1 
_chem_comp_bond.atom_id_2 
_chem_comp_bond.value_order 
_chem_comp_bond.pdbx_aromatic_flag 
_chem_comp_bond.pdbx_stereo_config 
_chem_comp_bond.pdbx_ordinal 
ALA N   CA   sing N N 1   
ALA N   H    sing N N 2   
ALA N   H2   sing N N 3   
ALA CA  C    sing N N 4   
ALA CA  CB   sing N N 5   
ALA CA  HA   sing N N 6   
ALA C   O    doub N N 7   
ALA C   OXT  sing N N 8   
ALA CB  HB1  sing N N 9   
ALA CB  HB2  sing N N 10  
ALA CB  HB3  sing N N 11  
ALA OXT HXT  sing N N 12  
ARG N   CA   sing N N 13  
ARG N   H    sing N N 14  
ARG N   H2   sing N N 15  
ARG CA  C    sing N N 16  
ARG CA  CB   sing N N 17  
ARG CA  HA   sing N N 18  
ARG C   O    doub N N 19  
ARG C   OXT  sing N N 20  
ARG CB  CG   sing N N 21  
ARG CB  HB2  sing N N 22  
ARG CB  HB3  sing N N 23  
ARG CG  CD   sing N N 24  
ARG CG  HG2  sing N N 25  
ARG CG  HG3  sing N N 26  
ARG CD  NE   sing N N 27  
ARG CD  HD2  sing N N 28  
ARG CD  HD3  sing N N 29  
ARG NE  CZ   sing N N 30  
ARG NE  HE   sing N N 31  
ARG CZ  NH1  sing N N 32  
ARG CZ  NH2  doub N N 33  
ARG NH1 HH11 sing N N 34  
ARG NH1 HH12 sing N N 35  
ARG NH2 HH21 sing N N 36  
ARG NH2 HH22 sing N N 37  
ARG OXT HXT  sing N N 38  
ASN N   CA   sing N N 39  
ASN N   H    sing N N 40  
ASN N   H2   sing N N 41  
ASN CA  C    sing N N 42  
ASN CA  CB   sing N N 43  
ASN CA  HA   sing N N 44  
ASN C   O    doub N N 45  
ASN C   OXT  sing N N 46  
ASN CB  CG   sing N N 47  
ASN CB  HB2  sing N N 48  
ASN CB  HB3  sing N N 49  
ASN CG  OD1  doub N N 50  
ASN CG  ND2  sing N N 51  
ASN ND2 HD21 sing N N 52  
ASN ND2 HD22 sing N N 53  
ASN OXT HXT  sing N N 54  
ASP N   CA   sing N N 55  
ASP N   H    sing N N 56  
ASP N   H2   sing N N 57  
ASP CA  C    sing N N 58  
ASP CA  CB   sing N N 59  
ASP CA  HA   sing N N 60  
ASP C   O    doub N N 61  
ASP C   OXT  sing N N 62  
ASP CB  CG   sing N N 63  
ASP CB  HB2  sing N N 64  
ASP CB  HB3  sing N N 65  
ASP CG  OD1  doub N N 66  
ASP CG  OD2  sing N N 67  
ASP OD2 HD2  sing N N 68  
ASP OXT HXT  sing N N 69  
CYS N   CA   sing N N 70  
CYS N   H    sing N N 71  
CYS N   H2   sing N N 72  
CYS CA  C    sing N N 73  
CYS CA  CB   sing N N 74  
CYS CA  HA   sing N N 75  
CYS C   O    doub N N 76  
CYS C   OXT  sing N N 77  
CYS CB  SG   sing N N 78  
CYS CB  HB2  sing N N 79  
CYS CB  HB3  sing N N 80  
CYS SG  HG   sing N N 81  
CYS OXT HXT  sing N N 82  
GLN N   CA   sing N N 83  
GLN N   H    sing N N 84  
GLN N   H2   sing N N 85  
GLN CA  C    sing N N 86  
GLN CA  CB   sing N N 87  
GLN CA  HA   sing N N 88  
GLN C   O    doub N N 89  
GLN C   OXT  sing N N 90  
GLN CB  CG   sing N N 91  
GLN CB  HB2  sing N N 92  
GLN CB  HB3  sing N N 93  
GLN CG  CD   sing N N 94  
GLN CG  HG2  sing N N 95  
GLN CG  HG3  sing N N 96  
GLN CD  OE1  doub N N 97  
GLN CD  NE2  sing N N 98  
GLN NE2 HE21 sing N N 99  
GLN NE2 HE22 sing N N 100 
GLN OXT HXT  sing N N 101 
GLU N   CA   sing N N 102 
GLU N   H    sing N N 103 
GLU N   H2   sing N N 104 
GLU CA  C    sing N N 105 
GLU CA  CB   sing N N 106 
GLU CA  HA   sing N N 107 
GLU C   O    doub N N 108 
GLU C   OXT  sing N N 109 
GLU CB  CG   sing N N 110 
GLU CB  HB2  sing N N 111 
GLU CB  HB3  sing N N 112 
GLU CG  CD   sing N N 113 
GLU CG  HG2  sing N N 114 
GLU CG  HG3  sing N N 115 
GLU CD  OE1  doub N N 116 
GLU CD  OE2  sing N N 117 
GLU OE2 HE2  sing N N 118 
GLU OXT HXT  sing N N 119 
GLY N   CA   sing N N 120 
GLY N   H    sing N N 121 
GLY N   H2   sing N N 122 
GLY CA  C    sing N N 123 
GLY CA  HA2  sing N N 124 
GLY CA  HA3  sing N N 125 
GLY C   O    doub N N 126 
GLY C   OXT  sing N N 127 
GLY OXT HXT  sing N N 128 
HIS N   CA   sing N N 129 
HIS N   H    sing N N 130 
HIS N   H2   sing N N 131 
HIS CA  C    sing N N 132 
HIS CA  CB   sing N N 133 
HIS CA  HA   sing N N 134 
HIS C   O    doub N N 135 
HIS C   OXT  sing N N 136 
HIS CB  CG   sing N N 137 
HIS CB  HB2  sing N N 138 
HIS CB  HB3  sing N N 139 
HIS CG  ND1  sing Y N 140 
HIS CG  CD2  doub Y N 141 
HIS ND1 CE1  doub Y N 142 
HIS ND1 HD1  sing N N 143 
HIS CD2 NE2  sing Y N 144 
HIS CD2 HD2  sing N N 145 
HIS CE1 NE2  sing Y N 146 
HIS CE1 HE1  sing N N 147 
HIS NE2 HE2  sing N N 148 
HIS OXT HXT  sing N N 149 
HOH O   H1   sing N N 150 
HOH O   H2   sing N N 151 
ILE N   CA   sing N N 152 
ILE N   H    sing N N 153 
ILE N   H2   sing N N 154 
ILE CA  C    sing N N 155 
ILE CA  CB   sing N N 156 
ILE CA  HA   sing N N 157 
ILE C   O    doub N N 158 
ILE C   OXT  sing N N 159 
ILE CB  CG1  sing N N 160 
ILE CB  CG2  sing N N 161 
ILE CB  HB   sing N N 162 
ILE CG1 CD1  sing N N 163 
ILE CG1 HG12 sing N N 164 
ILE CG1 HG13 sing N N 165 
ILE CG2 HG21 sing N N 166 
ILE CG2 HG22 sing N N 167 
ILE CG2 HG23 sing N N 168 
ILE CD1 HD11 sing N N 169 
ILE CD1 HD12 sing N N 170 
ILE CD1 HD13 sing N N 171 
ILE OXT HXT  sing N N 172 
LEU N   CA   sing N N 173 
LEU N   H    sing N N 174 
LEU N   H2   sing N N 175 
LEU CA  C    sing N N 176 
LEU CA  CB   sing N N 177 
LEU CA  HA   sing N N 178 
LEU C   O    doub N N 179 
LEU C   OXT  sing N N 180 
LEU CB  CG   sing N N 181 
LEU CB  HB2  sing N N 182 
LEU CB  HB3  sing N N 183 
LEU CG  CD1  sing N N 184 
LEU CG  CD2  sing N N 185 
LEU CG  HG   sing N N 186 
LEU CD1 HD11 sing N N 187 
LEU CD1 HD12 sing N N 188 
LEU CD1 HD13 sing N N 189 
LEU CD2 HD21 sing N N 190 
LEU CD2 HD22 sing N N 191 
LEU CD2 HD23 sing N N 192 
LEU OXT HXT  sing N N 193 
LYS N   CA   sing N N 194 
LYS N   H    sing N N 195 
LYS N   H2   sing N N 196 
LYS CA  C    sing N N 197 
LYS CA  CB   sing N N 198 
LYS CA  HA   sing N N 199 
LYS C   O    doub N N 200 
LYS C   OXT  sing N N 201 
LYS CB  CG   sing N N 202 
LYS CB  HB2  sing N N 203 
LYS CB  HB3  sing N N 204 
LYS CG  CD   sing N N 205 
LYS CG  HG2  sing N N 206 
LYS CG  HG3  sing N N 207 
LYS CD  CE   sing N N 208 
LYS CD  HD2  sing N N 209 
LYS CD  HD3  sing N N 210 
LYS CE  NZ   sing N N 211 
LYS CE  HE2  sing N N 212 
LYS CE  HE3  sing N N 213 
LYS NZ  HZ1  sing N N 214 
LYS NZ  HZ2  sing N N 215 
LYS NZ  HZ3  sing N N 216 
LYS OXT HXT  sing N N 217 
MET N   CA   sing N N 218 
MET N   H    sing N N 219 
MET N   H2   sing N N 220 
MET CA  C    sing N N 221 
MET CA  CB   sing N N 222 
MET CA  HA   sing N N 223 
MET C   O    doub N N 224 
MET C   OXT  sing N N 225 
MET CB  CG   sing N N 226 
MET CB  HB2  sing N N 227 
MET CB  HB3  sing N N 228 
MET CG  SD   sing N N 229 
MET CG  HG2  sing N N 230 
MET CG  HG3  sing N N 231 
MET SD  CE   sing N N 232 
MET CE  HE1  sing N N 233 
MET CE  HE2  sing N N 234 
MET CE  HE3  sing N N 235 
MET OXT HXT  sing N N 236 
PHE N   CA   sing N N 237 
PHE N   H    sing N N 238 
PHE N   H2   sing N N 239 
PHE CA  C    sing N N 240 
PHE CA  CB   sing N N 241 
PHE CA  HA   sing N N 242 
PHE C   O    doub N N 243 
PHE C   OXT  sing N N 244 
PHE CB  CG   sing N N 245 
PHE CB  HB2  sing N N 246 
PHE CB  HB3  sing N N 247 
PHE CG  CD1  doub Y N 248 
PHE CG  CD2  sing Y N 249 
PHE CD1 CE1  sing Y N 250 
PHE CD1 HD1  sing N N 251 
PHE CD2 CE2  doub Y N 252 
PHE CD2 HD2  sing N N 253 
PHE CE1 CZ   doub Y N 254 
PHE CE1 HE1  sing N N 255 
PHE CE2 CZ   sing Y N 256 
PHE CE2 HE2  sing N N 257 
PHE CZ  HZ   sing N N 258 
PHE OXT HXT  sing N N 259 
PRO N   CA   sing N N 260 
PRO N   CD   sing N N 261 
PRO N   H    sing N N 262 
PRO CA  C    sing N N 263 
PRO CA  CB   sing N N 264 
PRO CA  HA   sing N N 265 
PRO C   O    doub N N 266 
PRO C   OXT  sing N N 267 
PRO CB  CG   sing N N 268 
PRO CB  HB2  sing N N 269 
PRO CB  HB3  sing N N 270 
PRO CG  CD   sing N N 271 
PRO CG  HG2  sing N N 272 
PRO CG  HG3  sing N N 273 
PRO CD  HD2  sing N N 274 
PRO CD  HD3  sing N N 275 
PRO OXT HXT  sing N N 276 
SER N   CA   sing N N 277 
SER N   H    sing N N 278 
SER N   H2   sing N N 279 
SER CA  C    sing N N 280 
SER CA  CB   sing N N 281 
SER CA  HA   sing N N 282 
SER C   O    doub N N 283 
SER C   OXT  sing N N 284 
SER CB  OG   sing N N 285 
SER CB  HB2  sing N N 286 
SER CB  HB3  sing N N 287 
SER OG  HG   sing N N 288 
SER OXT HXT  sing N N 289 
THR N   CA   sing N N 290 
THR N   H    sing N N 291 
THR N   H2   sing N N 292 
THR CA  C    sing N N 293 
THR CA  CB   sing N N 294 
THR CA  HA   sing N N 295 
THR C   O    doub N N 296 
THR C   OXT  sing N N 297 
THR CB  OG1  sing N N 298 
THR CB  CG2  sing N N 299 
THR CB  HB   sing N N 300 
THR OG1 HG1  sing N N 301 
THR CG2 HG21 sing N N 302 
THR CG2 HG22 sing N N 303 
THR CG2 HG23 sing N N 304 
THR OXT HXT  sing N N 305 
TRP N   CA   sing N N 306 
TRP N   H    sing N N 307 
TRP N   H2   sing N N 308 
TRP CA  C    sing N N 309 
TRP CA  CB   sing N N 310 
TRP CA  HA   sing N N 311 
TRP C   O    doub N N 312 
TRP C   OXT  sing N N 313 
TRP CB  CG   sing N N 314 
TRP CB  HB2  sing N N 315 
TRP CB  HB3  sing N N 316 
TRP CG  CD1  doub Y N 317 
TRP CG  CD2  sing Y N 318 
TRP CD1 NE1  sing Y N 319 
TRP CD1 HD1  sing N N 320 
TRP CD2 CE2  doub Y N 321 
TRP CD2 CE3  sing Y N 322 
TRP NE1 CE2  sing Y N 323 
TRP NE1 HE1  sing N N 324 
TRP CE2 CZ2  sing Y N 325 
TRP CE3 CZ3  doub Y N 326 
TRP CE3 HE3  sing N N 327 
TRP CZ2 CH2  doub Y N 328 
TRP CZ2 HZ2  sing N N 329 
TRP CZ3 CH2  sing Y N 330 
TRP CZ3 HZ3  sing N N 331 
TRP CH2 HH2  sing N N 332 
TRP OXT HXT  sing N N 333 
TYR N   CA   sing N N 334 
TYR N   H    sing N N 335 
TYR N   H2   sing N N 336 
TYR CA  C    sing N N 337 
TYR CA  CB   sing N N 338 
TYR CA  HA   sing N N 339 
TYR C   O    doub N N 340 
TYR C   OXT  sing N N 341 
TYR CB  CG   sing N N 342 
TYR CB  HB2  sing N N 343 
TYR CB  HB3  sing N N 344 
TYR CG  CD1  doub Y N 345 
TYR CG  CD2  sing Y N 346 
TYR CD1 CE1  sing Y N 347 
TYR CD1 HD1  sing N N 348 
TYR CD2 CE2  doub Y N 349 
TYR CD2 HD2  sing N N 350 
TYR CE1 CZ   doub Y N 351 
TYR CE1 HE1  sing N N 352 
TYR CE2 CZ   sing Y N 353 
TYR CE2 HE2  sing N N 354 
TYR CZ  OH   sing N N 355 
TYR OH  HH   sing N N 356 
TYR OXT HXT  sing N N 357 
VAL N   CA   sing N N 358 
VAL N   H    sing N N 359 
VAL N   H2   sing N N 360 
VAL CA  C    sing N N 361 
VAL CA  CB   sing N N 362 
VAL CA  HA   sing N N 363 
VAL C   O    doub N N 364 
VAL C   OXT  sing N N 365 
VAL CB  CG1  sing N N 366 
VAL CB  CG2  sing N N 367 
VAL CB  HB   sing N N 368 
VAL CG1 HG11 sing N N 369 
VAL CG1 HG12 sing N N 370 
VAL CG1 HG13 sing N N 371 
VAL CG2 HG21 sing N N 372 
VAL CG2 HG22 sing N N 373 
VAL CG2 HG23 sing N N 374 
VAL OXT HXT  sing N N 375 
# 
_atom_sites.entry_id                    1N1J 
_atom_sites.fract_transf_matrix[1][1]   0.01187556 
_atom_sites.fract_transf_matrix[1][2]   -0.00168817 
_atom_sites.fract_transf_matrix[1][3]   -0.01521042 
_atom_sites.fract_transf_matrix[2][1]   0.00821580 
_atom_sites.fract_transf_matrix[2][2]   -0.01211968 
_atom_sites.fract_transf_matrix[2][3]   0.00775964 
_atom_sites.fract_transf_matrix[3][1]   -0.00997814 
_atom_sites.fract_transf_matrix[3][2]   -0.01097223 
_atom_sites.fract_transf_matrix[3][3]   -0.00657267 
_atom_sites.fract_transf_vector[1]      -0.064395 
_atom_sites.fract_transf_vector[2]      0.824627 
_atom_sites.fract_transf_vector[3]      0.062306 
# 
loop_
_atom_type.symbol 
C 
N 
O 
S 
# 
loop_
_atom_site.group_PDB 
_atom_site.id 
_atom_site.type_symbol 
_atom_site.label_atom_id 
_atom_site.label_alt_id 
_atom_site.label_comp_id 
_atom_site.label_asym_id 
_atom_site.label_entity_id 
_atom_site.label_seq_id 
_atom_site.pdbx_PDB_ins_code 
_atom_site.Cartn_x 
_atom_site.Cartn_y 
_atom_site.Cartn_z 
_atom_site.occupancy 
_atom_site.B_iso_or_equiv 
_atom_site.pdbx_formal_charge 
_atom_site.auth_seq_id 
_atom_site.auth_comp_id 
_atom_site.auth_asym_id 
_atom_site.auth_atom_id 
_atom_site.pdbx_PDB_model_num 
ATOM   1    N N   . ILE A 1 7  ? 9.590   -7.799  -6.427  1.00 21.60 ? 55  ILE A N   1 
ATOM   2    C CA  . ILE A 1 7  ? 9.558   -6.430  -7.021  1.00 18.80 ? 55  ILE A CA  1 
ATOM   3    C C   . ILE A 1 7  ? 8.966   -5.457  -6.006  1.00 17.94 ? 55  ILE A C   1 
ATOM   4    O O   . ILE A 1 7  ? 7.875   -5.689  -5.481  1.00 17.11 ? 55  ILE A O   1 
ATOM   5    C CB  . ILE A 1 7  ? 8.699   -6.406  -8.303  1.00 21.01 ? 55  ILE A CB  1 
ATOM   6    C CG1 . ILE A 1 7  ? 9.195   -7.473  -9.287  1.00 22.03 ? 55  ILE A CG1 1 
ATOM   7    C CG2 . ILE A 1 7  ? 8.754   -5.030  -8.943  1.00 20.22 ? 55  ILE A CG2 1 
ATOM   8    C CD1 . ILE A 1 7  ? 10.667  -7.358  -9.642  1.00 24.31 ? 55  ILE A CD1 1 
ATOM   9    N N   . TYR A 1 8  ? 9.688   -4.371  -5.743  1.00 15.81 ? 56  TYR A N   1 
ATOM   10   C CA  . TYR A 1 8  ? 9.249   -3.367  -4.773  1.00 15.24 ? 56  TYR A CA  1 
ATOM   11   C C   . TYR A 1 8  ? 9.370   -1.939  -5.289  1.00 13.68 ? 56  TYR A C   1 
ATOM   12   O O   . TYR A 1 8  ? 10.055  -1.675  -6.278  1.00 14.30 ? 56  TYR A O   1 
ATOM   13   C CB  . TYR A 1 8  ? 10.098  -3.453  -3.498  1.00 15.99 ? 56  TYR A CB  1 
ATOM   14   C CG  . TYR A 1 8  ? 10.219  -4.832  -2.895  1.00 16.87 ? 56  TYR A CG  1 
ATOM   15   C CD1 . TYR A 1 8  ? 11.461  -5.461  -2.802  1.00 20.23 ? 56  TYR A CD1 1 
ATOM   16   C CD2 . TYR A 1 8  ? 9.105   -5.494  -2.393  1.00 16.27 ? 56  TYR A CD2 1 
ATOM   17   C CE1 . TYR A 1 8  ? 11.587  -6.718  -2.219  1.00 21.70 ? 56  TYR A CE1 1 
ATOM   18   C CE2 . TYR A 1 8  ? 9.216   -6.749  -1.810  1.00 18.80 ? 56  TYR A CE2 1 
ATOM   19   C CZ  . TYR A 1 8  ? 10.460  -7.355  -1.727  1.00 22.46 ? 56  TYR A CZ  1 
ATOM   20   O OH  . TYR A 1 8  ? 10.578  -8.598  -1.152  1.00 24.86 ? 56  TYR A OH  1 
ATOM   21   N N   . LEU A 1 9  ? 8.700   -1.012  -4.610  1.00 13.57 ? 57  LEU A N   1 
ATOM   22   C CA  . LEU A 1 9  ? 8.806   0.403   -4.959  1.00 12.89 ? 57  LEU A CA  1 
ATOM   23   C C   . LEU A 1 9  ? 10.191  0.791   -4.444  1.00 11.81 ? 57  LEU A C   1 
ATOM   24   O O   . LEU A 1 9  ? 10.687  0.182   -3.500  1.00 13.36 ? 57  LEU A O   1 
ATOM   25   C CB  . LEU A 1 9  ? 7.754   1.228   -4.225  1.00 13.96 ? 57  LEU A CB  1 
ATOM   26   C CG  . LEU A 1 9  ? 6.298   0.903   -4.541  1.00 14.61 ? 57  LEU A CG  1 
ATOM   27   C CD1 . LEU A 1 9  ? 5.384   1.785   -3.687  1.00 15.27 ? 57  LEU A CD1 1 
ATOM   28   C CD2 . LEU A 1 9  ? 6.042   1.123   -6.028  1.00 15.28 ? 57  LEU A CD2 1 
ATOM   29   N N   . PRO A 1 10 ? 10.833  1.801   -5.054  1.00 12.97 ? 58  PRO A N   1 
ATOM   30   C CA  . PRO A 1 10 ? 12.170  2.234   -4.624  1.00 12.73 ? 58  PRO A CA  1 
ATOM   31   C C   . PRO A 1 10 ? 12.214  2.516   -3.133  1.00 13.08 ? 58  PRO A C   1 
ATOM   32   O O   . PRO A 1 10 ? 11.388  3.265   -2.615  1.00 13.04 ? 58  PRO A O   1 
ATOM   33   C CB  . PRO A 1 10 ? 12.411  3.487   -5.454  1.00 13.25 ? 58  PRO A CB  1 
ATOM   34   C CG  . PRO A 1 10 ? 11.660  3.191   -6.705  1.00 13.01 ? 58  PRO A CG  1 
ATOM   35   C CD  . PRO A 1 10 ? 10.366  2.618   -6.187  1.00 13.97 ? 58  PRO A CD  1 
ATOM   36   N N   . ILE A 1 11 ? 13.190  1.929   -2.452  1.00 12.84 ? 59  ILE A N   1 
ATOM   37   C CA  . ILE A 1 11 ? 13.293  2.112   -1.011  1.00 13.52 ? 59  ILE A CA  1 
ATOM   38   C C   . ILE A 1 11 ? 13.380  3.581   -0.593  1.00 13.73 ? 59  ILE A C   1 
ATOM   39   O O   . ILE A 1 11 ? 12.823  3.967   0.442   1.00 12.44 ? 59  ILE A O   1 
ATOM   40   C CB  . ILE A 1 11 ? 14.492  1.305   -0.439  1.00 14.12 ? 59  ILE A CB  1 
ATOM   41   C CG1 . ILE A 1 11 ? 14.372  1.215   1.086   1.00 15.87 ? 59  ILE A CG1 1 
ATOM   42   C CG2 . ILE A 1 11 ? 15.814  1.948   -0.854  1.00 15.79 ? 59  ILE A CG2 1 
ATOM   43   C CD1 . ILE A 1 11 ? 15.359  0.256   1.707   1.00 16.21 ? 59  ILE A CD1 1 
ATOM   44   N N   . ALA A 1 12 ? 14.054  4.409   -1.390  1.00 13.02 ? 60  ALA A N   1 
ATOM   45   C CA  . ALA A 1 12 ? 14.178  5.826   -1.062  1.00 13.87 ? 60  ALA A CA  1 
ATOM   46   C C   . ALA A 1 12 ? 12.818  6.518   -1.010  1.00 13.73 ? 60  ALA A C   1 
ATOM   47   O O   . ALA A 1 12 ? 12.575  7.351   -0.136  1.00 13.87 ? 60  ALA A O   1 
ATOM   48   C CB  . ALA A 1 12 ? 15.084  6.525   -2.074  1.00 16.03 ? 60  ALA A CB  1 
ATOM   49   N N   . ASN A 1 13 ? 11.939  6.176   -1.949  1.00 13.71 ? 61  ASN A N   1 
ATOM   50   C CA  . ASN A 1 13 ? 10.604  6.761   -1.996  1.00 13.77 ? 61  ASN A CA  1 
ATOM   51   C C   . ASN A 1 13 ? 9.804   6.314   -0.781  1.00 12.66 ? 61  ASN A C   1 
ATOM   52   O O   . ASN A 1 13 ? 9.118   7.118   -0.146  1.00 13.75 ? 61  ASN A O   1 
ATOM   53   C CB  . ASN A 1 13 ? 9.861   6.323   -3.261  1.00 17.78 ? 61  ASN A CB  1 
ATOM   54   C CG  . ASN A 1 13 ? 10.470  6.890   -4.521  1.00 23.28 ? 61  ASN A CG  1 
ATOM   55   O OD1 . ASN A 1 13 ? 11.602  6.564   -4.876  1.00 27.44 ? 61  ASN A OD1 1 
ATOM   56   N ND2 . ASN A 1 13 ? 9.722   7.748   -5.206  1.00 26.10 ? 61  ASN A ND2 1 
ATOM   57   N N   . VAL A 1 14 ? 9.890   5.027   -0.473  1.00 11.06 ? 62  VAL A N   1 
ATOM   58   C CA  . VAL A 1 14 ? 9.175   4.478   0.674   1.00 10.94 ? 62  VAL A CA  1 
ATOM   59   C C   . VAL A 1 14 ? 9.683   5.135   1.953   1.00 11.17 ? 62  VAL A C   1 
ATOM   60   O O   . VAL A 1 14 ? 8.895   5.597   2.783   1.00 11.86 ? 62  VAL A O   1 
ATOM   61   C CB  . VAL A 1 14 ? 9.359   2.944   0.768   1.00 10.65 ? 62  VAL A CB  1 
ATOM   62   C CG1 . VAL A 1 14 ? 8.718   2.412   2.047   1.00 12.63 ? 62  VAL A CG1 1 
ATOM   63   C CG2 . VAL A 1 14 ? 8.723   2.277   -0.452  1.00 11.68 ? 62  VAL A CG2 1 
ATOM   64   N N   . ALA A 1 15 ? 11.003  5.196   2.103   1.00 11.74 ? 63  ALA A N   1 
ATOM   65   C CA  . ALA A 1 15 ? 11.598  5.795   3.296   1.00 12.12 ? 63  ALA A CA  1 
ATOM   66   C C   . ALA A 1 15 ? 11.216  7.262   3.480   1.00 12.91 ? 63  ALA A C   1 
ATOM   67   O O   . ALA A 1 15 ? 11.001  7.716   4.608   1.00 12.44 ? 63  ALA A O   1 
ATOM   68   C CB  . ALA A 1 15 ? 13.121  5.653   3.245   1.00 13.74 ? 63  ALA A CB  1 
ATOM   69   N N   . ARG A 1 16 ? 11.122  8.010   2.383   1.00 12.33 ? 64  ARG A N   1 
ATOM   70   C CA  . ARG A 1 16 ? 10.767  9.425   2.472   1.00 12.67 ? 64  ARG A CA  1 
ATOM   71   C C   . ARG A 1 16 ? 9.372   9.590   3.059   1.00 11.63 ? 64  ARG A C   1 
ATOM   72   O O   . ARG A 1 16 ? 9.150   10.427  3.938   1.00 12.94 ? 64  ARG A O   1 
ATOM   73   C CB  . ARG A 1 16 ? 10.831  10.080  1.090   1.00 14.70 ? 64  ARG A CB  1 
ATOM   74   C CG  . ARG A 1 16 ? 10.546  11.572  1.095   1.00 18.80 ? 64  ARG A CG  1 
ATOM   75   C CD  . ARG A 1 16 ? 10.803  12.163  -0.287  1.00 22.19 ? 64  ARG A CD  1 
ATOM   76   N NE  . ARG A 1 16 ? 10.582  13.605  -0.341  0.00 21.72 ? 64  ARG A NE  1 
ATOM   77   C CZ  . ARG A 1 16 ? 10.715  14.336  -1.443  0.00 22.15 ? 64  ARG A CZ  1 
ATOM   78   N NH1 . ARG A 1 16 ? 11.068  13.761  -2.585  0.00 22.21 ? 64  ARG A NH1 1 
ATOM   79   N NH2 . ARG A 1 16 ? 10.497  15.643  -1.405  0.00 22.21 ? 64  ARG A NH2 1 
ATOM   80   N N   . ILE A 1 17 ? 8.431   8.786   2.581   1.00 10.44 ? 65  ILE A N   1 
ATOM   81   C CA  . ILE A 1 17 ? 7.069   8.860   3.090   1.00 9.94  ? 65  ILE A CA  1 
ATOM   82   C C   . ILE A 1 17 ? 7.042   8.425   4.550   1.00 10.40 ? 65  ILE A C   1 
ATOM   83   O O   . ILE A 1 17 ? 6.353   9.036   5.368   1.00 10.02 ? 65  ILE A O   1 
ATOM   84   C CB  . ILE A 1 17 ? 6.131   7.988   2.253   1.00 10.21 ? 65  ILE A CB  1 
ATOM   85   C CG1 . ILE A 1 17 ? 6.124   8.513   0.815   1.00 11.32 ? 65  ILE A CG1 1 
ATOM   86   C CG2 . ILE A 1 17 ? 4.708   8.014   2.849   1.00 11.17 ? 65  ILE A CG2 1 
ATOM   87   C CD1 . ILE A 1 17 ? 5.507   7.565   -0.184  1.00 12.28 ? 65  ILE A CD1 1 
ATOM   88   N N   . MET A 1 18 ? 7.799   7.382   4.881   1.00 9.34  ? 66  MET A N   1 
ATOM   89   C CA  . MET A 1 18 ? 7.855   6.914   6.264   1.00 9.37  ? 66  MET A CA  1 
ATOM   90   C C   . MET A 1 18 ? 8.389   8.011   7.176   1.00 10.65 ? 66  MET A C   1 
ATOM   91   O O   . MET A 1 18 ? 7.841   8.259   8.248   1.00 10.62 ? 66  MET A O   1 
ATOM   92   C CB  . MET A 1 18 ? 8.763   5.693   6.391   1.00 9.75  ? 66  MET A CB  1 
ATOM   93   C CG  . MET A 1 18 ? 8.211   4.431   5.772   1.00 10.53 ? 66  MET A CG  1 
ATOM   94   S SD  . MET A 1 18 ? 9.325   3.040   6.015   1.00 11.27 ? 66  MET A SD  1 
ATOM   95   C CE  . MET A 1 18 ? 8.995   2.654   7.757   1.00 12.34 ? 66  MET A CE  1 
ATOM   96   N N   . LYS A 1 19 ? 9.463   8.665   6.749   1.00 9.95  ? 67  LYS A N   1 
ATOM   97   C CA  . LYS A 1 19 ? 10.068  9.713   7.561   1.00 12.29 ? 67  LYS A CA  1 
ATOM   98   C C   . LYS A 1 19 ? 9.107   10.863  7.837   1.00 12.63 ? 67  LYS A C   1 
ATOM   99   O O   . LYS A 1 19 ? 9.141   11.465  8.913   1.00 13.12 ? 67  LYS A O   1 
ATOM   100  C CB  . LYS A 1 19 ? 11.336  10.237  6.880   1.00 13.87 ? 67  LYS A CB  1 
ATOM   101  C CG  . LYS A 1 19 ? 12.088  11.268  7.699   1.00 18.34 ? 67  LYS A CG  1 
ATOM   102  C CD  . LYS A 1 19 ? 13.292  11.803  6.943   0.00 17.09 ? 67  LYS A CD  1 
ATOM   103  C CE  . LYS A 1 19 ? 13.985  12.913  7.717   0.00 17.57 ? 67  LYS A CE  1 
ATOM   104  N NZ  . LYS A 1 19 ? 15.139  13.476  6.964   0.00 17.46 ? 67  LYS A NZ  1 
ATOM   105  N N   . ASN A 1 20 ? 8.244   11.175  6.875   1.00 12.69 ? 68  ASN A N   1 
ATOM   106  C CA  . ASN A 1 20 ? 7.296   12.263  7.058   1.00 13.30 ? 68  ASN A CA  1 
ATOM   107  C C   . ASN A 1 20 ? 6.208   11.939  8.074   1.00 13.09 ? 68  ASN A C   1 
ATOM   108  O O   . ASN A 1 20 ? 5.517   12.837  8.547   1.00 15.61 ? 68  ASN A O   1 
ATOM   109  C CB  . ASN A 1 20 ? 6.655   12.647  5.719   1.00 15.49 ? 68  ASN A CB  1 
ATOM   110  C CG  . ASN A 1 20 ? 7.634   13.345  4.791   1.00 20.00 ? 68  ASN A CG  1 
ATOM   111  O OD1 . ASN A 1 20 ? 8.562   14.011  5.248   1.00 24.15 ? 68  ASN A OD1 1 
ATOM   112  N ND2 . ASN A 1 20 ? 7.422   13.212  3.483   1.00 22.94 ? 68  ASN A ND2 1 
ATOM   113  N N   . ALA A 1 21 ? 6.082   10.664  8.431   1.00 12.92 ? 69  ALA A N   1 
ATOM   114  C CA  . ALA A 1 21 ? 5.058   10.228  9.378   1.00 11.36 ? 69  ALA A CA  1 
ATOM   115  C C   . ALA A 1 21 ? 5.533   10.076  10.824  1.00 12.98 ? 69  ALA A C   1 
ATOM   116  O O   . ALA A 1 21 ? 4.745   9.707   11.700  1.00 14.26 ? 69  ALA A O   1 
ATOM   117  C CB  . ALA A 1 21 ? 4.450   8.911   8.904   1.00 11.82 ? 69  ALA A CB  1 
ATOM   118  N N   . ILE A 1 22 ? 6.808   10.349  11.078  1.00 10.83 ? 70  ILE A N   1 
ATOM   119  C CA  . ILE A 1 22 ? 7.341   10.226  12.431  1.00 11.45 ? 70  ILE A CA  1 
ATOM   120  C C   . ILE A 1 22 ? 8.056   11.518  12.819  1.00 12.02 ? 70  ILE A C   1 
ATOM   121  O O   . ILE A 1 22 ? 8.241   12.403  11.984  1.00 13.17 ? 70  ILE A O   1 
ATOM   122  C CB  . ILE A 1 22 ? 8.301   9.011   12.540  1.00 10.25 ? 70  ILE A CB  1 
ATOM   123  C CG1 . ILE A 1 22 ? 9.559   9.250   11.697  1.00 10.22 ? 70  ILE A CG1 1 
ATOM   124  C CG2 . ILE A 1 22 ? 7.582   7.744   12.078  1.00 11.70 ? 70  ILE A CG2 1 
ATOM   125  C CD1 . ILE A 1 22 ? 10.595  8.141   11.808  1.00 12.50 ? 70  ILE A CD1 1 
ATOM   126  N N   . PRO A 1 23 ? 8.449   11.659  14.098  1.00 12.39 ? 71  PRO A N   1 
ATOM   127  C CA  . PRO A 1 23 ? 9.137   12.883  14.517  1.00 11.20 ? 71  PRO A CA  1 
ATOM   128  C C   . PRO A 1 23 ? 10.386  13.175  13.686  1.00 11.78 ? 71  PRO A C   1 
ATOM   129  O O   . PRO A 1 23 ? 11.023  12.260  13.166  1.00 11.81 ? 71  PRO A O   1 
ATOM   130  C CB  . PRO A 1 23 ? 9.476   12.607  15.982  1.00 10.23 ? 71  PRO A CB  1 
ATOM   131  C CG  . PRO A 1 23 ? 8.376   11.679  16.416  1.00 10.93 ? 71  PRO A CG  1 
ATOM   132  C CD  . PRO A 1 23 ? 8.258   10.741  15.237  1.00 11.58 ? 71  PRO A CD  1 
ATOM   133  N N   . GLN A 1 24 ? 10.728  14.452  13.569  1.00 13.51 ? 72  GLN A N   1 
ATOM   134  C CA  . GLN A 1 24 ? 11.897  14.864  12.800  1.00 16.02 ? 72  GLN A CA  1 
ATOM   135  C C   . GLN A 1 24 ? 13.166  14.124  13.211  1.00 16.57 ? 72  GLN A C   1 
ATOM   136  O O   . GLN A 1 24 ? 13.993  13.783  12.360  1.00 17.61 ? 72  GLN A O   1 
ATOM   137  C CB  . GLN A 1 24 ? 12.119  16.372  12.948  1.00 19.60 ? 72  GLN A CB  1 
ATOM   138  C CG  . GLN A 1 24 ? 13.281  16.904  12.116  1.00 25.96 ? 72  GLN A CG  1 
ATOM   139  C CD  . GLN A 1 24 ? 13.099  16.640  10.632  1.00 30.12 ? 72  GLN A CD  1 
ATOM   140  O OE1 . GLN A 1 24 ? 12.092  17.037  10.039  1.00 34.94 ? 72  GLN A OE1 1 
ATOM   141  N NE2 . GLN A 1 24 ? 14.071  15.969  10.023  1.00 33.32 ? 72  GLN A NE2 1 
ATOM   142  N N   . THR A 1 25 ? 13.319  13.869  14.507  1.00 15.13 ? 73  THR A N   1 
ATOM   143  C CA  . THR A 1 25 ? 14.504  13.179  15.000  1.00 16.66 ? 73  THR A CA  1 
ATOM   144  C C   . THR A 1 25 ? 14.335  11.670  15.089  1.00 16.14 ? 73  THR A C   1 
ATOM   145  O O   . THR A 1 25 ? 15.236  10.968  15.541  1.00 15.34 ? 73  THR A O   1 
ATOM   146  C CB  . THR A 1 25 ? 14.913  13.698  16.386  1.00 17.90 ? 73  THR A CB  1 
ATOM   147  O OG1 . THR A 1 25 ? 13.858  13.446  17.321  1.00 18.83 ? 73  THR A OG1 1 
ATOM   148  C CG2 . THR A 1 25 ? 15.192  15.196  16.325  1.00 19.51 ? 73  THR A CG2 1 
ATOM   149  N N   . GLY A 1 26 ? 13.182  11.169  14.659  1.00 14.12 ? 74  GLY A N   1 
ATOM   150  C CA  . GLY A 1 26 ? 12.963  9.737   14.702  1.00 13.50 ? 74  GLY A CA  1 
ATOM   151  C C   . GLY A 1 26 ? 13.812  9.054   13.650  1.00 13.69 ? 74  GLY A C   1 
ATOM   152  O O   . GLY A 1 26 ? 14.199  9.673   12.652  1.00 13.43 ? 74  GLY A O   1 
ATOM   153  N N   . LYS A 1 27 ? 14.108  7.778   13.870  1.00 11.54 ? 75  LYS A N   1 
ATOM   154  C CA  . LYS A 1 27 ? 14.908  6.999   12.933  1.00 12.51 ? 75  LYS A CA  1 
ATOM   155  C C   . LYS A 1 27 ? 14.170  5.747   12.498  1.00 11.37 ? 75  LYS A C   1 
ATOM   156  O O   . LYS A 1 27 ? 13.232  5.313   13.159  1.00 11.19 ? 75  LYS A O   1 
ATOM   157  C CB  . LYS A 1 27 ? 16.241  6.634   13.581  1.00 16.71 ? 75  LYS A CB  1 
ATOM   158  C CG  . LYS A 1 27 ? 17.098  7.855   13.841  1.00 19.27 ? 75  LYS A CG  1 
ATOM   159  C CD  . LYS A 1 27 ? 18.332  7.549   14.670  1.00 21.93 ? 75  LYS A CD  1 
ATOM   160  C CE  . LYS A 1 27 ? 17.968  7.320   16.128  1.00 24.92 ? 75  LYS A CE  1 
ATOM   161  N NZ  . LYS A 1 27 ? 19.180  7.325   16.996  1.00 28.09 ? 75  LYS A NZ  1 
ATOM   162  N N   . ILE A 1 28 ? 14.597  5.180   11.374  1.00 12.68 ? 76  ILE A N   1 
ATOM   163  C CA  . ILE A 1 28 ? 13.980  3.976   10.831  1.00 13.48 ? 76  ILE A CA  1 
ATOM   164  C C   . ILE A 1 28 ? 15.051  2.959   10.471  1.00 12.19 ? 76  ILE A C   1 
ATOM   165  O O   . ILE A 1 28 ? 15.971  3.258   9.704   1.00 14.55 ? 76  ILE A O   1 
ATOM   166  C CB  . ILE A 1 28 ? 13.175  4.304   9.564   1.00 13.01 ? 76  ILE A CB  1 
ATOM   167  C CG1 . ILE A 1 28 ? 12.172  5.418   9.872   1.00 14.72 ? 76  ILE A CG1 1 
ATOM   168  C CG2 . ILE A 1 28 ? 12.471  3.047   9.048   1.00 13.15 ? 76  ILE A CG2 1 
ATOM   169  C CD1 . ILE A 1 28 ? 11.564  6.068   8.637   1.00 15.74 ? 76  ILE A CD1 1 
ATOM   170  N N   . ALA A 1 29 ? 14.933  1.756   11.020  1.00 12.25 ? 77  ALA A N   1 
ATOM   171  C CA  . ALA A 1 29 ? 15.898  0.700   10.726  1.00 12.22 ? 77  ALA A CA  1 
ATOM   172  C C   . ALA A 1 29 ? 15.772  0.282   9.265   1.00 13.21 ? 77  ALA A C   1 
ATOM   173  O O   . ALA A 1 29 ? 14.678  0.274   8.706   1.00 12.60 ? 77  ALA A O   1 
ATOM   174  C CB  . ALA A 1 29 ? 15.649  -0.499  11.631  1.00 14.07 ? 77  ALA A CB  1 
ATOM   175  N N   . LYS A 1 30 ? 16.894  -0.063  8.646   1.00 12.65 ? 78  LYS A N   1 
ATOM   176  C CA  . LYS A 1 30 ? 16.882  -0.496  7.256   1.00 13.51 ? 78  LYS A CA  1 
ATOM   177  C C   . LYS A 1 30 ? 15.893  -1.650  7.089   1.00 12.89 ? 78  LYS A C   1 
ATOM   178  O O   . LYS A 1 30 ? 15.117  -1.696  6.132   1.00 13.15 ? 78  LYS A O   1 
ATOM   179  C CB  . LYS A 1 30 ? 18.290  -0.942  6.853   1.00 15.11 ? 78  LYS A CB  1 
ATOM   180  C CG  . LYS A 1 30 ? 18.407  -1.502  5.452   1.00 19.36 ? 78  LYS A CG  1 
ATOM   181  C CD  . LYS A 1 30 ? 19.874  -1.694  5.097   1.00 22.17 ? 78  LYS A CD  1 
ATOM   182  C CE  . LYS A 1 30 ? 20.059  -2.352  3.740   1.00 25.28 ? 78  LYS A CE  1 
ATOM   183  N NZ  . LYS A 1 30 ? 19.750  -3.810  3.778   1.00 28.74 ? 78  LYS A NZ  1 
ATOM   184  N N   . ASP A 1 31 ? 15.920  -2.577  8.038   1.00 12.10 ? 79  ASP A N   1 
ATOM   185  C CA  . ASP A 1 31 ? 15.038  -3.741  8.017   1.00 12.62 ? 79  ASP A CA  1 
ATOM   186  C C   . ASP A 1 31 ? 13.565  -3.338  8.030   1.00 12.42 ? 79  ASP A C   1 
ATOM   187  O O   . ASP A 1 31 ? 12.724  -4.031  7.459   1.00 12.24 ? 79  ASP A O   1 
ATOM   188  C CB  . ASP A 1 31 ? 15.339  -4.633  9.228   1.00 15.44 ? 79  ASP A CB  1 
ATOM   189  C CG  . ASP A 1 31 ? 14.466  -5.874  9.282   1.00 19.22 ? 79  ASP A CG  1 
ATOM   190  O OD1 . ASP A 1 31 ? 13.901  -6.148  10.364  1.00 20.70 ? 79  ASP A OD1 1 
ATOM   191  O OD2 . ASP A 1 31 ? 14.355  -6.581  8.257   1.00 20.50 ? 79  ASP A OD2 1 
ATOM   192  N N   . ALA A 1 32 ? 13.252  -2.230  8.699   1.00 11.07 ? 80  ALA A N   1 
ATOM   193  C CA  . ALA A 1 32 ? 11.870  -1.753  8.775   1.00 9.09  ? 80  ALA A CA  1 
ATOM   194  C C   . ALA A 1 32 ? 11.457  -1.141  7.440   1.00 10.20 ? 80  ALA A C   1 
ATOM   195  O O   . ALA A 1 32 ? 10.307  -1.278  7.023   1.00 10.33 ? 80  ALA A O   1 
ATOM   196  C CB  . ALA A 1 32 ? 11.720  -0.731  9.895   1.00 10.21 ? 80  ALA A CB  1 
ATOM   197  N N   . LYS A 1 33 ? 12.386  -0.462  6.769   1.00 10.60 ? 81  LYS A N   1 
ATOM   198  C CA  . LYS A 1 33 ? 12.065  0.108   5.461   1.00 10.62 ? 81  LYS A CA  1 
ATOM   199  C C   . LYS A 1 33 ? 11.773  -1.038  4.496   1.00 10.51 ? 81  LYS A C   1 
ATOM   200  O O   . LYS A 1 33 ? 10.830  -0.983  3.710   1.00 9.90  ? 81  LYS A O   1 
ATOM   201  C CB  . LYS A 1 33 ? 13.240  0.923   4.913   1.00 10.34 ? 81  LYS A CB  1 
ATOM   202  C CG  . LYS A 1 33 ? 13.639  2.107   5.752   1.00 12.46 ? 81  LYS A CG  1 
ATOM   203  C CD  . LYS A 1 33 ? 14.888  2.770   5.166   1.00 13.96 ? 81  LYS A CD  1 
ATOM   204  C CE  . LYS A 1 33 ? 15.376  3.890   6.064   1.00 16.18 ? 81  LYS A CE  1 
ATOM   205  N NZ  . LYS A 1 33 ? 16.642  4.500   5.560   1.00 16.78 ? 81  LYS A NZ  1 
ATOM   206  N N   . GLU A 1 34 ? 12.594  -2.081  4.553   1.00 11.73 ? 82  GLU A N   1 
ATOM   207  C CA  . GLU A 1 34 ? 12.409  -3.232  3.679   1.00 12.14 ? 82  GLU A CA  1 
ATOM   208  C C   . GLU A 1 34 ? 11.093  -3.920  4.013   1.00 11.24 ? 82  GLU A C   1 
ATOM   209  O O   . GLU A 1 34 ? 10.411  -4.422  3.132   1.00 11.20 ? 82  GLU A O   1 
ATOM   210  C CB  . GLU A 1 34 ? 13.597  -4.193  3.818   1.00 14.00 ? 82  GLU A CB  1 
ATOM   211  C CG  . GLU A 1 34 ? 14.920  -3.539  3.403   1.00 17.24 ? 82  GLU A CG  1 
ATOM   212  C CD  . GLU A 1 34 ? 16.141  -4.410  3.654   1.00 21.29 ? 82  GLU A CD  1 
ATOM   213  O OE1 . GLU A 1 34 ? 16.106  -5.239  4.582   1.00 24.14 ? 82  GLU A OE1 1 
ATOM   214  O OE2 . GLU A 1 34 ? 17.147  -4.243  2.934   1.00 23.52 ? 82  GLU A OE2 1 
ATOM   215  N N   . CYS A 1 35 ? 10.723  -3.918  5.290   1.00 9.87  ? 83  CYS A N   1 
ATOM   216  C CA  . CYS A 1 35 ? 9.468   -4.523  5.705   1.00 9.68  ? 83  CYS A CA  1 
ATOM   217  C C   . CYS A 1 35 ? 8.305   -3.754  5.073   1.00 8.78  ? 83  CYS A C   1 
ATOM   218  O O   . CYS A 1 35 ? 7.376   -4.347  4.531   1.00 8.92  ? 83  CYS A O   1 
ATOM   219  C CB  . CYS A 1 35 ? 9.351   -4.488  7.231   1.00 8.66  ? 83  CYS A CB  1 
ATOM   220  S SG  . CYS A 1 35 ? 7.804   -5.170  7.864   1.00 11.23 ? 83  CYS A SG  1 
ATOM   221  N N   . VAL A 1 36 ? 8.355   -2.428  5.135   1.00 10.29 ? 84  VAL A N   1 
ATOM   222  C CA  . VAL A 1 36 ? 7.275   -1.646  4.551   1.00 9.96  ? 84  VAL A CA  1 
ATOM   223  C C   . VAL A 1 36 ? 7.247   -1.867  3.041   1.00 10.78 ? 84  VAL A C   1 
ATOM   224  O O   . VAL A 1 36 ? 6.178   -1.937  2.453   1.00 9.60  ? 84  VAL A O   1 
ATOM   225  C CB  . VAL A 1 36 ? 7.411   -0.160  4.904   1.00 9.19  ? 84  VAL A CB  1 
ATOM   226  C CG1 . VAL A 1 36 ? 6.404   0.667   4.114   1.00 11.01 ? 84  VAL A CG1 1 
ATOM   227  C CG2 . VAL A 1 36 ? 7.147   0.017   6.400   1.00 10.11 ? 84  VAL A CG2 1 
ATOM   228  N N   . GLN A 1 37 ? 8.416   -1.998  2.419   1.00 11.17 ? 85  GLN A N   1 
ATOM   229  C CA  . GLN A 1 37 ? 8.462   -2.267  0.977   1.00 12.29 ? 85  GLN A CA  1 
ATOM   230  C C   . GLN A 1 37 ? 7.663   -3.535  0.684   1.00 12.52 ? 85  GLN A C   1 
ATOM   231  O O   . GLN A 1 37 ? 6.862   -3.581  -0.253  1.00 13.62 ? 85  GLN A O   1 
ATOM   232  C CB  . GLN A 1 37 ? 9.902   -2.485  0.513   1.00 14.27 ? 85  GLN A CB  1 
ATOM   233  C CG  . GLN A 1 37 ? 10.610  -1.247  0.024   1.00 15.82 ? 85  GLN A CG  1 
ATOM   234  C CD  . GLN A 1 37 ? 11.987  -1.578  -0.518  1.00 17.05 ? 85  GLN A CD  1 
ATOM   235  O OE1 . GLN A 1 37 ? 12.350  -1.176  -1.629  1.00 19.12 ? 85  GLN A OE1 1 
ATOM   236  N NE2 . GLN A 1 37 ? 12.762  -2.321  0.261   1.00 17.11 ? 85  GLN A NE2 1 
ATOM   237  N N   . GLU A 1 38 ? 7.905   -4.568  1.488   1.00 12.20 ? 86  GLU A N   1 
ATOM   238  C CA  . GLU A 1 38 ? 7.212   -5.845  1.354   1.00 12.72 ? 86  GLU A CA  1 
ATOM   239  C C   . GLU A 1 38 ? 5.710   -5.643  1.534   1.00 12.59 ? 86  GLU A C   1 
ATOM   240  O O   . GLU A 1 38 ? 4.902   -6.149  0.756   1.00 12.73 ? 86  GLU A O   1 
ATOM   241  C CB  . GLU A 1 38 ? 7.705   -6.835  2.414   1.00 14.93 ? 86  GLU A CB  1 
ATOM   242  C CG  . GLU A 1 38 ? 9.133   -7.316  2.237   1.00 19.70 ? 86  GLU A CG  1 
ATOM   243  C CD  . GLU A 1 38 ? 9.727   -7.860  3.534   1.00 24.03 ? 86  GLU A CD  1 
ATOM   244  O OE1 . GLU A 1 38 ? 8.973   -8.457  4.337   1.00 25.53 ? 86  GLU A OE1 1 
ATOM   245  O OE2 . GLU A 1 38 ? 10.947  -7.693  3.750   1.00 25.15 ? 86  GLU A OE2 1 
ATOM   246  N N   . CYS A 1 39 ? 5.332   -4.903  2.569   1.00 10.56 ? 87  CYS A N   1 
ATOM   247  C CA  . CYS A 1 39 ? 3.918   -4.670  2.824   1.00 9.17  ? 87  CYS A CA  1 
ATOM   248  C C   . CYS A 1 39 ? 3.216   -3.922  1.693   1.00 9.16  ? 87  CYS A C   1 
ATOM   249  O O   . CYS A 1 39 ? 2.064   -4.223  1.381   1.00 9.64  ? 87  CYS A O   1 
ATOM   250  C CB  . CYS A 1 39 ? 3.732   -3.899  4.132   1.00 8.73  ? 87  CYS A CB  1 
ATOM   251  S SG  . CYS A 1 39 ? 4.191   -4.846  5.604   1.00 10.88 ? 87  CYS A SG  1 
ATOM   252  N N   . VAL A 1 40 ? 3.889   -2.932  1.107   1.00 9.50  ? 88  VAL A N   1 
ATOM   253  C CA  . VAL A 1 40 ? 3.292   -2.157  0.017   1.00 11.14 ? 88  VAL A CA  1 
ATOM   254  C C   . VAL A 1 40 ? 3.024   -3.032  -1.196  1.00 10.89 ? 88  VAL A C   1 
ATOM   255  O O   . VAL A 1 40 ? 1.962   -2.934  -1.822  1.00 10.39 ? 88  VAL A O   1 
ATOM   256  C CB  . VAL A 1 40 ? 4.198   -0.971  -0.426  1.00 13.41 ? 88  VAL A CB  1 
ATOM   257  C CG1 . VAL A 1 40 ? 3.654   -0.358  -1.729  1.00 15.43 ? 88  VAL A CG1 1 
ATOM   258  C CG2 . VAL A 1 40 ? 4.233   0.077   0.656   1.00 14.57 ? 88  VAL A CG2 1 
ATOM   259  N N   . SER A 1 41 ? 3.977   -3.887  -1.546  1.00 10.05 ? 89  SER A N   1 
ATOM   260  C CA  . SER A 1 41 ? 3.748   -4.760  -2.683  1.00 10.95 ? 89  SER A CA  1 
ATOM   261  C C   . SER A 1 41 ? 2.616   -5.733  -2.377  1.00 12.04 ? 89  SER A C   1 
ATOM   262  O O   . SER A 1 41 ? 1.818   -6.052  -3.253  1.00 12.08 ? 89  SER A O   1 
ATOM   263  C CB  . SER A 1 41 ? 5.021   -5.507  -3.065  1.00 11.34 ? 89  SER A CB  1 
ATOM   264  O OG  . SER A 1 41 ? 5.908   -4.632  -3.739  1.00 12.56 ? 89  SER A OG  1 
ATOM   265  N N   . GLU A 1 42 ? 2.524   -6.182  -1.128  1.00 10.68 ? 90  GLU A N   1 
ATOM   266  C CA  . GLU A 1 42 ? 1.463   -7.106  -0.747  1.00 11.27 ? 90  GLU A CA  1 
ATOM   267  C C   . GLU A 1 42 ? 0.118   -6.386  -0.849  1.00 9.62  ? 90  GLU A C   1 
ATOM   268  O O   . GLU A 1 42 ? -0.886  -6.981  -1.243  1.00 10.75 ? 90  GLU A O   1 
ATOM   269  C CB  . GLU A 1 42 ? 1.683   -7.598  0.683   1.00 11.40 ? 90  GLU A CB  1 
ATOM   270  C CG  . GLU A 1 42 ? 0.839   -8.802  1.074   1.00 19.52 ? 90  GLU A CG  1 
ATOM   271  C CD  . GLU A 1 42 ? 1.223   -10.063 0.314   1.00 20.30 ? 90  GLU A CD  1 
ATOM   272  O OE1 . GLU A 1 42 ? 2.357   -10.136 -0.208  1.00 23.89 ? 90  GLU A OE1 1 
ATOM   273  O OE2 . GLU A 1 42 ? 0.390   -10.987 0.252   1.00 24.69 ? 90  GLU A OE2 1 
ATOM   274  N N   . PHE A 1 43 ? 0.110   -5.104  -0.489  1.00 9.18  ? 91  PHE A N   1 
ATOM   275  C CA  . PHE A 1 43 ? -1.095  -4.289  -0.554  1.00 9.32  ? 91  PHE A CA  1 
ATOM   276  C C   . PHE A 1 43 ? -1.555  -4.178  -2.012  1.00 9.62  ? 91  PHE A C   1 
ATOM   277  O O   . PHE A 1 43 ? -2.716  -4.433  -2.333  1.00 9.05  ? 91  PHE A O   1 
ATOM   278  C CB  . PHE A 1 43 ? -0.801  -2.897  0.027   1.00 10.09 ? 91  PHE A CB  1 
ATOM   279  C CG  . PHE A 1 43 ? -1.910  -1.905  -0.162  1.00 11.25 ? 91  PHE A CG  1 
ATOM   280  C CD1 . PHE A 1 43 ? -3.119  -2.041  0.516   1.00 13.41 ? 91  PHE A CD1 1 
ATOM   281  C CD2 . PHE A 1 43 ? -1.734  -0.812  -1.009  1.00 12.45 ? 91  PHE A CD2 1 
ATOM   282  C CE1 . PHE A 1 43 ? -4.137  -1.098  0.356   1.00 16.00 ? 91  PHE A CE1 1 
ATOM   283  C CE2 . PHE A 1 43 ? -2.745  0.136   -1.176  1.00 16.03 ? 91  PHE A CE2 1 
ATOM   284  C CZ  . PHE A 1 43 ? -3.949  -0.010  -0.490  1.00 16.70 ? 91  PHE A CZ  1 
ATOM   285  N N   . ILE A 1 44 ? -0.638  -3.817  -2.901  1.00 9.33  ? 92  ILE A N   1 
ATOM   286  C CA  . ILE A 1 44 ? -0.994  -3.694  -4.308  1.00 10.40 ? 92  ILE A CA  1 
ATOM   287  C C   . ILE A 1 44 ? -1.517  -5.019  -4.871  1.00 12.01 ? 92  ILE A C   1 
ATOM   288  O O   . ILE A 1 44 ? -2.517  -5.047  -5.595  1.00 13.11 ? 92  ILE A O   1 
ATOM   289  C CB  . ILE A 1 44 ? 0.219   -3.214  -5.133  1.00 11.41 ? 92  ILE A CB  1 
ATOM   290  C CG1 . ILE A 1 44 ? 0.560   -1.776  -4.745  1.00 11.88 ? 92  ILE A CG1 1 
ATOM   291  C CG2 . ILE A 1 44 ? -0.092  -3.295  -6.634  1.00 11.35 ? 92  ILE A CG2 1 
ATOM   292  C CD1 . ILE A 1 44 ? 1.874   -1.278  -5.343  1.00 13.08 ? 92  ILE A CD1 1 
ATOM   293  N N   . SER A 1 45 ? -0.855  -6.118  -4.527  1.00 11.98 ? 93  SER A N   1 
ATOM   294  C CA  . SER A 1 45 ? -1.267  -7.429  -5.017  1.00 13.05 ? 93  SER A CA  1 
ATOM   295  C C   . SER A 1 45 ? -2.638  -7.856  -4.494  1.00 12.23 ? 93  SER A C   1 
ATOM   296  O O   . SER A 1 45 ? -3.441  -8.434  -5.229  1.00 11.33 ? 93  SER A O   1 
ATOM   297  C CB  . SER A 1 45 ? -0.211  -8.469  -4.644  1.00 14.42 ? 93  SER A CB  1 
ATOM   298  O OG  . SER A 1 45 ? 1.028   -8.163  -5.271  1.00 19.34 ? 93  SER A OG  1 
ATOM   299  N N   . PHE A 1 46 ? -2.898  -7.562  -3.223  1.00 11.02 ? 94  PHE A N   1 
ATOM   300  C CA  . PHE A 1 46 ? -4.165  -7.894  -2.564  1.00 11.87 ? 94  PHE A CA  1 
ATOM   301  C C   . PHE A 1 46 ? -5.319  -7.190  -3.284  1.00 13.01 ? 94  PHE A C   1 
ATOM   302  O O   . PHE A 1 46 ? -6.305  -7.817  -3.668  1.00 12.76 ? 94  PHE A O   1 
ATOM   303  C CB  . PHE A 1 46 ? -4.066  -7.460  -1.089  1.00 12.62 ? 94  PHE A CB  1 
ATOM   304  C CG  . PHE A 1 46 ? -5.289  -7.742  -0.252  1.00 12.05 ? 94  PHE A CG  1 
ATOM   305  C CD1 . PHE A 1 46 ? -5.974  -8.947  -0.353  1.00 12.77 ? 94  PHE A CD1 1 
ATOM   306  C CD2 . PHE A 1 46 ? -5.708  -6.811  0.700   1.00 12.62 ? 94  PHE A CD2 1 
ATOM   307  C CE1 . PHE A 1 46 ? -7.061  -9.224  0.490   1.00 13.94 ? 94  PHE A CE1 1 
ATOM   308  C CE2 . PHE A 1 46 ? -6.791  -7.080  1.544   1.00 13.11 ? 94  PHE A CE2 1 
ATOM   309  C CZ  . PHE A 1 46 ? -7.464  -8.290  1.435   1.00 12.57 ? 94  PHE A CZ  1 
ATOM   310  N N   . ILE A 1 47 ? -5.187  -5.884  -3.467  1.00 10.32 ? 95  ILE A N   1 
ATOM   311  C CA  . ILE A 1 47 ? -6.215  -5.108  -4.149  1.00 11.56 ? 95  ILE A CA  1 
ATOM   312  C C   . ILE A 1 47 ? -6.353  -5.532  -5.612  1.00 11.95 ? 95  ILE A C   1 
ATOM   313  O O   . ILE A 1 47 ? -7.462  -5.687  -6.120  1.00 12.00 ? 95  ILE A O   1 
ATOM   314  C CB  . ILE A 1 47 ? -5.880  -3.599  -4.104  1.00 12.25 ? 95  ILE A CB  1 
ATOM   315  C CG1 . ILE A 1 47 ? -5.832  -3.120  -2.649  1.00 12.94 ? 95  ILE A CG1 1 
ATOM   316  C CG2 . ILE A 1 47 ? -6.893  -2.800  -4.922  1.00 11.37 ? 95  ILE A CG2 1 
ATOM   317  C CD1 . ILE A 1 47 ? -7.119  -3.331  -1.872  1.00 16.91 ? 95  ILE A CD1 1 
ATOM   318  N N   . THR A 1 48 ? -5.227  -5.717  -6.291  1.00 10.26 ? 96  THR A N   1 
ATOM   319  C CA  . THR A 1 48 ? -5.262  -6.088  -7.703  1.00 11.76 ? 96  THR A CA  1 
ATOM   320  C C   . THR A 1 48 ? -5.955  -7.420  -7.948  1.00 12.64 ? 96  THR A C   1 
ATOM   321  O O   . THR A 1 48 ? -6.680  -7.578  -8.930  1.00 13.00 ? 96  THR A O   1 
ATOM   322  C CB  . THR A 1 48 ? -3.850  -6.144  -8.294  1.00 11.58 ? 96  THR A CB  1 
ATOM   323  O OG1 . THR A 1 48 ? -3.256  -4.843  -8.201  1.00 11.13 ? 96  THR A OG1 1 
ATOM   324  C CG2 . THR A 1 48 ? -3.900  -6.571  -9.767  1.00 13.27 ? 96  THR A CG2 1 
ATOM   325  N N   . SER A 1 49 ? -5.736  -8.383  -7.062  1.00 13.04 ? 97  SER A N   1 
ATOM   326  C CA  . SER A 1 49 ? -6.364  -9.686  -7.237  1.00 14.84 ? 97  SER A CA  1 
ATOM   327  C C   . SER A 1 49 ? -7.880  -9.558  -7.258  1.00 13.39 ? 97  SER A C   1 
ATOM   328  O O   . SER A 1 49 ? -8.548  -10.152 -8.112  1.00 13.97 ? 97  SER A O   1 
ATOM   329  C CB  . SER A 1 49 ? -5.928  -10.640 -6.127  1.00 16.44 ? 97  SER A CB  1 
ATOM   330  O OG  . SER A 1 49 ? -4.558  -10.968 -6.272  1.00 23.88 ? 97  SER A OG  1 
ATOM   331  N N   . GLU A 1 50 ? -8.422  -8.777  -6.326  1.00 12.65 ? 98  GLU A N   1 
ATOM   332  C CA  . GLU A 1 50 ? -9.863  -8.576  -6.246  1.00 13.30 ? 98  GLU A CA  1 
ATOM   333  C C   . GLU A 1 50 ? -10.355 -7.748  -7.429  1.00 13.07 ? 98  GLU A C   1 
ATOM   334  O O   . GLU A 1 50 ? -11.436 -8.001  -7.964  1.00 13.86 ? 98  GLU A O   1 
ATOM   335  C CB  . GLU A 1 50 ? -10.234 -7.881  -4.931  1.00 15.04 ? 98  GLU A CB  1 
ATOM   336  C CG  . GLU A 1 50 ? -11.736 -7.666  -4.689  1.00 17.92 ? 98  GLU A CG  1 
ATOM   337  C CD  . GLU A 1 50 ? -12.539 -8.965  -4.619  1.00 22.59 ? 98  GLU A CD  1 
ATOM   338  O OE1 . GLU A 1 50 ? -11.962 -10.023 -4.302  1.00 23.81 ? 98  GLU A OE1 1 
ATOM   339  O OE2 . GLU A 1 50 ? -13.761 -8.919  -4.872  1.00 26.36 ? 98  GLU A OE2 1 
ATOM   340  N N   . ALA A 1 51 ? -9.564  -6.756  -7.837  1.00 11.41 ? 99  ALA A N   1 
ATOM   341  C CA  . ALA A 1 51 ? -9.953  -5.917  -8.969  1.00 11.75 ? 99  ALA A CA  1 
ATOM   342  C C   . ALA A 1 51 ? -10.001 -6.740  -10.254 1.00 12.23 ? 99  ALA A C   1 
ATOM   343  O O   . ALA A 1 51 ? -10.820 -6.480  -11.135 1.00 14.06 ? 99  ALA A O   1 
ATOM   344  C CB  . ALA A 1 51 ? -8.973  -4.756  -9.131  1.00 10.98 ? 99  ALA A CB  1 
ATOM   345  N N   . SER A 1 52 ? -9.121  -7.732  -10.351 1.00 12.71 ? 100 SER A N   1 
ATOM   346  C CA  . SER A 1 52 ? -9.063  -8.596  -11.523 1.00 13.87 ? 100 SER A CA  1 
ATOM   347  C C   . SER A 1 52 ? -10.325 -9.450  -11.587 1.00 15.45 ? 100 SER A C   1 
ATOM   348  O O   . SER A 1 52 ? -10.891 -9.666  -12.657 1.00 14.86 ? 100 SER A O   1 
ATOM   349  C CB  . SER A 1 52 ? -7.827  -9.497  -11.454 1.00 15.82 ? 100 SER A CB  1 
ATOM   350  O OG  . SER A 1 52 ? -7.698  -10.280 -12.630 1.00 18.75 ? 100 SER A OG  1 
ATOM   351  N N   . GLU A 1 53 ? -10.764 -9.929  -10.431 1.00 16.27 ? 101 GLU A N   1 
ATOM   352  C CA  . GLU A 1 53 ? -11.967 -10.753 -10.355 1.00 17.72 ? 101 GLU A CA  1 
ATOM   353  C C   . GLU A 1 53 ? -13.170 -9.920  -10.793 1.00 16.89 ? 101 GLU A C   1 
ATOM   354  O O   . GLU A 1 53 ? -13.994 -10.372 -11.587 1.00 17.13 ? 101 GLU A O   1 
ATOM   355  C CB  . GLU A 1 53 ? -12.155 -11.259 -8.920  1.00 21.09 ? 101 GLU A CB  1 
ATOM   356  C CG  . GLU A 1 53 ? -13.362 -12.156 -8.707  1.00 27.30 ? 101 GLU A CG  1 
ATOM   357  C CD  . GLU A 1 53 ? -13.308 -13.417 -9.545  1.00 30.53 ? 101 GLU A CD  1 
ATOM   358  O OE1 . GLU A 1 53 ? -12.205 -13.985 -9.692  1.00 33.12 ? 101 GLU A OE1 1 
ATOM   359  O OE2 . GLU A 1 53 ? -14.372 -13.849 -10.045 1.00 34.75 ? 101 GLU A OE2 1 
ATOM   360  N N   . ARG A 1 54 ? -13.259 -8.702  -10.268 1.00 16.35 ? 102 ARG A N   1 
ATOM   361  C CA  . ARG A 1 54 ? -14.340 -7.776  -10.593 1.00 16.05 ? 102 ARG A CA  1 
ATOM   362  C C   . ARG A 1 54 ? -14.362 -7.505  -12.095 1.00 16.17 ? 102 ARG A C   1 
ATOM   363  O O   . ARG A 1 54 ? -15.412 -7.559  -12.733 1.00 15.30 ? 102 ARG A O   1 
ATOM   364  C CB  . ARG A 1 54 ? -14.132 -6.467  -9.824  1.00 18.72 ? 102 ARG A CB  1 
ATOM   365  C CG  . ARG A 1 54 ? -15.044 -5.316  -10.227 1.00 19.97 ? 102 ARG A CG  1 
ATOM   366  C CD  . ARG A 1 54 ? -16.489 -5.547  -9.838  1.00 22.99 ? 102 ARG A CD  1 
ATOM   367  N NE  . ARG A 1 54 ? -17.312 -4.387  -10.168 1.00 25.50 ? 102 ARG A NE  1 
ATOM   368  C CZ  . ARG A 1 54 ? -18.613 -4.292  -9.908  1.00 27.96 ? 102 ARG A CZ  1 
ATOM   369  N NH1 . ARG A 1 54 ? -19.244 -5.291  -9.305  1.00 28.55 ? 102 ARG A NH1 1 
ATOM   370  N NH2 . ARG A 1 54 ? -19.282 -3.203  -10.261 1.00 29.09 ? 102 ARG A NH2 1 
ATOM   371  N N   . CYS A 1 55 ? -13.190 -7.212  -12.648 1.00 13.18 ? 103 CYS A N   1 
ATOM   372  C CA  . CYS A 1 55 ? -13.050 -6.936  -14.075 1.00 13.65 ? 103 CYS A CA  1 
ATOM   373  C C   . CYS A 1 55 ? -13.630 -8.088  -14.893 1.00 14.81 ? 103 CYS A C   1 
ATOM   374  O O   . CYS A 1 55 ? -14.434 -7.875  -15.809 1.00 14.00 ? 103 CYS A O   1 
ATOM   375  C CB  . CYS A 1 55 ? -11.567 -6.741  -14.413 1.00 12.73 ? 103 CYS A CB  1 
ATOM   376  S SG  . CYS A 1 55 ? -11.206 -6.416  -16.162 1.00 14.89 ? 103 CYS A SG  1 
ATOM   377  N N   . HIS A 1 56 ? -13.227 -9.307  -14.545 1.00 15.27 ? 104 HIS A N   1 
ATOM   378  C CA  . HIS A 1 56 ? -13.683 -10.515 -15.230 1.00 18.89 ? 104 HIS A CA  1 
ATOM   379  C C   . HIS A 1 56 ? -15.193 -10.701 -15.099 1.00 18.15 ? 104 HIS A C   1 
ATOM   380  O O   . HIS A 1 56 ? -15.869 -11.048 -16.071 1.00 17.87 ? 104 HIS A O   1 
ATOM   381  C CB  . HIS A 1 56 ? -12.943 -11.737 -14.665 1.00 21.56 ? 104 HIS A CB  1 
ATOM   382  C CG  . HIS A 1 56 ? -13.397 -13.045 -15.239 1.00 27.15 ? 104 HIS A CG  1 
ATOM   383  N ND1 . HIS A 1 56 ? -14.613 -13.616 -14.927 1.00 29.73 ? 104 HIS A ND1 1 
ATOM   384  C CD2 . HIS A 1 56 ? -12.807 -13.884 -16.124 1.00 29.40 ? 104 HIS A CD2 1 
ATOM   385  C CE1 . HIS A 1 56 ? -14.753 -14.747 -15.594 1.00 29.46 ? 104 HIS A CE1 1 
ATOM   386  N NE2 . HIS A 1 56 ? -13.671 -14.933 -16.329 1.00 29.68 ? 104 HIS A NE2 1 
ATOM   387  N N   . GLN A 1 57 ? -15.728 -10.467 -13.902 1.00 17.51 ? 105 GLN A N   1 
ATOM   388  C CA  . GLN A 1 57 ? -17.163 -10.620 -13.685 1.00 19.58 ? 105 GLN A CA  1 
ATOM   389  C C   . GLN A 1 57 ? -17.963 -9.614  -14.495 1.00 20.01 ? 105 GLN A C   1 
ATOM   390  O O   . GLN A 1 57 ? -19.118 -9.873  -14.854 1.00 20.62 ? 105 GLN A O   1 
ATOM   391  C CB  . GLN A 1 57 ? -17.501 -10.473 -12.202 1.00 22.40 ? 105 GLN A CB  1 
ATOM   392  C CG  . GLN A 1 57 ? -17.030 -11.633 -11.349 1.00 26.73 ? 105 GLN A CG  1 
ATOM   393  C CD  . GLN A 1 57 ? -17.634 -12.956 -11.785 1.00 29.38 ? 105 GLN A CD  1 
ATOM   394  O OE1 . GLN A 1 57 ? -18.847 -13.066 -11.977 1.00 31.91 ? 105 GLN A OE1 1 
ATOM   395  N NE2 . GLN A 1 57 ? -16.791 -13.972 -11.936 1.00 30.55 ? 105 GLN A NE2 1 
ATOM   396  N N   . GLU A 1 58 ? -17.350 -8.470  -14.784 1.00 17.74 ? 106 GLU A N   1 
ATOM   397  C CA  . GLU A 1 58 ? -18.010 -7.427  -15.559 1.00 18.33 ? 106 GLU A CA  1 
ATOM   398  C C   . GLU A 1 58 ? -17.778 -7.618  -17.057 1.00 15.80 ? 106 GLU A C   1 
ATOM   399  O O   . GLU A 1 58 ? -18.033 -6.716  -17.855 1.00 17.18 ? 106 GLU A O   1 
ATOM   400  C CB  . GLU A 1 58 ? -17.507 -6.051  -15.122 1.00 20.27 ? 106 GLU A CB  1 
ATOM   401  C CG  . GLU A 1 58 ? -17.921 -5.676  -13.713 1.00 25.18 ? 106 GLU A CG  1 
ATOM   402  C CD  . GLU A 1 58 ? -19.421 -5.496  -13.579 1.00 29.50 ? 106 GLU A CD  1 
ATOM   403  O OE1 . GLU A 1 58 ? -19.964 -4.555  -14.199 1.00 31.27 ? 106 GLU A OE1 1 
ATOM   404  O OE2 . GLU A 1 58 ? -20.062 -6.295  -12.860 1.00 32.54 ? 106 GLU A OE2 1 
ATOM   405  N N   . LYS A 1 59 ? -17.288 -8.799  -17.422 1.00 14.84 ? 107 LYS A N   1 
ATOM   406  C CA  . LYS A 1 59 ? -17.024 -9.158  -18.812 1.00 15.13 ? 107 LYS A CA  1 
ATOM   407  C C   . LYS A 1 59 ? -15.995 -8.288  -19.516 1.00 15.24 ? 107 LYS A C   1 
ATOM   408  O O   . LYS A 1 59 ? -16.096 -8.033  -20.720 1.00 14.66 ? 107 LYS A O   1 
ATOM   409  C CB  . LYS A 1 59 ? -18.329 -9.165  -19.615 1.00 16.46 ? 107 LYS A CB  1 
ATOM   410  C CG  . LYS A 1 59 ? -19.307 -10.221 -19.124 1.00 19.44 ? 107 LYS A CG  1 
ATOM   411  C CD  . LYS A 1 59 ? -20.556 -10.271 -19.988 1.00 21.55 ? 107 LYS A CD  1 
ATOM   412  C CE  . LYS A 1 59 ? -21.386 -11.505 -19.673 1.00 23.98 ? 107 LYS A CE  1 
ATOM   413  N NZ  . LYS A 1 59 ? -21.829 -11.530 -18.256 1.00 27.00 ? 107 LYS A NZ  1 
ATOM   414  N N   . ARG A 1 60 ? -14.998 -7.840  -18.760 1.00 13.86 ? 108 ARG A N   1 
ATOM   415  C CA  . ARG A 1 60 ? -13.939 -7.019  -19.327 1.00 11.93 ? 108 ARG A CA  1 
ATOM   416  C C   . ARG A 1 60 ? -12.585 -7.704  -19.145 1.00 12.57 ? 108 ARG A C   1 
ATOM   417  O O   . ARG A 1 60 ? -12.493 -8.778  -18.533 1.00 14.01 ? 108 ARG A O   1 
ATOM   418  C CB  . ARG A 1 60 ? -13.962 -5.623  -18.696 1.00 11.88 ? 108 ARG A CB  1 
ATOM   419  C CG  . ARG A 1 60 ? -15.120 -4.769  -19.210 1.00 12.76 ? 108 ARG A CG  1 
ATOM   420  C CD  . ARG A 1 60 ? -15.145 -3.354  -18.625 1.00 15.09 ? 108 ARG A CD  1 
ATOM   421  N NE  . ARG A 1 60 ? -15.581 -3.337  -17.228 1.00 14.89 ? 108 ARG A NE  1 
ATOM   422  C CZ  . ARG A 1 60 ? -14.768 -3.342  -16.176 1.00 17.15 ? 108 ARG A CZ  1 
ATOM   423  N NH1 . ARG A 1 60 ? -13.450 -3.360  -16.337 1.00 15.81 ? 108 ARG A NH1 1 
ATOM   424  N NH2 . ARG A 1 60 ? -15.279 -3.330  -14.950 1.00 16.48 ? 108 ARG A NH2 1 
ATOM   425  N N   . LYS A 1 61 ? -11.537 -7.107  -19.704 1.00 12.20 ? 109 LYS A N   1 
ATOM   426  C CA  . LYS A 1 61 ? -10.208 -7.694  -19.607 1.00 12.67 ? 109 LYS A CA  1 
ATOM   427  C C   . LYS A 1 61 ? -9.135  -6.754  -19.104 1.00 12.40 ? 109 LYS A C   1 
ATOM   428  O O   . LYS A 1 61 ? -8.098  -7.204  -18.615 1.00 14.62 ? 109 LYS A O   1 
ATOM   429  C CB  . LYS A 1 61 ? -9.797  -8.266  -20.957 1.00 13.57 ? 109 LYS A CB  1 
ATOM   430  C CG  . LYS A 1 61 ? -10.613 -9.497  -21.323 1.00 16.14 ? 109 LYS A CG  1 
ATOM   431  C CD  . LYS A 1 61 ? -10.100 -10.164 -22.572 1.00 19.35 ? 109 LYS A CD  1 
ATOM   432  C CE  . LYS A 1 61 ? -10.911 -11.418 -22.873 1.00 20.91 ? 109 LYS A CE  1 
ATOM   433  N NZ  . LYS A 1 61 ? -10.385 -12.116 -24.071 1.00 23.00 ? 109 LYS A NZ  1 
ATOM   434  N N   . THR A 1 62 ? -9.370  -5.454  -19.240 1.00 10.13 ? 110 THR A N   1 
ATOM   435  C CA  . THR A 1 62 ? -8.406  -4.467  -18.766 1.00 10.64 ? 110 THR A CA  1 
ATOM   436  C C   . THR A 1 62 ? -8.927  -3.935  -17.440 1.00 10.92 ? 110 THR A C   1 
ATOM   437  O O   . THR A 1 62 ? -9.990  -3.310  -17.383 1.00 12.30 ? 110 THR A O   1 
ATOM   438  C CB  . THR A 1 62 ? -8.251  -3.321  -19.780 1.00 9.68  ? 110 THR A CB  1 
ATOM   439  O OG1 . THR A 1 62 ? -7.682  -3.838  -20.989 1.00 10.22 ? 110 THR A OG1 1 
ATOM   440  C CG2 . THR A 1 62 ? -7.340  -2.228  -19.230 1.00 11.44 ? 110 THR A CG2 1 
ATOM   441  N N   . ILE A 1 63 ? -8.185  -4.205  -16.372 1.00 10.45 ? 111 ILE A N   1 
ATOM   442  C CA  . ILE A 1 63 ? -8.579  -3.773  -15.037 1.00 10.17 ? 111 ILE A CA  1 
ATOM   443  C C   . ILE A 1 63 ? -8.577  -2.251  -14.977 1.00 10.97 ? 111 ILE A C   1 
ATOM   444  O O   . ILE A 1 63 ? -7.536  -1.627  -15.167 1.00 12.05 ? 111 ILE A O   1 
ATOM   445  C CB  . ILE A 1 63 ? -7.604  -4.326  -13.984 1.00 11.52 ? 111 ILE A CB  1 
ATOM   446  C CG1 . ILE A 1 63 ? -7.563  -5.857  -14.065 1.00 12.19 ? 111 ILE A CG1 1 
ATOM   447  C CG2 . ILE A 1 63 ? -8.026  -3.855  -12.598 1.00 12.76 ? 111 ILE A CG2 1 
ATOM   448  C CD1 . ILE A 1 63 ? -6.519  -6.487  -13.162 1.00 12.17 ? 111 ILE A CD1 1 
ATOM   449  N N   . ASN A 1 64 ? -9.739  -1.653  -14.715 1.00 10.85 ? 112 ASN A N   1 
ATOM   450  C CA  . ASN A 1 64 ? -9.821  -0.199  -14.682 1.00 11.06 ? 112 ASN A CA  1 
ATOM   451  C C   . ASN A 1 64 ? -9.899  0.432   -13.297 1.00 12.14 ? 112 ASN A C   1 
ATOM   452  O O   . ASN A 1 64 ? -9.826  -0.261  -12.279 1.00 11.09 ? 112 ASN A O   1 
ATOM   453  C CB  . ASN A 1 64 ? -10.987 0.302   -15.563 1.00 13.51 ? 112 ASN A CB  1 
ATOM   454  C CG  . ASN A 1 64 ? -12.361 -0.078  -15.029 1.00 15.82 ? 112 ASN A CG  1 
ATOM   455  O OD1 . ASN A 1 64 ? -12.543 -0.325  -13.839 1.00 13.08 ? 112 ASN A OD1 1 
ATOM   456  N ND2 . ASN A 1 64 ? -13.351 -0.096  -15.921 1.00 15.48 ? 112 ASN A ND2 1 
ATOM   457  N N   . GLY A 1 65 ? -10.027 1.757   -13.273 1.00 10.86 ? 113 GLY A N   1 
ATOM   458  C CA  . GLY A 1 65 ? -10.108 2.483   -12.017 1.00 12.24 ? 113 GLY A CA  1 
ATOM   459  C C   . GLY A 1 65 ? -11.289 2.079   -11.157 1.00 12.14 ? 113 GLY A C   1 
ATOM   460  O O   . GLY A 1 65 ? -11.162 1.983   -9.935  1.00 12.76 ? 113 GLY A O   1 
ATOM   461  N N   . GLU A 1 66 ? -12.441 1.845   -11.779 1.00 12.22 ? 114 GLU A N   1 
ATOM   462  C CA  . GLU A 1 66 ? -13.617 1.434   -11.025 1.00 13.09 ? 114 GLU A CA  1 
ATOM   463  C C   . GLU A 1 66 ? -13.368 0.071   -10.382 1.00 13.31 ? 114 GLU A C   1 
ATOM   464  O O   . GLU A 1 66 ? -13.813 -0.178  -9.260  1.00 14.31 ? 114 GLU A O   1 
ATOM   465  C CB  . GLU A 1 66 ? -14.854 1.376   -11.931 1.00 15.38 ? 114 GLU A CB  1 
ATOM   466  C CG  . GLU A 1 66 ? -15.245 2.733   -12.506 1.00 21.16 ? 114 GLU A CG  1 
ATOM   467  C CD  . GLU A 1 66 ? -16.587 2.710   -13.211 0.00 21.41 ? 114 GLU A CD  1 
ATOM   468  O OE1 . GLU A 1 66 ? -16.769 1.880   -14.125 0.00 22.70 ? 114 GLU A OE1 1 
ATOM   469  O OE2 . GLU A 1 66 ? -17.460 3.528   -12.852 0.00 22.70 ? 114 GLU A OE2 1 
ATOM   470  N N   . ASP A 1 67 ? -12.658 -0.808  -11.091 1.00 10.73 ? 115 ASP A N   1 
ATOM   471  C CA  . ASP A 1 67 ? -12.340 -2.137  -10.560 1.00 10.97 ? 115 ASP A CA  1 
ATOM   472  C C   . ASP A 1 67 ? -11.452 -2.002  -9.317  1.00 11.46 ? 115 ASP A C   1 
ATOM   473  O O   . ASP A 1 67 ? -11.642 -2.708  -8.322  1.00 11.89 ? 115 ASP A O   1 
ATOM   474  C CB  . ASP A 1 67 ? -11.607 -2.988  -11.605 1.00 11.91 ? 115 ASP A CB  1 
ATOM   475  C CG  . ASP A 1 67 ? -12.447 -3.263  -12.838 1.00 12.33 ? 115 ASP A CG  1 
ATOM   476  O OD1 . ASP A 1 67 ? -13.686 -3.350  -12.707 1.00 13.61 ? 115 ASP A OD1 1 
ATOM   477  O OD2 . ASP A 1 67 ? -11.863 -3.417  -13.935 1.00 11.33 ? 115 ASP A OD2 1 
ATOM   478  N N   . ILE A 1 68 ? -10.480 -1.097  -9.384  1.00 11.18 ? 116 ILE A N   1 
ATOM   479  C CA  . ILE A 1 68 ? -9.573  -0.866  -8.259  1.00 11.14 ? 116 ILE A CA  1 
ATOM   480  C C   . ILE A 1 68 ? -10.339 -0.294  -7.063  1.00 10.62 ? 116 ILE A C   1 
ATOM   481  O O   . ILE A 1 68 ? -10.176 -0.747  -5.925  1.00 11.49 ? 116 ILE A O   1 
ATOM   482  C CB  . ILE A 1 68 ? -8.445  0.135   -8.640  1.00 11.56 ? 116 ILE A CB  1 
ATOM   483  C CG1 . ILE A 1 68 ? -7.533  -0.472  -9.718  1.00 9.95  ? 116 ILE A CG1 1 
ATOM   484  C CG2 . ILE A 1 68 ? -7.640  0.520   -7.387  1.00 10.87 ? 116 ILE A CG2 1 
ATOM   485  C CD1 . ILE A 1 68 ? -6.770  -1.724  -9.290  1.00 12.86 ? 116 ILE A CD1 1 
ATOM   486  N N   . LEU A 1 69 ? -11.181 0.701   -7.320  1.00 10.44 ? 117 LEU A N   1 
ATOM   487  C CA  . LEU A 1 69 ? -11.936 1.325   -6.241  1.00 11.14 ? 117 LEU A CA  1 
ATOM   488  C C   . LEU A 1 69 ? -12.953 0.362   -5.641  1.00 11.25 ? 117 LEU A C   1 
ATOM   489  O O   . LEU A 1 69 ? -13.193 0.382   -4.434  1.00 12.55 ? 117 LEU A O   1 
ATOM   490  C CB  . LEU A 1 69 ? -12.618 2.600   -6.744  1.00 11.39 ? 117 LEU A CB  1 
ATOM   491  C CG  . LEU A 1 69 ? -11.638 3.677   -7.238  1.00 10.79 ? 117 LEU A CG  1 
ATOM   492  C CD1 . LEU A 1 69 ? -12.420 4.856   -7.812  1.00 15.70 ? 117 LEU A CD1 1 
ATOM   493  C CD2 . LEU A 1 69 ? -10.749 4.157   -6.086  1.00 13.98 ? 117 LEU A CD2 1 
ATOM   494  N N   . PHE A 1 70 ? -13.549 -0.484  -6.476  1.00 12.17 ? 118 PHE A N   1 
ATOM   495  C CA  . PHE A 1 70 ? -14.507 -1.469  -5.980  1.00 14.48 ? 118 PHE A CA  1 
ATOM   496  C C   . PHE A 1 70 ? -13.766 -2.410  -5.036  1.00 13.42 ? 118 PHE A C   1 
ATOM   497  O O   . PHE A 1 70 ? -14.256 -2.744  -3.955  1.00 13.98 ? 118 PHE A O   1 
ATOM   498  C CB  . PHE A 1 70 ? -15.082 -2.293  -7.129  1.00 15.93 ? 118 PHE A CB  1 
ATOM   499  C CG  . PHE A 1 70 ? -15.901 -3.469  -6.674  1.00 21.66 ? 118 PHE A CG  1 
ATOM   500  C CD1 . PHE A 1 70 ? -17.243 -3.313  -6.344  1.00 24.23 ? 118 PHE A CD1 1 
ATOM   501  C CD2 . PHE A 1 70 ? -15.326 -4.733  -6.572  1.00 23.53 ? 118 PHE A CD2 1 
ATOM   502  C CE1 . PHE A 1 70 ? -18.004 -4.406  -5.920  1.00 25.79 ? 118 PHE A CE1 1 
ATOM   503  C CE2 . PHE A 1 70 ? -16.078 -5.828  -6.149  1.00 25.45 ? 118 PHE A CE2 1 
ATOM   504  C CZ  . PHE A 1 70 ? -17.420 -5.660  -5.824  1.00 25.41 ? 118 PHE A CZ  1 
ATOM   505  N N   . ALA A 1 71 ? -12.582 -2.842  -5.466  1.00 13.51 ? 119 ALA A N   1 
ATOM   506  C CA  . ALA A 1 71 ? -11.760 -3.744  -4.675  1.00 12.77 ? 119 ALA A CA  1 
ATOM   507  C C   . ALA A 1 71 ? -11.375 -3.110  -3.340  1.00 14.84 ? 119 ALA A C   1 
ATOM   508  O O   . ALA A 1 71 ? -11.437 -3.762  -2.298  1.00 14.49 ? 119 ALA A O   1 
ATOM   509  C CB  . ALA A 1 71 ? -10.504 -4.136  -5.458  1.00 13.43 ? 119 ALA A CB  1 
ATOM   510  N N   . MET A 1 72 ? -10.974 -1.846  -3.365  1.00 13.10 ? 120 MET A N   1 
ATOM   511  C CA  . MET A 1 72 ? -10.597 -1.175  -2.127  1.00 15.94 ? 120 MET A CA  1 
ATOM   512  C C   . MET A 1 72 ? -11.769 -1.090  -1.157  1.00 16.42 ? 120 MET A C   1 
ATOM   513  O O   . MET A 1 72 ? -11.611 -1.310  0.046   1.00 15.99 ? 120 MET A O   1 
ATOM   514  C CB  . MET A 1 72 ? -10.042 0.212   -2.430  1.00 17.99 ? 120 MET A CB  1 
ATOM   515  C CG  . MET A 1 72 ? -8.764  0.135   -3.254  1.00 20.60 ? 120 MET A CG  1 
ATOM   516  S SD  . MET A 1 72 ? -7.935  1.706   -3.454  1.00 21.92 ? 120 MET A SD  1 
ATOM   517  C CE  . MET A 1 72 ? -6.280  1.162   -3.852  1.00 20.33 ? 120 MET A CE  1 
ATOM   518  N N   . SER A 1 73 ? -12.951 -0.790  -1.677  1.00 15.33 ? 121 SER A N   1 
ATOM   519  C CA  . SER A 1 73 ? -14.126 -0.695  -0.825  1.00 18.19 ? 121 SER A CA  1 
ATOM   520  C C   . SER A 1 73 ? -14.514 -2.073  -0.278  1.00 18.64 ? 121 SER A C   1 
ATOM   521  O O   . SER A 1 73 ? -14.884 -2.205  0.890   1.00 22.00 ? 121 SER A O   1 
ATOM   522  C CB  . SER A 1 73 ? -15.293 -0.086  -1.615  1.00 18.74 ? 121 SER A CB  1 
ATOM   523  O OG  . SER A 1 73 ? -16.433 0.079   -0.792  1.00 24.55 ? 121 SER A OG  1 
ATOM   524  N N   . THR A 1 74 ? -14.410 -3.096  -1.119  1.00 18.17 ? 122 THR A N   1 
ATOM   525  C CA  . THR A 1 74 ? -14.769 -4.462  -0.742  1.00 18.54 ? 122 THR A CA  1 
ATOM   526  C C   . THR A 1 74 ? -13.816 -5.105  0.259   1.00 17.95 ? 122 THR A C   1 
ATOM   527  O O   . THR A 1 74 ? -14.240 -5.882  1.124   1.00 17.30 ? 122 THR A O   1 
ATOM   528  C CB  . THR A 1 74 ? -14.822 -5.373  -1.991  1.00 20.09 ? 122 THR A CB  1 
ATOM   529  O OG1 . THR A 1 74 ? -15.889 -4.945  -2.841  1.00 23.63 ? 122 THR A OG1 1 
ATOM   530  C CG2 . THR A 1 74 ? -15.040 -6.835  -1.599  1.00 23.42 ? 122 THR A CG2 1 
ATOM   531  N N   . LEU A 1 75 ? -12.536 -4.764  0.143   1.00 15.83 ? 123 LEU A N   1 
ATOM   532  C CA  . LEU A 1 75 ? -11.504 -5.343  0.994   1.00 16.24 ? 123 LEU A CA  1 
ATOM   533  C C   . LEU A 1 75 ? -11.211 -4.617  2.297   1.00 16.20 ? 123 LEU A C   1 
ATOM   534  O O   . LEU A 1 75 ? -10.274 -4.983  3.011   1.00 17.77 ? 123 LEU A O   1 
ATOM   535  C CB  . LEU A 1 75 ? -10.206 -5.495  0.195   1.00 14.95 ? 123 LEU A CB  1 
ATOM   536  C CG  . LEU A 1 75 ? -10.300 -6.409  -1.034  1.00 14.97 ? 123 LEU A CG  1 
ATOM   537  C CD1 . LEU A 1 75 ? -8.947  -6.478  -1.715  1.00 15.54 ? 123 LEU A CD1 1 
ATOM   538  C CD2 . LEU A 1 75 ? -10.757 -7.801  -0.614  1.00 15.43 ? 123 LEU A CD2 1 
ATOM   539  N N   . GLY A 1 76 ? -11.996 -3.590  2.613   1.00 15.87 ? 124 GLY A N   1 
ATOM   540  C CA  . GLY A 1 76 ? -11.785 -2.873  3.860   1.00 15.95 ? 124 GLY A CA  1 
ATOM   541  C C   . GLY A 1 76 ? -11.082 -1.531  3.785   1.00 15.62 ? 124 GLY A C   1 
ATOM   542  O O   . GLY A 1 76 ? -10.769 -0.942  4.823   1.00 17.06 ? 124 GLY A O   1 
ATOM   543  N N   . PHE A 1 77 ? -10.843 -1.036  2.571   1.00 13.36 ? 125 PHE A N   1 
ATOM   544  C CA  . PHE A 1 77 ? -10.160 0.244   2.394   1.00 13.55 ? 125 PHE A CA  1 
ATOM   545  C C   . PHE A 1 77 ? -11.058 1.320   1.777   1.00 12.76 ? 125 PHE A C   1 
ATOM   546  O O   . PHE A 1 77 ? -10.590 2.153   0.999   1.00 12.28 ? 125 PHE A O   1 
ATOM   547  C CB  . PHE A 1 77 ? -8.920  0.070   1.499   1.00 13.96 ? 125 PHE A CB  1 
ATOM   548  C CG  . PHE A 1 77 ? -8.020  -1.067  1.899   1.00 14.63 ? 125 PHE A CG  1 
ATOM   549  C CD1 . PHE A 1 77 ? -8.198  -2.338  1.362   1.00 16.00 ? 125 PHE A CD1 1 
ATOM   550  C CD2 . PHE A 1 77 ? -6.978  -0.864  2.799   1.00 19.32 ? 125 PHE A CD2 1 
ATOM   551  C CE1 . PHE A 1 77 ? -7.350  -3.394  1.711   1.00 16.72 ? 125 PHE A CE1 1 
ATOM   552  C CE2 . PHE A 1 77 ? -6.128  -1.908  3.155   1.00 15.07 ? 125 PHE A CE2 1 
ATOM   553  C CZ  . PHE A 1 77 ? -6.313  -3.175  2.611   1.00 18.16 ? 125 PHE A CZ  1 
ATOM   554  N N   . ASP A 1 78 ? -12.342 1.325   2.131   1.00 13.21 ? 126 ASP A N   1 
ATOM   555  C CA  . ASP A 1 78 ? -13.257 2.314   1.569   1.00 13.40 ? 126 ASP A CA  1 
ATOM   556  C C   . ASP A 1 78 ? -12.833 3.759   1.829   1.00 12.86 ? 126 ASP A C   1 
ATOM   557  O O   . ASP A 1 78 ? -13.127 4.644   1.026   1.00 13.29 ? 126 ASP A O   1 
ATOM   558  C CB  . ASP A 1 78 ? -14.677 2.093   2.103   1.00 14.32 ? 126 ASP A CB  1 
ATOM   559  C CG  . ASP A 1 78 ? -15.710 2.930   1.373   1.00 16.94 ? 126 ASP A CG  1 
ATOM   560  O OD1 . ASP A 1 78 ? -15.897 2.718   0.154   1.00 17.93 ? 126 ASP A OD1 1 
ATOM   561  O OD2 . ASP A 1 78 ? -16.337 3.804   2.009   1.00 18.90 ? 126 ASP A OD2 1 
ATOM   562  N N   . SER A 1 79 ? -12.139 4.009   2.940   1.00 13.65 ? 127 SER A N   1 
ATOM   563  C CA  . SER A 1 79 ? -11.713 5.370   3.245   1.00 13.04 ? 127 SER A CA  1 
ATOM   564  C C   . SER A 1 79 ? -10.726 5.925   2.208   1.00 12.74 ? 127 SER A C   1 
ATOM   565  O O   . SER A 1 79 ? -10.485 7.129   2.159   1.00 11.81 ? 127 SER A O   1 
ATOM   566  C CB  . SER A 1 79 ? -11.100 5.447   4.653   1.00 15.94 ? 127 SER A CB  1 
ATOM   567  O OG  . SER A 1 79 ? -9.914  4.684   4.765   1.00 17.33 ? 127 SER A OG  1 
ATOM   568  N N   . TYR A 1 80 ? -10.161 5.045   1.384   1.00 11.47 ? 128 TYR A N   1 
ATOM   569  C CA  . TYR A 1 80 ? -9.211  5.458   0.346   1.00 11.21 ? 128 TYR A CA  1 
ATOM   570  C C   . TYR A 1 80 ? -9.918  5.981   -0.899  1.00 12.24 ? 128 TYR A C   1 
ATOM   571  O O   . TYR A 1 80 ? -9.345  6.760   -1.664  1.00 12.40 ? 128 TYR A O   1 
ATOM   572  C CB  . TYR A 1 80 ? -8.353  4.276   -0.127  1.00 11.71 ? 128 TYR A CB  1 
ATOM   573  C CG  . TYR A 1 80 ? -7.222  3.850   0.778   1.00 10.69 ? 128 TYR A CG  1 
ATOM   574  C CD1 . TYR A 1 80 ? -7.456  3.474   2.095   1.00 13.98 ? 128 TYR A CD1 1 
ATOM   575  C CD2 . TYR A 1 80 ? -5.916  3.766   0.290   1.00 10.00 ? 128 TYR A CD2 1 
ATOM   576  C CE1 . TYR A 1 80 ? -6.411  3.020   2.909   1.00 13.92 ? 128 TYR A CE1 1 
ATOM   577  C CE2 . TYR A 1 80 ? -4.878  3.318   1.084   1.00 11.50 ? 128 TYR A CE2 1 
ATOM   578  C CZ  . TYR A 1 80 ? -5.125  2.945   2.389   1.00 14.07 ? 128 TYR A CZ  1 
ATOM   579  O OH  . TYR A 1 80 ? -4.094  2.482   3.168   1.00 12.70 ? 128 TYR A OH  1 
ATOM   580  N N   . VAL A 1 81 ? -11.158 5.544   -1.098  1.00 12.23 ? 129 VAL A N   1 
ATOM   581  C CA  . VAL A 1 81 ? -11.895 5.896   -2.309  1.00 13.03 ? 129 VAL A CA  1 
ATOM   582  C C   . VAL A 1 81 ? -12.038 7.370   -2.674  1.00 13.22 ? 129 VAL A C   1 
ATOM   583  O O   . VAL A 1 81 ? -11.643 7.773   -3.762  1.00 12.81 ? 129 VAL A O   1 
ATOM   584  C CB  . VAL A 1 81 ? -13.284 5.214   -2.310  1.00 14.20 ? 129 VAL A CB  1 
ATOM   585  C CG1 . VAL A 1 81 ? -14.076 5.643   -3.528  1.00 15.13 ? 129 VAL A CG1 1 
ATOM   586  C CG2 . VAL A 1 81 ? -13.107 3.690   -2.318  1.00 14.21 ? 129 VAL A CG2 1 
ATOM   587  N N   . GLU A 1 82 ? -12.603 8.186   -1.793  1.00 14.05 ? 130 GLU A N   1 
ATOM   588  C CA  . GLU A 1 82 ? -12.757 9.597   -2.128  1.00 16.16 ? 130 GLU A CA  1 
ATOM   589  C C   . GLU A 1 82 ? -11.425 10.291  -2.390  1.00 14.82 ? 130 GLU A C   1 
ATOM   590  O O   . GLU A 1 82 ? -11.285 11.031  -3.373  1.00 15.35 ? 130 GLU A O   1 
ATOM   591  C CB  . GLU A 1 82 ? -13.558 10.310  -1.037  1.00 19.46 ? 130 GLU A CB  1 
ATOM   592  C CG  . GLU A 1 82 ? -15.029 9.940   -1.092  1.00 24.44 ? 130 GLU A CG  1 
ATOM   593  C CD  . GLU A 1 82 ? -15.577 10.023  -2.508  1.00 26.51 ? 130 GLU A CD  1 
ATOM   594  O OE1 . GLU A 1 82 ? -15.350 11.063  -3.166  1.00 28.91 ? 130 GLU A OE1 1 
ATOM   595  O OE2 . GLU A 1 82 ? -16.229 9.059   -2.967  1.00 27.34 ? 130 GLU A OE2 1 
ATOM   596  N N   . PRO A 1 83 ? -10.424 10.067  -1.526  1.00 14.75 ? 131 PRO A N   1 
ATOM   597  C CA  . PRO A 1 83 ? -9.125  10.706  -1.752  1.00 14.65 ? 131 PRO A CA  1 
ATOM   598  C C   . PRO A 1 83 ? -8.521  10.288  -3.093  1.00 12.85 ? 131 PRO A C   1 
ATOM   599  O O   . PRO A 1 83 ? -7.892  11.092  -3.775  1.00 14.21 ? 131 PRO A O   1 
ATOM   600  C CB  . PRO A 1 83 ? -8.294  10.213  -0.574  1.00 15.80 ? 131 PRO A CB  1 
ATOM   601  C CG  . PRO A 1 83 ? -9.307  10.155  0.521   1.00 16.16 ? 131 PRO A CG  1 
ATOM   602  C CD  . PRO A 1 83 ? -10.500 9.512   -0.159  1.00 14.86 ? 131 PRO A CD  1 
ATOM   603  N N   . LEU A 1 84 ? -8.709  9.026   -3.463  1.00 12.12 ? 132 LEU A N   1 
ATOM   604  C CA  . LEU A 1 84 ? -8.157  8.536   -4.725  1.00 11.71 ? 132 LEU A CA  1 
ATOM   605  C C   . LEU A 1 84 ? -8.874  9.153   -5.910  1.00 11.33 ? 132 LEU A C   1 
ATOM   606  O O   . LEU A 1 84 ? -8.243  9.510   -6.907  1.00 11.41 ? 132 LEU A O   1 
ATOM   607  C CB  . LEU A 1 84 ? -8.240  7.011   -4.815  1.00 13.03 ? 132 LEU A CB  1 
ATOM   608  C CG  . LEU A 1 84 ? -7.305  6.217   -3.901  1.00 18.27 ? 132 LEU A CG  1 
ATOM   609  C CD1 . LEU A 1 84 ? -7.215  4.788   -4.410  1.00 17.46 ? 132 LEU A CD1 1 
ATOM   610  C CD2 . LEU A 1 84 ? -5.932  6.854   -3.876  1.00 20.87 ? 132 LEU A CD2 1 
ATOM   611  N N   . LYS A 1 85 ? -10.194 9.285   -5.812  1.00 12.35 ? 133 LYS A N   1 
ATOM   612  C CA  . LYS A 1 85 ? -10.944 9.876   -6.914  1.00 12.51 ? 133 LYS A CA  1 
ATOM   613  C C   . LYS A 1 85 ? -10.510 11.319  -7.152  1.00 11.75 ? 133 LYS A C   1 
ATOM   614  O O   . LYS A 1 85 ? -10.355 11.743  -8.296  1.00 13.57 ? 133 LYS A O   1 
ATOM   615  C CB  . LYS A 1 85 ? -12.450 9.800   -6.637  1.00 14.67 ? 133 LYS A CB  1 
ATOM   616  C CG  . LYS A 1 85 ? -12.970 8.367   -6.666  1.00 16.90 ? 133 LYS A CG  1 
ATOM   617  C CD  . LYS A 1 85 ? -14.478 8.291   -6.796  1.00 22.27 ? 133 LYS A CD  1 
ATOM   618  C CE  . LYS A 1 85 ? -15.187 9.009   -5.673  1.00 26.27 ? 133 LYS A CE  1 
ATOM   619  N NZ  . LYS A 1 85 ? -16.665 8.903   -5.844  1.00 30.04 ? 133 LYS A NZ  1 
ATOM   620  N N   . LEU A 1 86 ? -10.303 12.065  -6.072  1.00 13.67 ? 134 LEU A N   1 
ATOM   621  C CA  . LEU A 1 86 ? -9.876  13.458  -6.172  1.00 13.03 ? 134 LEU A CA  1 
ATOM   622  C C   . LEU A 1 86 ? -8.493  13.540  -6.803  1.00 14.26 ? 134 LEU A C   1 
ATOM   623  O O   . LEU A 1 86 ? -8.236  14.394  -7.650  1.00 14.88 ? 134 LEU A O   1 
ATOM   624  C CB  . LEU A 1 86 ? -9.839  14.102  -4.784  1.00 16.40 ? 134 LEU A CB  1 
ATOM   625  C CG  . LEU A 1 86 ? -11.169 14.249  -4.040  0.00 15.34 ? 134 LEU A CG  1 
ATOM   626  C CD1 . LEU A 1 86 ? -10.916 14.810  -2.651  0.00 15.73 ? 134 LEU A CD1 1 
ATOM   627  C CD2 . LEU A 1 86 ? -12.100 15.161  -4.825  0.00 15.73 ? 134 LEU A CD2 1 
ATOM   628  N N   . TYR A 1 87 ? -7.608  12.644  -6.383  1.00 13.25 ? 135 TYR A N   1 
ATOM   629  C CA  . TYR A 1 87 ? -6.242  12.604  -6.896  1.00 12.30 ? 135 TYR A CA  1 
ATOM   630  C C   . TYR A 1 87 ? -6.217  12.316  -8.394  1.00 11.53 ? 135 TYR A C   1 
ATOM   631  O O   . TYR A 1 87 ? -5.506  12.981  -9.145  1.00 12.01 ? 135 TYR A O   1 
ATOM   632  C CB  . TYR A 1 87 ? -5.438  11.537  -6.150  1.00 11.90 ? 135 TYR A CB  1 
ATOM   633  C CG  . TYR A 1 87 ? -4.004  11.425  -6.618  1.00 13.16 ? 135 TYR A CG  1 
ATOM   634  C CD1 . TYR A 1 87 ? -3.043  12.353  -6.218  1.00 14.12 ? 135 TYR A CD1 1 
ATOM   635  C CD2 . TYR A 1 87 ? -3.616  10.407  -7.489  1.00 12.78 ? 135 TYR A CD2 1 
ATOM   636  C CE1 . TYR A 1 87 ? -1.731  12.272  -6.674  1.00 17.25 ? 135 TYR A CE1 1 
ATOM   637  C CE2 . TYR A 1 87 ? -2.303  10.321  -7.956  1.00 13.70 ? 135 TYR A CE2 1 
ATOM   638  C CZ  . TYR A 1 87 ? -1.372  11.254  -7.546  1.00 16.20 ? 135 TYR A CZ  1 
ATOM   639  O OH  . TYR A 1 87 ? -0.077  11.169  -8.008  1.00 21.33 ? 135 TYR A OH  1 
ATOM   640  N N   . LEU A 1 88 ? -6.987  11.319  -8.826  1.00 12.71 ? 136 LEU A N   1 
ATOM   641  C CA  . LEU A 1 88 ? -7.030  10.960  -10.242 1.00 11.13 ? 136 LEU A CA  1 
ATOM   642  C C   . LEU A 1 88 ? -7.636  12.090  -11.070 1.00 12.86 ? 136 LEU A C   1 
ATOM   643  O O   . LEU A 1 88 ? -7.200  12.366  -12.192 1.00 11.84 ? 136 LEU A O   1 
ATOM   644  C CB  . LEU A 1 88 ? -7.843  9.679   -10.427 1.00 12.84 ? 136 LEU A CB  1 
ATOM   645  C CG  . LEU A 1 88 ? -8.034  9.191   -11.864 1.00 11.07 ? 136 LEU A CG  1 
ATOM   646  C CD1 . LEU A 1 88 ? -6.688  8.932   -12.527 1.00 13.65 ? 136 LEU A CD1 1 
ATOM   647  C CD2 . LEU A 1 88 ? -8.865  7.921   -11.833 1.00 12.92 ? 136 LEU A CD2 1 
ATOM   648  N N   . GLN A 1 89 ? -8.648  12.747  -10.519 1.00 12.17 ? 137 GLN A N   1 
ATOM   649  C CA  . GLN A 1 89 ? -9.281  13.851  -11.230 1.00 14.26 ? 137 GLN A CA  1 
ATOM   650  C C   . GLN A 1 89 ? -8.268  14.977  -11.439 1.00 14.79 ? 137 GLN A C   1 
ATOM   651  O O   . GLN A 1 89 ? -8.161  15.537  -12.534 1.00 14.63 ? 137 GLN A O   1 
ATOM   652  C CB  . GLN A 1 89 ? -10.485 14.367  -10.439 1.00 15.73 ? 137 GLN A CB  1 
ATOM   653  C CG  . GLN A 1 89 ? -11.185 15.545  -11.093 1.00 20.86 ? 137 GLN A CG  1 
ATOM   654  C CD  . GLN A 1 89 ? -12.344 16.062  -10.263 0.00 20.88 ? 137 GLN A CD  1 
ATOM   655  O OE1 . GLN A 1 89 ? -12.167 16.471  -9.115  0.00 21.97 ? 137 GLN A OE1 1 
ATOM   656  N NE2 . GLN A 1 89 ? -13.540 16.045  -10.841 0.00 21.97 ? 137 GLN A NE2 1 
ATOM   657  N N   . LYS A 1 90 ? -7.516  15.300  -10.392 1.00 14.23 ? 138 LYS A N   1 
ATOM   658  C CA  . LYS A 1 90 ? -6.516  16.355  -10.493 1.00 14.63 ? 138 LYS A CA  1 
ATOM   659  C C   . LYS A 1 90 ? -5.393  15.933  -11.436 1.00 14.12 ? 138 LYS A C   1 
ATOM   660  O O   . LYS A 1 90 ? -4.845  16.752  -12.168 1.00 14.61 ? 138 LYS A O   1 
ATOM   661  C CB  . LYS A 1 90 ? -5.939  16.680  -9.113  1.00 15.14 ? 138 LYS A CB  1 
ATOM   662  C CG  . LYS A 1 90 ? -6.965  17.219  -8.119  1.00 19.47 ? 138 LYS A CG  1 
ATOM   663  C CD  . LYS A 1 90 ? -6.340  17.468  -6.754  0.00 18.17 ? 138 LYS A CD  1 
ATOM   664  C CE  . LYS A 1 90 ? -7.372  17.985  -5.763  0.00 18.60 ? 138 LYS A CE  1 
ATOM   665  N NZ  . LYS A 1 90 ? -6.788  18.221  -4.413  0.00 18.39 ? 138 LYS A NZ  1 
ATOM   666  N N   . PHE A 1 91 ? -5.063  14.645  -11.434 1.00 12.62 ? 139 PHE A N   1 
ATOM   667  C CA  . PHE A 1 91 ? -3.992  14.154  -12.290 1.00 12.48 ? 139 PHE A CA  1 
ATOM   668  C C   . PHE A 1 91 ? -4.326  14.302  -13.770 1.00 13.10 ? 139 PHE A C   1 
ATOM   669  O O   . PHE A 1 91 ? -3.455  14.627  -14.582 1.00 14.59 ? 139 PHE A O   1 
ATOM   670  C CB  . PHE A 1 91 ? -3.692  12.678  -11.990 1.00 11.56 ? 139 PHE A CB  1 
ATOM   671  C CG  . PHE A 1 91 ? -2.432  12.174  -12.643 1.00 12.08 ? 139 PHE A CG  1 
ATOM   672  C CD1 . PHE A 1 91 ? -1.215  12.244  -11.976 1.00 13.72 ? 139 PHE A CD1 1 
ATOM   673  C CD2 . PHE A 1 91 ? -2.462  11.639  -13.926 1.00 11.02 ? 139 PHE A CD2 1 
ATOM   674  C CE1 . PHE A 1 91 ? -0.043  11.784  -12.578 1.00 13.68 ? 139 PHE A CE1 1 
ATOM   675  C CE2 . PHE A 1 91 ? -1.294  11.175  -14.538 1.00 12.82 ? 139 PHE A CE2 1 
ATOM   676  C CZ  . PHE A 1 91 ? -0.081  11.249  -13.856 1.00 12.88 ? 139 PHE A CZ  1 
ATOM   677  N N   . ARG A 1 92 ? -5.588  14.090  -14.122 1.00 12.32 ? 140 ARG A N   1 
ATOM   678  C CA  . ARG A 1 92 ? -5.974  14.163  -15.523 1.00 12.65 ? 140 ARG A CA  1 
ATOM   679  C C   . ARG A 1 92 ? -6.565  15.482  -15.995 1.00 13.34 ? 140 ARG A C   1 
ATOM   680  O O   . ARG A 1 92 ? -6.760  15.677  -17.193 1.00 13.85 ? 140 ARG A O   1 
ATOM   681  C CB  . ARG A 1 92 ? -6.927  13.008  -15.851 1.00 13.75 ? 140 ARG A CB  1 
ATOM   682  C CG  . ARG A 1 92 ? -6.280  11.658  -15.591 1.00 14.38 ? 140 ARG A CG  1 
ATOM   683  C CD  . ARG A 1 92 ? -7.087  10.491  -16.109 1.00 17.00 ? 140 ARG A CD  1 
ATOM   684  N NE  . ARG A 1 92 ? -8.375  10.340  -15.436 1.00 15.74 ? 140 ARG A NE  1 
ATOM   685  C CZ  . ARG A 1 92 ? -9.128  9.250   -15.529 1.00 14.99 ? 140 ARG A CZ  1 
ATOM   686  N NH1 . ARG A 1 92 ? -8.714  8.224   -16.260 1.00 16.41 ? 140 ARG A NH1 1 
ATOM   687  N NH2 . ARG A 1 92 ? -10.290 9.183   -14.893 1.00 16.73 ? 140 ARG A NH2 1 
ATOM   688  N N   . GLU A 1 93 ? -6.823  16.403  -15.073 1.00 15.58 ? 141 GLU A N   1 
ATOM   689  C CA  . GLU A 1 93 ? -7.410  17.677  -15.481 1.00 18.62 ? 141 GLU A CA  1 
ATOM   690  C C   . GLU A 1 93 ? -6.466  18.614  -16.229 1.00 19.25 ? 141 GLU A C   1 
ATOM   691  O O   . GLU A 1 93 ? -6.983  19.398  -17.055 1.00 20.07 ? 141 GLU A O   1 
ATOM   692  C CB  . GLU A 1 93 ? -8.037  18.407  -14.287 1.00 21.35 ? 141 GLU A CB  1 
ATOM   693  C CG  . GLU A 1 93 ? -7.122  18.664  -13.119 1.00 26.80 ? 141 GLU A CG  1 
ATOM   694  C CD  . GLU A 1 93 ? -7.808  19.478  -12.041 1.00 28.56 ? 141 GLU A CD  1 
ATOM   695  O OE1 . GLU A 1 93 ? -9.013  19.239  -11.796 1.00 31.94 ? 141 GLU A OE1 1 
ATOM   696  O OE2 . GLU A 1 93 ? -7.146  20.347  -11.442 1.00 31.20 ? 141 GLU A OE2 1 
ATOM   697  O OXT . GLU A 1 93 ? -5.240  18.572  -15.995 1.00 17.32 ? 141 GLU A OXT 1 
ATOM   698  N N   . LEU B 2 20 ? 6.131   8.750   -7.285  1.00 21.55 ? 43  LEU B N   1 
ATOM   699  C CA  . LEU B 2 20 ? 6.384   7.296   -7.508  1.00 20.11 ? 43  LEU B CA  1 
ATOM   700  C C   . LEU B 2 20 ? 6.371   6.936   -8.991  1.00 20.62 ? 43  LEU B C   1 
ATOM   701  O O   . LEU B 2 20 ? 5.544   7.438   -9.757  1.00 19.15 ? 43  LEU B O   1 
ATOM   702  C CB  . LEU B 2 20 ? 5.330   6.439   -6.789  1.00 20.28 ? 43  LEU B CB  1 
ATOM   703  C CG  . LEU B 2 20 ? 5.440   6.107   -5.292  1.00 21.63 ? 43  LEU B CG  1 
ATOM   704  C CD1 . LEU B 2 20 ? 4.200   5.372   -4.881  1.00 19.31 ? 43  LEU B CD1 1 
ATOM   705  C CD2 . LEU B 2 20 ? 6.665   5.242   -4.999  1.00 14.58 ? 43  LEU B CD2 1 
ATOM   706  N N   . PRO B 2 21 ? 7.289   6.052   -9.409  1.00 20.18 ? 44  PRO B N   1 
ATOM   707  C CA  . PRO B 2 21 ? 7.397   5.606   -10.799 1.00 18.90 ? 44  PRO B CA  1 
ATOM   708  C C   . PRO B 2 21 ? 6.250   4.647   -11.078 1.00 16.74 ? 44  PRO B C   1 
ATOM   709  O O   . PRO B 2 21 ? 6.084   3.647   -10.377 1.00 17.60 ? 44  PRO B O   1 
ATOM   710  C CB  . PRO B 2 21 ? 8.754   4.918   -10.826 1.00 20.04 ? 44  PRO B CB  1 
ATOM   711  C CG  . PRO B 2 21 ? 8.822   4.298   -9.471  1.00 21.79 ? 44  PRO B CG  1 
ATOM   712  C CD  . PRO B 2 21 ? 8.295   5.384   -8.561  1.00 20.39 ? 44  PRO B CD  1 
ATOM   713  N N   . LEU B 2 22 ? 5.461   4.937   -12.107 1.00 13.03 ? 45  LEU B N   1 
ATOM   714  C CA  . LEU B 2 22 ? 4.321   4.087   -12.408 1.00 10.66 ? 45  LEU B CA  1 
ATOM   715  C C   . LEU B 2 22 ? 4.686   2.754   -13.039 1.00 10.43 ? 45  LEU B C   1 
ATOM   716  O O   . LEU B 2 22 ? 3.972   1.769   -12.863 1.00 10.73 ? 45  LEU B O   1 
ATOM   717  C CB  . LEU B 2 22 ? 3.324   4.840   -13.301 1.00 9.63  ? 45  LEU B CB  1 
ATOM   718  C CG  . LEU B 2 22 ? 2.821   6.154   -12.695 1.00 7.83  ? 45  LEU B CG  1 
ATOM   719  C CD1 . LEU B 2 22 ? 1.766   6.770   -13.613 1.00 10.58 ? 45  LEU B CD1 1 
ATOM   720  C CD2 . LEU B 2 22 ? 2.235   5.906   -11.306 1.00 10.53 ? 45  LEU B CD2 1 
ATOM   721  N N   . ALA B 2 23 ? 5.796   2.705   -13.764 1.00 10.47 ? 46  ALA B N   1 
ATOM   722  C CA  . ALA B 2 23 ? 6.177   1.455   -14.403 1.00 9.80  ? 46  ALA B CA  1 
ATOM   723  C C   . ALA B 2 23 ? 6.423   0.370   -13.360 1.00 10.50 ? 46  ALA B C   1 
ATOM   724  O O   . ALA B 2 23 ? 6.099   -0.790  -13.585 1.00 10.11 ? 46  ALA B O   1 
ATOM   725  C CB  . ALA B 2 23 ? 7.422   1.651   -15.270 1.00 10.48 ? 46  ALA B CB  1 
ATOM   726  N N   . ARG B 2 24 ? 6.983   0.754   -12.215 1.00 10.19 ? 47  ARG B N   1 
ATOM   727  C CA  . ARG B 2 24 ? 7.268   -0.212  -11.159 1.00 11.55 ? 47  ARG B CA  1 
ATOM   728  C C   . ARG B 2 24 ? 5.969   -0.745  -10.565 1.00 11.37 ? 47  ARG B C   1 
ATOM   729  O O   . ARG B 2 24 ? 5.863   -1.931  -10.264 1.00 10.82 ? 47  ARG B O   1 
ATOM   730  C CB  . ARG B 2 24 ? 8.125   0.435   -10.061 1.00 11.35 ? 47  ARG B CB  1 
ATOM   731  C CG  . ARG B 2 24 ? 8.656   -0.558  -9.027  1.00 12.20 ? 47  ARG B CG  1 
ATOM   732  C CD  . ARG B 2 24 ? 9.650   -1.542  -9.636  1.00 16.95 ? 47  ARG B CD  1 
ATOM   733  N NE  . ARG B 2 24 ? 10.866  -0.885  -10.112 1.00 19.85 ? 47  ARG B NE  1 
ATOM   734  C CZ  . ARG B 2 24 ? 11.832  -0.413  -9.327  1.00 22.11 ? 47  ARG B CZ  1 
ATOM   735  N NH1 . ARG B 2 24 ? 11.744  -0.517  -8.007  1.00 23.19 ? 47  ARG B NH1 1 
ATOM   736  N NH2 . ARG B 2 24 ? 12.897  0.170   -9.864  1.00 24.21 ? 47  ARG B NH2 1 
ATOM   737  N N   . ILE B 2 25 ? 4.979   0.131   -10.401 1.00 10.33 ? 48  ILE B N   1 
ATOM   738  C CA  . ILE B 2 25 ? 3.687   -0.287  -9.857  1.00 10.51 ? 48  ILE B CA  1 
ATOM   739  C C   . ILE B 2 25 ? 3.048   -1.290  -10.809 1.00 10.60 ? 48  ILE B C   1 
ATOM   740  O O   . ILE B 2 25 ? 2.491   -2.305  -10.388 1.00 10.54 ? 48  ILE B O   1 
ATOM   741  C CB  . ILE B 2 25 ? 2.755   0.938   -9.668  1.00 11.10 ? 48  ILE B CB  1 
ATOM   742  C CG1 . ILE B 2 25 ? 3.246   1.763   -8.479  1.00 10.94 ? 48  ILE B CG1 1 
ATOM   743  C CG2 . ILE B 2 25 ? 1.303   0.491   -9.467  1.00 12.41 ? 48  ILE B CG2 1 
ATOM   744  C CD1 . ILE B 2 25 ? 2.565   3.110   -8.344  1.00 12.58 ? 48  ILE B CD1 1 
ATOM   745  N N   . LYS B 2 26 ? 3.143   -1.011  -12.103 1.00 10.66 ? 49  LYS B N   1 
ATOM   746  C CA  . LYS B 2 26 ? 2.570   -1.898  -13.099 1.00 12.15 ? 49  LYS B CA  1 
ATOM   747  C C   . LYS B 2 26 ? 3.240   -3.268  -13.048 1.00 12.44 ? 49  LYS B C   1 
ATOM   748  O O   . LYS B 2 26 ? 2.580   -4.299  -13.163 1.00 13.21 ? 49  LYS B O   1 
ATOM   749  C CB  . LYS B 2 26 ? 2.729   -1.271  -14.489 1.00 14.27 ? 49  LYS B CB  1 
ATOM   750  C CG  . LYS B 2 26 ? 2.020   -2.012  -15.588 1.00 19.36 ? 49  LYS B CG  1 
ATOM   751  C CD  . LYS B 2 26 ? 1.855   -1.106  -16.795 1.00 20.83 ? 49  LYS B CD  1 
ATOM   752  C CE  . LYS B 2 26 ? 0.758   -1.619  -17.694 1.00 23.17 ? 49  LYS B CE  1 
ATOM   753  N NZ  . LYS B 2 26 ? 0.366   -0.614  -18.713 1.00 24.78 ? 49  LYS B NZ  1 
ATOM   754  N N   . LYS B 2 27 ? 4.553   -3.273  -12.856 1.00 12.95 ? 50  LYS B N   1 
ATOM   755  C CA  . LYS B 2 27 ? 5.311   -4.516  -12.791 1.00 14.11 ? 50  LYS B CA  1 
ATOM   756  C C   . LYS B 2 27 ? 4.859   -5.337  -11.588 1.00 14.63 ? 50  LYS B C   1 
ATOM   757  O O   . LYS B 2 27 ? 4.734   -6.565  -11.668 1.00 15.76 ? 50  LYS B O   1 
ATOM   758  C CB  . LYS B 2 27 ? 6.805   -4.204  -12.689 1.00 15.17 ? 50  LYS B CB  1 
ATOM   759  C CG  . LYS B 2 27 ? 7.712   -5.402  -12.811 1.00 18.80 ? 50  LYS B CG  1 
ATOM   760  C CD  . LYS B 2 27 ? 9.167   -4.966  -12.945 1.00 22.23 ? 50  LYS B CD  1 
ATOM   761  C CE  . LYS B 2 27 ? 10.096  -6.169  -13.007 0.00 20.61 ? 50  LYS B CE  1 
ATOM   762  N NZ  . LYS B 2 27 ? 11.525  -5.767  -13.117 0.00 20.72 ? 50  LYS B NZ  1 
ATOM   763  N N   . ILE B 2 28 ? 4.621   -4.660  -10.468 1.00 13.16 ? 51  ILE B N   1 
ATOM   764  C CA  . ILE B 2 28 ? 4.163   -5.351  -9.266  1.00 12.42 ? 51  ILE B CA  1 
ATOM   765  C C   . ILE B 2 28 ? 2.796   -5.984  -9.516  1.00 13.78 ? 51  ILE B C   1 
ATOM   766  O O   . ILE B 2 28 ? 2.561   -7.137  -9.151  1.00 14.02 ? 51  ILE B O   1 
ATOM   767  C CB  . ILE B 2 28 ? 4.089   -4.384  -8.060  1.00 12.69 ? 51  ILE B CB  1 
ATOM   768  C CG1 . ILE B 2 28 ? 5.499   -3.898  -7.706  1.00 12.03 ? 51  ILE B CG1 1 
ATOM   769  C CG2 . ILE B 2 28 ? 3.463   -5.086  -6.852  1.00 12.91 ? 51  ILE B CG2 1 
ATOM   770  C CD1 . ILE B 2 28 ? 5.527   -2.763  -6.688  1.00 14.29 ? 51  ILE B CD1 1 
ATOM   771  N N   . MET B 2 29 ? 1.896   -5.237  -10.145 1.00 13.57 ? 52  MET B N   1 
ATOM   772  C CA  . MET B 2 29 ? 0.573   -5.767  -10.441 1.00 14.68 ? 52  MET B CA  1 
ATOM   773  C C   . MET B 2 29 ? 0.671   -7.006  -11.319 1.00 15.23 ? 52  MET B C   1 
ATOM   774  O O   . MET B 2 29 ? -0.063  -7.977  -11.122 1.00 16.78 ? 52  MET B O   1 
ATOM   775  C CB  . MET B 2 29 ? -0.282  -4.713  -11.155 1.00 13.06 ? 52  MET B CB  1 
ATOM   776  C CG  . MET B 2 29 ? -0.623  -3.503  -10.298 1.00 13.44 ? 52  MET B CG  1 
ATOM   777  S SD  . MET B 2 29 ? -1.581  -2.271  -11.190 1.00 13.15 ? 52  MET B SD  1 
ATOM   778  C CE  . MET B 2 29 ? -3.169  -3.132  -11.390 1.00 13.58 ? 52  MET B CE  1 
ATOM   779  N N   . LYS B 2 30 ? 1.593   -6.985  -12.277 1.00 15.66 ? 53  LYS B N   1 
ATOM   780  C CA  . LYS B 2 30 ? 1.733   -8.106  -13.192 1.00 16.99 ? 53  LYS B CA  1 
ATOM   781  C C   . LYS B 2 30 ? 2.447   -9.333  -12.651 1.00 19.06 ? 53  LYS B C   1 
ATOM   782  O O   . LYS B 2 30 ? 2.661   -10.301 -13.383 1.00 20.18 ? 53  LYS B O   1 
ATOM   783  C CB  . LYS B 2 30 ? 2.376   -7.641  -14.501 1.00 17.27 ? 53  LYS B CB  1 
ATOM   784  C CG  . LYS B 2 30 ? 1.450   -6.725  -15.283 1.00 17.23 ? 53  LYS B CG  1 
ATOM   785  C CD  . LYS B 2 30 ? 1.843   -6.608  -16.747 1.00 21.02 ? 53  LYS B CD  1 
ATOM   786  C CE  . LYS B 2 30 ? 0.769   -5.844  -17.510 1.00 22.25 ? 53  LYS B CE  1 
ATOM   787  N NZ  . LYS B 2 30 ? 1.028   -5.804  -18.977 1.00 23.17 ? 53  LYS B NZ  1 
ATOM   788  N N   . LEU B 2 31 ? 2.816   -9.307  -11.373 1.00 19.14 ? 54  LEU B N   1 
ATOM   789  C CA  . LEU B 2 31 ? 3.455   -10.477 -10.786 1.00 20.80 ? 54  LEU B CA  1 
ATOM   790  C C   . LEU B 2 31 ? 2.373   -11.555 -10.717 1.00 21.86 ? 54  LEU B C   1 
ATOM   791  O O   . LEU B 2 31 ? 2.667   -12.749 -10.693 1.00 22.76 ? 54  LEU B O   1 
ATOM   792  C CB  . LEU B 2 31 ? 4.004   -10.155 -9.393  1.00 21.93 ? 54  LEU B CB  1 
ATOM   793  C CG  . LEU B 2 31 ? 5.276   -9.297  -9.417  1.00 21.82 ? 54  LEU B CG  1 
ATOM   794  C CD1 . LEU B 2 31 ? 5.707   -8.975  -8.002  1.00 22.43 ? 54  LEU B CD1 1 
ATOM   795  C CD2 . LEU B 2 31 ? 6.385   -10.039 -10.160 1.00 23.01 ? 54  LEU B CD2 1 
ATOM   796  N N   . ASP B 2 32 ? 1.116   -11.117 -10.700 1.00 20.91 ? 55  ASP B N   1 
ATOM   797  C CA  . ASP B 2 32 ? -0.025  -12.029 -10.683 1.00 23.25 ? 55  ASP B CA  1 
ATOM   798  C C   . ASP B 2 32 ? -0.172  -12.500 -12.129 1.00 23.50 ? 55  ASP B C   1 
ATOM   799  O O   . ASP B 2 32 ? -0.492  -11.710 -13.017 1.00 22.86 ? 55  ASP B O   1 
ATOM   800  C CB  . ASP B 2 32 ? -1.293  -11.286 -10.255 1.00 24.87 ? 55  ASP B CB  1 
ATOM   801  C CG  . ASP B 2 32 ? -2.502  -12.204 -10.132 1.00 26.42 ? 55  ASP B CG  1 
ATOM   802  O OD1 . ASP B 2 32 ? -2.616  -13.159 -10.928 1.00 27.09 ? 55  ASP B OD1 1 
ATOM   803  O OD2 . ASP B 2 32 ? -3.349  -11.956 -9.247  1.00 27.47 ? 55  ASP B OD2 1 
ATOM   804  N N   . GLU B 2 33 ? 0.074   -13.785 -12.357 1.00 25.70 ? 56  GLU B N   1 
ATOM   805  C CA  . GLU B 2 33 ? 0.001   -14.376 -13.689 1.00 26.85 ? 56  GLU B CA  1 
ATOM   806  C C   . GLU B 2 33 ? -1.284  -14.079 -14.465 1.00 26.95 ? 56  GLU B C   1 
ATOM   807  O O   . GLU B 2 33 ? -1.255  -13.972 -15.692 1.00 27.77 ? 56  GLU B O   1 
ATOM   808  C CB  . GLU B 2 33 ? 0.195   -15.891 -13.586 0.00 27.07 ? 56  GLU B CB  1 
ATOM   809  C CG  . GLU B 2 33 ? 1.469   -16.297 -12.861 0.00 27.67 ? 56  GLU B CG  1 
ATOM   810  C CD  . GLU B 2 33 ? 1.609   -17.799 -12.715 0.00 27.95 ? 56  GLU B CD  1 
ATOM   811  O OE1 . GLU B 2 33 ? 0.705   -18.429 -12.126 0.00 28.14 ? 56  GLU B OE1 1 
ATOM   812  O OE2 . GLU B 2 33 ? 2.625   -18.351 -13.186 0.00 28.13 ? 56  GLU B OE2 1 
ATOM   813  N N   . ASP B 2 34 ? -2.402  -13.942 -13.756 1.00 26.72 ? 57  ASP B N   1 
ATOM   814  C CA  . ASP B 2 34 ? -3.690  -13.682 -14.400 1.00 26.12 ? 57  ASP B CA  1 
ATOM   815  C C   . ASP B 2 34 ? -3.951  -12.215 -14.740 1.00 25.24 ? 57  ASP B C   1 
ATOM   816  O O   . ASP B 2 34 ? -5.010  -11.878 -15.273 1.00 24.69 ? 57  ASP B O   1 
ATOM   817  C CB  . ASP B 2 34 ? -4.828  -14.216 -13.525 1.00 28.68 ? 57  ASP B CB  1 
ATOM   818  C CG  . ASP B 2 34 ? -4.777  -15.724 -13.363 0.00 29.03 ? 57  ASP B CG  1 
ATOM   819  O OD1 . ASP B 2 34 ? -4.837  -16.436 -14.387 0.00 29.81 ? 57  ASP B OD1 1 
ATOM   820  O OD2 . ASP B 2 34 ? -4.678  -16.198 -12.212 0.00 29.85 ? 57  ASP B OD2 1 
ATOM   821  N N   . VAL B 2 35 ? -2.986  -11.352 -14.436 1.00 23.89 ? 58  VAL B N   1 
ATOM   822  C CA  . VAL B 2 35 ? -3.113  -9.924  -14.720 1.00 22.44 ? 58  VAL B CA  1 
ATOM   823  C C   . VAL B 2 35 ? -2.227  -9.551  -15.905 1.00 22.95 ? 58  VAL B C   1 
ATOM   824  O O   . VAL B 2 35 ? -1.011  -9.400  -15.762 1.00 23.49 ? 58  VAL B O   1 
ATOM   825  C CB  . VAL B 2 35 ? -2.703  -9.083  -13.499 1.00 20.75 ? 58  VAL B CB  1 
ATOM   826  C CG1 . VAL B 2 35 ? -2.755  -7.606  -13.847 1.00 20.72 ? 58  VAL B CG1 1 
ATOM   827  C CG2 . VAL B 2 35 ? -3.626  -9.383  -12.329 1.00 20.07 ? 58  VAL B CG2 1 
ATOM   828  N N   . LYS B 2 36 ? -2.846  -9.395  -17.073 1.00 22.26 ? 59  LYS B N   1 
ATOM   829  C CA  . LYS B 2 36 ? -2.117  -9.072  -18.295 1.00 22.82 ? 59  LYS B CA  1 
ATOM   830  C C   . LYS B 2 36 ? -2.453  -7.708  -18.883 1.00 21.08 ? 59  LYS B C   1 
ATOM   831  O O   . LYS B 2 36 ? -1.641  -7.123  -19.601 1.00 21.90 ? 59  LYS B O   1 
ATOM   832  C CB  . LYS B 2 36 ? -2.381  -10.140 -19.361 1.00 23.24 ? 59  LYS B CB  1 
ATOM   833  C CG  . LYS B 2 36 ? -1.818  -11.519 -19.046 1.00 26.85 ? 59  LYS B CG  1 
ATOM   834  C CD  . LYS B 2 36 ? -2.120  -12.485 -20.183 0.00 25.85 ? 59  LYS B CD  1 
ATOM   835  C CE  . LYS B 2 36 ? -1.537  -13.863 -19.921 0.00 26.25 ? 59  LYS B CE  1 
ATOM   836  N NZ  . LYS B 2 36 ? -1.819  -14.799 -21.045 0.00 26.12 ? 59  LYS B NZ  1 
ATOM   837  N N   . MET B 2 37 ? -3.650  -7.209  -18.598 1.00 19.04 ? 60  MET B N   1 
ATOM   838  C CA  . MET B 2 37 ? -4.065  -5.918  -19.132 1.00 15.63 ? 60  MET B CA  1 
ATOM   839  C C   . MET B 2 37 ? -4.521  -5.012  -18.002 1.00 13.93 ? 60  MET B C   1 
ATOM   840  O O   . MET B 2 37 ? -5.443  -5.332  -17.249 1.00 11.91 ? 60  MET B O   1 
ATOM   841  C CB  . MET B 2 37 ? -5.165  -6.125  -20.168 1.00 16.92 ? 60  MET B CB  1 
ATOM   842  C CG  . MET B 2 37 ? -4.739  -7.096  -21.260 1.00 19.36 ? 60  MET B CG  1 
ATOM   843  S SD  . MET B 2 37 ? -6.045  -7.445  -22.453 1.00 23.76 ? 60  MET B SD  1 
ATOM   844  C CE  . MET B 2 37 ? -6.083  -5.917  -23.294 1.00 18.05 ? 60  MET B CE  1 
ATOM   845  N N   . ILE B 2 38 ? -3.847  -3.875  -17.905 1.00 12.53 ? 61  ILE B N   1 
ATOM   846  C CA  . ILE B 2 38 ? -4.094  -2.900  -16.858 1.00 11.75 ? 61  ILE B CA  1 
ATOM   847  C C   . ILE B 2 38 ? -4.362  -1.527  -17.458 1.00 11.35 ? 61  ILE B C   1 
ATOM   848  O O   . ILE B 2 38 ? -3.611  -1.067  -18.322 1.00 12.95 ? 61  ILE B O   1 
ATOM   849  C CB  . ILE B 2 38 ? -2.858  -2.795  -15.950 1.00 11.57 ? 61  ILE B CB  1 
ATOM   850  C CG1 . ILE B 2 38 ? -2.483  -4.187  -15.425 1.00 13.51 ? 61  ILE B CG1 1 
ATOM   851  C CG2 . ILE B 2 38 ? -3.136  -1.829  -14.811 1.00 10.87 ? 61  ILE B CG2 1 
ATOM   852  C CD1 . ILE B 2 38 ? -1.136  -4.249  -14.719 1.00 12.01 ? 61  ILE B CD1 1 
ATOM   853  N N   . SER B 2 39 ? -5.429  -0.883  -16.999 1.00 10.37 ? 62  SER B N   1 
ATOM   854  C CA  . SER B 2 39 ? -5.796  0.441   -17.479 1.00 10.86 ? 62  SER B CA  1 
ATOM   855  C C   . SER B 2 39 ? -4.687  1.409   -17.110 1.00 10.84 ? 62  SER B C   1 
ATOM   856  O O   . SER B 2 39 ? -3.935  1.174   -16.161 1.00 11.66 ? 62  SER B O   1 
ATOM   857  C CB  . SER B 2 39 ? -7.107  0.897   -16.840 1.00 13.10 ? 62  SER B CB  1 
ATOM   858  O OG  . SER B 2 39 ? -6.932  1.127   -15.449 1.00 14.27 ? 62  SER B OG  1 
ATOM   859  N N   . ALA B 2 40 ? -4.585  2.500   -17.859 1.00 10.37 ? 63  ALA B N   1 
ATOM   860  C CA  . ALA B 2 40 ? -3.558  3.494   -17.593 1.00 11.20 ? 63  ALA B CA  1 
ATOM   861  C C   . ALA B 2 40 ? -3.792  4.160   -16.237 1.00 11.37 ? 63  ALA B C   1 
ATOM   862  O O   . ALA B 2 40 ? -2.843  4.528   -15.542 1.00 12.44 ? 63  ALA B O   1 
ATOM   863  C CB  . ALA B 2 40 ? -3.561  4.537   -18.692 1.00 12.16 ? 63  ALA B CB  1 
ATOM   864  N N   . GLU B 2 41 ? -5.057  4.285   -15.855 1.00 11.08 ? 64  GLU B N   1 
ATOM   865  C CA  . GLU B 2 41 ? -5.411  4.944   -14.597 1.00 12.44 ? 64  GLU B CA  1 
ATOM   866  C C   . GLU B 2 41 ? -5.157  4.131   -13.328 1.00 11.90 ? 64  GLU B C   1 
ATOM   867  O O   . GLU B 2 41 ? -5.006  4.702   -12.246 1.00 11.79 ? 64  GLU B O   1 
ATOM   868  C CB  . GLU B 2 41 ? -6.884  5.364   -14.637 1.00 13.76 ? 64  GLU B CB  1 
ATOM   869  C CG  . GLU B 2 41 ? -7.858  4.199   -14.501 1.00 15.35 ? 64  GLU B CG  1 
ATOM   870  C CD  . GLU B 2 41 ? -9.214  4.482   -15.107 1.00 20.70 ? 64  GLU B CD  1 
ATOM   871  O OE1 . GLU B 2 41 ? -9.566  5.672   -15.282 1.00 21.52 ? 64  GLU B OE1 1 
ATOM   872  O OE2 . GLU B 2 41 ? -9.938  3.507   -15.394 1.00 18.45 ? 64  GLU B OE2 1 
ATOM   873  N N   . ALA B 2 42 ? -5.094  2.808   -13.444 1.00 10.39 ? 65  ALA B N   1 
ATOM   874  C CA  . ALA B 2 42 ? -4.899  1.990   -12.245 1.00 10.41 ? 65  ALA B CA  1 
ATOM   875  C C   . ALA B 2 42 ? -3.607  2.299   -11.481 1.00 10.51 ? 65  ALA B C   1 
ATOM   876  O O   . ALA B 2 42 ? -3.632  2.449   -10.257 1.00 8.93  ? 65  ALA B O   1 
ATOM   877  C CB  . ALA B 2 42 ? -4.971  0.494   -12.602 1.00 12.31 ? 65  ALA B CB  1 
ATOM   878  N N   . PRO B 2 43 ? -2.462  2.386   -12.180 1.00 9.88  ? 66  PRO B N   1 
ATOM   879  C CA  . PRO B 2 43 ? -1.220  2.686   -11.459 1.00 10.45 ? 66  PRO B CA  1 
ATOM   880  C C   . PRO B 2 43 ? -1.239  4.063   -10.790 1.00 9.89  ? 66  PRO B C   1 
ATOM   881  O O   . PRO B 2 43 ? -0.604  4.263   -9.753  1.00 10.92 ? 66  PRO B O   1 
ATOM   882  C CB  . PRO B 2 43 ? -0.153  2.569   -12.546 1.00 11.29 ? 66  PRO B CB  1 
ATOM   883  C CG  . PRO B 2 43 ? -0.726  1.491   -13.436 1.00 11.45 ? 66  PRO B CG  1 
ATOM   884  C CD  . PRO B 2 43 ? -2.170  1.939   -13.555 1.00 10.65 ? 66  PRO B CD  1 
ATOM   885  N N   . VAL B 2 44 ? -1.964  5.007   -11.383 1.00 9.08  ? 67  VAL B N   1 
ATOM   886  C CA  . VAL B 2 44 ? -2.072  6.351   -10.815 1.00 9.33  ? 67  VAL B CA  1 
ATOM   887  C C   . VAL B 2 44 ? -2.786  6.260   -9.466  1.00 9.68  ? 67  VAL B C   1 
ATOM   888  O O   . VAL B 2 44 ? -2.359  6.861   -8.475  1.00 10.01 ? 67  VAL B O   1 
ATOM   889  C CB  . VAL B 2 44 ? -2.865  7.284   -11.747 1.00 9.03  ? 67  VAL B CB  1 
ATOM   890  C CG1 . VAL B 2 44 ? -3.027  8.665   -11.099 1.00 11.10 ? 67  VAL B CG1 1 
ATOM   891  C CG2 . VAL B 2 44 ? -2.137  7.399   -13.096 1.00 10.48 ? 67  VAL B CG2 1 
ATOM   892  N N   . LEU B 2 45 ? -3.874  5.499   -9.430  1.00 9.72  ? 68  LEU B N   1 
ATOM   893  C CA  . LEU B 2 45 ? -4.614  5.322   -8.190  1.00 9.21  ? 68  LEU B CA  1 
ATOM   894  C C   . LEU B 2 45 ? -3.714  4.652   -7.147  1.00 9.94  ? 68  LEU B C   1 
ATOM   895  O O   . LEU B 2 45 ? -3.722  5.039   -5.974  1.00 9.72  ? 68  LEU B O   1 
ATOM   896  C CB  . LEU B 2 45 ? -5.871  4.471   -8.436  1.00 10.22 ? 68  LEU B CB  1 
ATOM   897  C CG  . LEU B 2 45 ? -6.956  5.130   -9.295  1.00 10.49 ? 68  LEU B CG  1 
ATOM   898  C CD1 . LEU B 2 45 ? -7.996  4.090   -9.694  1.00 11.62 ? 68  LEU B CD1 1 
ATOM   899  C CD2 . LEU B 2 45 ? -7.607  6.272   -8.523  1.00 12.97 ? 68  LEU B CD2 1 
ATOM   900  N N   . PHE B 2 46 ? -2.919  3.668   -7.567  1.00 9.51  ? 69  PHE B N   1 
ATOM   901  C CA  . PHE B 2 46 ? -2.047  2.983   -6.617  1.00 9.66  ? 69  PHE B CA  1 
ATOM   902  C C   . PHE B 2 46 ? -0.921  3.871   -6.101  1.00 9.80  ? 69  PHE B C   1 
ATOM   903  O O   . PHE B 2 46 ? -0.473  3.696   -4.973  1.00 9.42  ? 69  PHE B O   1 
ATOM   904  C CB  . PHE B 2 46 ? -1.455  1.707   -7.228  1.00 9.16  ? 69  PHE B CB  1 
ATOM   905  C CG  . PHE B 2 46 ? -2.319  0.487   -7.054  1.00 8.91  ? 69  PHE B CG  1 
ATOM   906  C CD1 . PHE B 2 46 ? -2.643  -0.309  -8.144  1.00 10.37 ? 69  PHE B CD1 1 
ATOM   907  C CD2 . PHE B 2 46 ? -2.768  0.108   -5.789  1.00 10.46 ? 69  PHE B CD2 1 
ATOM   908  C CE1 . PHE B 2 46 ? -3.400  -1.472  -7.983  1.00 13.11 ? 69  PHE B CE1 1 
ATOM   909  C CE2 . PHE B 2 46 ? -3.529  -1.059  -5.616  1.00 10.18 ? 69  PHE B CE2 1 
ATOM   910  C CZ  . PHE B 2 46 ? -3.843  -1.848  -6.715  1.00 13.42 ? 69  PHE B CZ  1 
ATOM   911  N N   . ALA B 2 47 ? -0.461  4.820   -6.912  1.00 9.76  ? 70  ALA B N   1 
ATOM   912  C CA  . ALA B 2 47 ? 0.609   5.704   -6.462  1.00 10.74 ? 70  ALA B CA  1 
ATOM   913  C C   . ALA B 2 47 ? 0.128   6.482   -5.236  1.00 10.55 ? 70  ALA B C   1 
ATOM   914  O O   . ALA B 2 47 ? 0.854   6.605   -4.250  1.00 10.64 ? 70  ALA B O   1 
ATOM   915  C CB  . ALA B 2 47 ? 1.015   6.664   -7.583  1.00 10.42 ? 70  ALA B CB  1 
ATOM   916  N N   . LYS B 2 48 ? -1.098  6.998   -5.292  1.00 10.19 ? 71  LYS B N   1 
ATOM   917  C CA  . LYS B 2 48 ? -1.644  7.748   -4.160  1.00 10.73 ? 71  LYS B CA  1 
ATOM   918  C C   . LYS B 2 48 ? -1.983  6.806   -3.012  1.00 10.70 ? 71  LYS B C   1 
ATOM   919  O O   . LYS B 2 48 ? -1.736  7.126   -1.840  1.00 11.20 ? 71  LYS B O   1 
ATOM   920  C CB  . LYS B 2 48 ? -2.897  8.523   -4.579  1.00 10.81 ? 71  LYS B CB  1 
ATOM   921  C CG  . LYS B 2 48 ? -3.564  9.309   -3.444  1.00 12.07 ? 71  LYS B CG  1 
ATOM   922  C CD  . LYS B 2 48 ? -2.632  10.346  -2.854  1.00 15.40 ? 71  LYS B CD  1 
ATOM   923  C CE  . LYS B 2 48 ? -3.313  11.113  -1.727  1.00 18.90 ? 71  LYS B CE  1 
ATOM   924  N NZ  . LYS B 2 48 ? -2.387  12.108  -1.116  1.00 21.68 ? 71  LYS B NZ  1 
ATOM   925  N N   . ALA B 2 49 ? -2.535  5.639   -3.347  1.00 8.23  ? 72  ALA B N   1 
ATOM   926  C CA  . ALA B 2 49 ? -2.903  4.652   -2.333  1.00 8.31  ? 72  ALA B CA  1 
ATOM   927  C C   . ALA B 2 49 ? -1.669  4.203   -1.563  1.00 9.22  ? 72  ALA B C   1 
ATOM   928  O O   . ALA B 2 49 ? -1.714  4.034   -0.342  1.00 9.14  ? 72  ALA B O   1 
ATOM   929  C CB  . ALA B 2 49 ? -3.581  3.449   -2.979  1.00 8.72  ? 72  ALA B CB  1 
ATOM   930  N N   . ALA B 2 50 ? -0.561  4.013   -2.273  1.00 9.26  ? 73  ALA B N   1 
ATOM   931  C CA  . ALA B 2 50 ? 0.673   3.591   -1.615  1.00 10.62 ? 73  ALA B CA  1 
ATOM   932  C C   . ALA B 2 50 ? 1.132   4.636   -0.603  1.00 10.05 ? 73  ALA B C   1 
ATOM   933  O O   . ALA B 2 50 ? 1.609   4.297   0.479   1.00 11.11 ? 73  ALA B O   1 
ATOM   934  C CB  . ALA B 2 50 ? 1.759   3.347   -2.647  1.00 10.66 ? 73  ALA B CB  1 
ATOM   935  N N   . GLN B 2 51 ? 0.979   5.912   -0.944  1.00 10.33 ? 74  GLN B N   1 
ATOM   936  C CA  . GLN B 2 51 ? 1.376   6.979   -0.034  1.00 11.27 ? 74  GLN B CA  1 
ATOM   937  C C   . GLN B 2 51 ? 0.500   6.950   1.223   1.00 11.13 ? 74  GLN B C   1 
ATOM   938  O O   . GLN B 2 51 ? 0.999   7.048   2.349   1.00 11.76 ? 74  GLN B O   1 
ATOM   939  C CB  . GLN B 2 51 ? 1.242   8.334   -0.723  1.00 14.69 ? 74  GLN B CB  1 
ATOM   940  C CG  . GLN B 2 51 ? 1.581   9.501   0.177   1.00 22.24 ? 74  GLN B CG  1 
ATOM   941  C CD  . GLN B 2 51 ? 0.593   10.633  0.031   1.00 27.57 ? 74  GLN B CD  1 
ATOM   942  O OE1 . GLN B 2 51 ? -0.580  10.496  0.383   1.00 31.29 ? 74  GLN B OE1 1 
ATOM   943  N NE2 . GLN B 2 51 ? 1.058   11.760  -0.493  1.00 31.27 ? 74  GLN B NE2 1 
ATOM   944  N N   . ILE B 2 52 ? -0.807  6.820   1.031   1.00 9.04  ? 75  ILE B N   1 
ATOM   945  C CA  . ILE B 2 52 ? -1.726  6.774   2.164   1.00 8.85  ? 75  ILE B CA  1 
ATOM   946  C C   . ILE B 2 52 ? -1.419  5.574   3.060   1.00 9.62  ? 75  ILE B C   1 
ATOM   947  O O   . ILE B 2 52 ? -1.357  5.695   4.289   1.00 9.20  ? 75  ILE B O   1 
ATOM   948  C CB  . ILE B 2 52 ? -3.181  6.666   1.677   1.00 9.57  ? 75  ILE B CB  1 
ATOM   949  C CG1 . ILE B 2 52 ? -3.572  7.950   0.945   1.00 9.42  ? 75  ILE B CG1 1 
ATOM   950  C CG2 . ILE B 2 52 ? -4.116  6.410   2.851   1.00 10.37 ? 75  ILE B CG2 1 
ATOM   951  C CD1 . ILE B 2 52 ? -4.927  7.857   0.259   1.00 11.48 ? 75  ILE B CD1 1 
ATOM   952  N N   . PHE B 2 53 ? -1.227  4.419   2.434   1.00 8.03  ? 76  PHE B N   1 
ATOM   953  C CA  . PHE B 2 53 ? -0.929  3.176   3.152   1.00 8.07  ? 76  PHE B CA  1 
ATOM   954  C C   . PHE B 2 53 ? 0.383   3.239   3.941   1.00 8.12  ? 76  PHE B C   1 
ATOM   955  O O   . PHE B 2 53 ? 0.428   2.907   5.131   1.00 8.04  ? 76  PHE B O   1 
ATOM   956  C CB  . PHE B 2 53 ? -0.874  2.024   2.145   1.00 8.91  ? 76  PHE B CB  1 
ATOM   957  C CG  . PHE B 2 53 ? -0.491  0.700   2.746   1.00 9.42  ? 76  PHE B CG  1 
ATOM   958  C CD1 . PHE B 2 53 ? -1.414  -0.051  3.472   1.00 11.36 ? 76  PHE B CD1 1 
ATOM   959  C CD2 . PHE B 2 53 ? 0.790   0.197   2.570   1.00 10.57 ? 76  PHE B CD2 1 
ATOM   960  C CE1 . PHE B 2 53 ? -1.055  -1.292  4.006   1.00 11.07 ? 76  PHE B CE1 1 
ATOM   961  C CE2 . PHE B 2 53 ? 1.160   -1.040  3.100   1.00 10.39 ? 76  PHE B CE2 1 
ATOM   962  C CZ  . PHE B 2 53 ? 0.232   -1.785  3.819   1.00 11.24 ? 76  PHE B CZ  1 
ATOM   963  N N   . ILE B 2 54 ? 1.457   3.656   3.282   1.00 7.70  ? 77  ILE B N   1 
ATOM   964  C CA  . ILE B 2 54 ? 2.745   3.751   3.954   1.00 7.17  ? 77  ILE B CA  1 
ATOM   965  C C   . ILE B 2 54 ? 2.635   4.685   5.155   1.00 8.95  ? 77  ILE B C   1 
ATOM   966  O O   . ILE B 2 54 ? 3.158   4.389   6.229   1.00 8.90  ? 77  ILE B O   1 
ATOM   967  C CB  . ILE B 2 54 ? 3.840   4.263   2.989   1.00 7.04  ? 77  ILE B CB  1 
ATOM   968  C CG1 . ILE B 2 54 ? 4.113   3.194   1.925   1.00 7.54  ? 77  ILE B CG1 1 
ATOM   969  C CG2 . ILE B 2 54 ? 5.125   4.593   3.768   1.00 8.65  ? 77  ILE B CG2 1 
ATOM   970  C CD1 . ILE B 2 54 ? 4.890   3.725   0.705   1.00 7.98  ? 77  ILE B CD1 1 
ATOM   971  N N   . THR B 2 55 ? 1.950   5.810   4.981   1.00 8.07  ? 78  THR B N   1 
ATOM   972  C CA  . THR B 2 55 ? 1.797   6.760   6.077   1.00 7.94  ? 78  THR B CA  1 
ATOM   973  C C   . THR B 2 55 ? 1.060   6.158   7.278   1.00 6.93  ? 78  THR B C   1 
ATOM   974  O O   . THR B 2 55 ? 1.540   6.245   8.410   1.00 8.02  ? 78  THR B O   1 
ATOM   975  C CB  . THR B 2 55 ? 1.050   8.023   5.606   1.00 7.61  ? 78  THR B CB  1 
ATOM   976  O OG1 . THR B 2 55 ? 1.833   8.677   4.602   1.00 8.96  ? 78  THR B OG1 1 
ATOM   977  C CG2 . THR B 2 55 ? 0.801   8.984   6.772   1.00 8.56  ? 78  THR B CG2 1 
ATOM   978  N N   . GLU B 2 56 ? -0.089  5.538   7.039   1.00 8.45  ? 79  GLU B N   1 
ATOM   979  C CA  . GLU B 2 56 ? -0.863  4.969   8.139   1.00 8.41  ? 79  GLU B CA  1 
ATOM   980  C C   . GLU B 2 56 ? -0.123  3.805   8.799   1.00 9.37  ? 79  GLU B C   1 
ATOM   981  O O   . GLU B 2 56 ? -0.138  3.668   10.029  1.00 8.75  ? 79  GLU B O   1 
ATOM   982  C CB  . GLU B 2 56 ? -2.242  4.517   7.635   1.00 10.53 ? 79  GLU B CB  1 
ATOM   983  C CG  . GLU B 2 56 ? -3.222  4.033   8.717   1.00 10.13 ? 79  GLU B CG  1 
ATOM   984  C CD  . GLU B 2 56 ? -3.761  5.139   9.621   1.00 9.86  ? 79  GLU B CD  1 
ATOM   985  O OE1 . GLU B 2 56 ? -3.710  6.340   9.252   1.00 10.21 ? 79  GLU B OE1 1 
ATOM   986  O OE2 . GLU B 2 56 ? -4.265  4.800   10.714  1.00 11.32 ? 79  GLU B OE2 1 
ATOM   987  N N   . LEU B 2 57 ? 0.526   2.972   7.988   1.00 7.25  ? 80  LEU B N   1 
ATOM   988  C CA  . LEU B 2 57 ? 1.255   1.824   8.525   1.00 8.18  ? 80  LEU B CA  1 
ATOM   989  C C   . LEU B 2 57 ? 2.419   2.285   9.388   1.00 8.23  ? 80  LEU B C   1 
ATOM   990  O O   . LEU B 2 57 ? 2.665   1.736   10.466  1.00 8.58  ? 80  LEU B O   1 
ATOM   991  C CB  . LEU B 2 57 ? 1.775   0.926   7.388   1.00 9.24  ? 80  LEU B CB  1 
ATOM   992  C CG  . LEU B 2 57 ? 2.617   -0.288  7.821   1.00 7.88  ? 80  LEU B CG  1 
ATOM   993  C CD1 . LEU B 2 57 ? 1.793   -1.211  8.713   1.00 9.30  ? 80  LEU B CD1 1 
ATOM   994  C CD2 . LEU B 2 57 ? 3.080   -1.055  6.574   1.00 9.71  ? 80  LEU B CD2 1 
ATOM   995  N N   . THR B 2 58 ? 3.130   3.305   8.917   1.00 8.83  ? 81  THR B N   1 
ATOM   996  C CA  . THR B 2 58 ? 4.278   3.833   9.646   1.00 8.10  ? 81  THR B CA  1 
ATOM   997  C C   . THR B 2 58 ? 3.839   4.484   10.949  1.00 9.39  ? 81  THR B C   1 
ATOM   998  O O   . THR B 2 58 ? 4.435   4.251   11.996  1.00 8.39  ? 81  THR B O   1 
ATOM   999  C CB  . THR B 2 58 ? 5.050   4.870   8.806   1.00 9.74  ? 81  THR B CB  1 
ATOM   1000 O OG1 . THR B 2 58 ? 5.535   4.246   7.608   1.00 9.43  ? 81  THR B OG1 1 
ATOM   1001 C CG2 . THR B 2 58 ? 6.235   5.416   9.584   1.00 10.77 ? 81  THR B CG2 1 
ATOM   1002 N N   . LEU B 2 59 ? 2.805   5.313   10.867  1.00 8.17  ? 82  LEU B N   1 
ATOM   1003 C CA  . LEU B 2 59 ? 2.264   5.981   12.042  1.00 8.51  ? 82  LEU B CA  1 
ATOM   1004 C C   . LEU B 2 59 ? 1.872   4.934   13.087  1.00 10.23 ? 82  LEU B C   1 
ATOM   1005 O O   . LEU B 2 59 ? 2.180   5.073   14.280  1.00 9.58  ? 82  LEU B O   1 
ATOM   1006 C CB  . LEU B 2 59 ? 1.033   6.803   11.637  1.00 10.77 ? 82  LEU B CB  1 
ATOM   1007 C CG  . LEU B 2 59 ? 0.246   7.562   12.703  1.00 13.12 ? 82  LEU B CG  1 
ATOM   1008 C CD1 . LEU B 2 59 ? -0.704  8.536   11.991  1.00 15.24 ? 82  LEU B CD1 1 
ATOM   1009 C CD2 . LEU B 2 59 ? -0.537  6.617   13.600  1.00 14.92 ? 82  LEU B CD2 1 
ATOM   1010 N N   . ARG B 2 60 ? 1.199   3.879   12.649  1.00 8.04  ? 83  ARG B N   1 
ATOM   1011 C CA  . ARG B 2 60 ? 0.770   2.857   13.594  1.00 7.30  ? 83  ARG B CA  1 
ATOM   1012 C C   . ARG B 2 60 ? 1.934   2.063   14.186  1.00 7.79  ? 83  ARG B C   1 
ATOM   1013 O O   . ARG B 2 60 ? 1.891   1.688   15.360  1.00 8.57  ? 83  ARG B O   1 
ATOM   1014 C CB  . ARG B 2 60 ? -0.275  1.944   12.939  1.00 7.49  ? 83  ARG B CB  1 
ATOM   1015 C CG  . ARG B 2 60 ? -1.626  2.646   12.825  1.00 6.28  ? 83  ARG B CG  1 
ATOM   1016 C CD  . ARG B 2 60 ? -2.658  1.821   12.067  1.00 7.81  ? 83  ARG B CD  1 
ATOM   1017 N NE  . ARG B 2 60 ? -3.980  2.447   12.164  1.00 9.09  ? 83  ARG B NE  1 
ATOM   1018 C CZ  . ARG B 2 60 ? -4.878  2.161   13.103  1.00 10.80 ? 83  ARG B CZ  1 
ATOM   1019 N NH1 . ARG B 2 60 ? -4.609  1.249   14.031  1.00 10.89 ? 83  ARG B NH1 1 
ATOM   1020 N NH2 . ARG B 2 60 ? -6.049  2.791   13.119  1.00 11.57 ? 83  ARG B NH2 1 
ATOM   1021 N N   . ALA B 2 61 ? 2.979   1.834   13.400  1.00 6.74  ? 84  ALA B N   1 
ATOM   1022 C CA  . ALA B 2 61 ? 4.133   1.102   13.911  1.00 7.71  ? 84  ALA B CA  1 
ATOM   1023 C C   . ALA B 2 61 ? 4.828   1.969   14.959  1.00 8.13  ? 84  ALA B C   1 
ATOM   1024 O O   . ALA B 2 61 ? 5.272   1.474   16.001  1.00 8.48  ? 84  ALA B O   1 
ATOM   1025 C CB  . ALA B 2 61 ? 5.095   0.782   12.774  1.00 9.67  ? 84  ALA B CB  1 
ATOM   1026 N N   . TRP B 2 62 ? 4.899   3.270   14.682  1.00 8.25  ? 85  TRP B N   1 
ATOM   1027 C CA  . TRP B 2 62 ? 5.562   4.213   15.575  1.00 8.44  ? 85  TRP B CA  1 
ATOM   1028 C C   . TRP B 2 62 ? 4.896   4.283   16.949  1.00 8.40  ? 85  TRP B C   1 
ATOM   1029 O O   . TRP B 2 62 ? 5.542   4.643   17.938  1.00 9.84  ? 85  TRP B O   1 
ATOM   1030 C CB  . TRP B 2 62 ? 5.632   5.597   14.921  1.00 7.72  ? 85  TRP B CB  1 
ATOM   1031 C CG  . TRP B 2 62 ? 6.444   6.590   15.712  1.00 9.62  ? 85  TRP B CG  1 
ATOM   1032 C CD1 . TRP B 2 62 ? 5.963   7.562   16.532  1.00 9.91  ? 85  TRP B CD1 1 
ATOM   1033 C CD2 . TRP B 2 62 ? 7.876   6.663   15.794  1.00 10.41 ? 85  TRP B CD2 1 
ATOM   1034 N NE1 . TRP B 2 62 ? 7.006   8.242   17.131  1.00 10.50 ? 85  TRP B NE1 1 
ATOM   1035 C CE2 . TRP B 2 62 ? 8.190   7.709   16.694  1.00 10.95 ? 85  TRP B CE2 1 
ATOM   1036 C CE3 . TRP B 2 62 ? 8.925   5.946   15.200  1.00 9.79  ? 85  TRP B CE3 1 
ATOM   1037 C CZ2 . TRP B 2 62 ? 9.514   8.059   17.016  1.00 10.80 ? 85  TRP B CZ2 1 
ATOM   1038 C CZ3 . TRP B 2 62 ? 10.247  6.293   15.523  1.00 11.55 ? 85  TRP B CZ3 1 
ATOM   1039 C CH2 . TRP B 2 62 ? 10.524  7.339   16.422  1.00 11.34 ? 85  TRP B CH2 1 
ATOM   1040 N N   . ILE B 2 63 ? 3.614   3.930   17.022  1.00 7.53  ? 86  ILE B N   1 
ATOM   1041 C CA  . ILE B 2 63 ? 2.926   3.921   18.311  1.00 7.82  ? 86  ILE B CA  1 
ATOM   1042 C C   . ILE B 2 63 ? 3.667   2.956   19.237  1.00 8.33  ? 86  ILE B C   1 
ATOM   1043 O O   . ILE B 2 63 ? 3.878   3.244   20.411  1.00 9.32  ? 86  ILE B O   1 
ATOM   1044 C CB  . ILE B 2 63 ? 1.462   3.449   18.165  1.00 8.60  ? 86  ILE B CB  1 
ATOM   1045 C CG1 . ILE B 2 63 ? 0.646   4.520   17.436  1.00 8.97  ? 86  ILE B CG1 1 
ATOM   1046 C CG2 . ILE B 2 63 ? 0.854   3.158   19.542  1.00 10.23 ? 86  ILE B CG2 1 
ATOM   1047 C CD1 . ILE B 2 63 ? -0.723  4.038   16.974  1.00 11.43 ? 86  ILE B CD1 1 
ATOM   1048 N N   . HIS B 2 64 ? 4.060   1.808   18.695  1.00 7.86  ? 87  HIS B N   1 
ATOM   1049 C CA  . HIS B 2 64 ? 4.761   0.813   19.484  1.00 7.99  ? 87  HIS B CA  1 
ATOM   1050 C C   . HIS B 2 64 ? 6.222   1.189   19.704  1.00 8.62  ? 87  HIS B C   1 
ATOM   1051 O O   . HIS B 2 64 ? 6.816   0.838   20.734  1.00 9.84  ? 87  HIS B O   1 
ATOM   1052 C CB  . HIS B 2 64 ? 4.568   -0.553  18.817  1.00 7.17  ? 87  HIS B CB  1 
ATOM   1053 C CG  . HIS B 2 64 ? 3.122   -0.896  18.635  1.00 7.96  ? 87  HIS B CG  1 
ATOM   1054 N ND1 . HIS B 2 64 ? 2.268   -1.080  19.703  1.00 7.89  ? 87  HIS B ND1 1 
ATOM   1055 C CD2 . HIS B 2 64 ? 2.347   -0.931  17.526  1.00 8.23  ? 87  HIS B CD2 1 
ATOM   1056 C CE1 . HIS B 2 64 ? 1.029   -1.199  19.258  1.00 9.94  ? 87  HIS B CE1 1 
ATOM   1057 N NE2 . HIS B 2 64 ? 1.050   -1.108  17.939  1.00 8.57  ? 87  HIS B NE2 1 
ATOM   1058 N N   . THR B 2 65 ? 6.795   1.942   18.767  1.00 8.44  ? 88  THR B N   1 
ATOM   1059 C CA  . THR B 2 65 ? 8.174   2.387   18.921  1.00 8.81  ? 88  THR B CA  1 
ATOM   1060 C C   . THR B 2 65 ? 8.203   3.299   20.148  1.00 9.46  ? 88  THR B C   1 
ATOM   1061 O O   . THR B 2 65 ? 9.046   3.144   21.034  1.00 9.36  ? 88  THR B O   1 
ATOM   1062 C CB  . THR B 2 65 ? 8.649   3.201   17.707  1.00 9.13  ? 88  THR B CB  1 
ATOM   1063 O OG1 . THR B 2 65 ? 8.452   2.438   16.509  1.00 8.92  ? 88  THR B OG1 1 
ATOM   1064 C CG2 . THR B 2 65 ? 10.128  3.542   17.850  1.00 8.65  ? 88  THR B CG2 1 
ATOM   1065 N N   . GLU B 2 66 ? 7.253   4.230   20.207  1.00 8.78  ? 89  GLU B N   1 
ATOM   1066 C CA  . GLU B 2 66 ? 7.185   5.167   21.324  1.00 9.85  ? 89  GLU B CA  1 
ATOM   1067 C C   . GLU B 2 66 ? 6.826   4.478   22.629  1.00 11.65 ? 89  GLU B C   1 
ATOM   1068 O O   . GLU B 2 66 ? 7.343   4.845   23.691  1.00 12.80 ? 89  GLU B O   1 
ATOM   1069 C CB  . GLU B 2 66 ? 6.180   6.291   21.039  1.00 11.41 ? 89  GLU B CB  1 
ATOM   1070 C CG  . GLU B 2 66 ? 6.731   7.373   20.119  1.00 16.34 ? 89  GLU B CG  1 
ATOM   1071 C CD  . GLU B 2 66 ? 5.954   8.685   20.194  1.00 15.43 ? 89  GLU B CD  1 
ATOM   1072 O OE1 . GLU B 2 66 ? 5.025   8.800   21.036  1.00 16.38 ? 89  GLU B OE1 1 
ATOM   1073 O OE2 . GLU B 2 66 ? 6.280   9.607   19.414  1.00 16.45 ? 89  GLU B OE2 1 
ATOM   1074 N N   . ASP B 2 67 ? 5.951   3.481   22.559  1.00 10.86 ? 90  ASP B N   1 
ATOM   1075 C CA  . ASP B 2 67 ? 5.548   2.760   23.766  1.00 12.73 ? 90  ASP B CA  1 
ATOM   1076 C C   . ASP B 2 67 ? 6.763   2.101   24.405  1.00 13.19 ? 90  ASP B C   1 
ATOM   1077 O O   . ASP B 2 67 ? 6.813   1.920   25.625  1.00 15.49 ? 90  ASP B O   1 
ATOM   1078 C CB  . ASP B 2 67 ? 4.481   1.713   23.427  1.00 12.62 ? 90  ASP B CB  1 
ATOM   1079 C CG  . ASP B 2 67 ? 3.869   1.071   24.665  1.00 12.41 ? 90  ASP B CG  1 
ATOM   1080 O OD1 . ASP B 2 67 ? 3.633   1.789   25.660  1.00 14.25 ? 90  ASP B OD1 1 
ATOM   1081 O OD2 . ASP B 2 67 ? 3.609   -0.148  24.629  1.00 13.74 ? 90  ASP B OD2 1 
ATOM   1082 N N   . ASN B 2 68 ? 7.741   1.746   23.579  1.00 11.67 ? 91  ASN B N   1 
ATOM   1083 C CA  . ASN B 2 68 ? 8.964   1.114   24.062  1.00 12.53 ? 91  ASN B CA  1 
ATOM   1084 C C   . ASN B 2 68 ? 10.064  2.130   24.320  1.00 12.83 ? 91  ASN B C   1 
ATOM   1085 O O   . ASN B 2 68 ? 11.219  1.760   24.564  1.00 13.40 ? 91  ASN B O   1 
ATOM   1086 C CB  . ASN B 2 68 ? 9.444   0.070   23.061  1.00 12.82 ? 91  ASN B CB  1 
ATOM   1087 C CG  . ASN B 2 68 ? 8.632   -1.201  23.132  1.00 15.98 ? 91  ASN B CG  1 
ATOM   1088 O OD1 . ASN B 2 68 ? 8.753   -1.969  24.085  1.00 16.65 ? 91  ASN B OD1 1 
ATOM   1089 N ND2 . ASN B 2 68 ? 7.780   -1.421  22.135  1.00 14.72 ? 91  ASN B ND2 1 
ATOM   1090 N N   . LYS B 2 69 ? 9.696   3.405   24.256  1.00 11.91 ? 92  LYS B N   1 
ATOM   1091 C CA  . LYS B 2 69 ? 10.626  4.502   24.499  1.00 13.82 ? 92  LYS B CA  1 
ATOM   1092 C C   . LYS B 2 69 ? 11.850  4.452   23.593  1.00 14.52 ? 92  LYS B C   1 
ATOM   1093 O O   . LYS B 2 69 ? 12.957  4.844   23.988  1.00 13.27 ? 92  LYS B O   1 
ATOM   1094 C CB  . LYS B 2 69 ? 11.051  4.494   25.971  1.00 14.99 ? 92  LYS B CB  1 
ATOM   1095 C CG  . LYS B 2 69 ? 9.873   4.482   26.929  1.00 19.91 ? 92  LYS B CG  1 
ATOM   1096 C CD  . LYS B 2 69 ? 9.077   5.772   26.848  1.00 22.86 ? 92  LYS B CD  1 
ATOM   1097 C CE  . LYS B 2 69 ? 7.965   5.792   27.892  1.00 26.47 ? 92  LYS B CE  1 
ATOM   1098 N NZ  . LYS B 2 69 ? 7.318   7.131   27.961  1.00 28.02 ? 92  LYS B NZ  1 
ATOM   1099 N N   . ARG B 2 70 ? 11.650  3.958   22.375  1.00 11.96 ? 93  ARG B N   1 
ATOM   1100 C CA  . ARG B 2 70 ? 12.723  3.885   21.392  1.00 11.20 ? 93  ARG B CA  1 
ATOM   1101 C C   . ARG B 2 70 ? 12.590  5.009   20.381  1.00 12.01 ? 93  ARG B C   1 
ATOM   1102 O O   . ARG B 2 70 ? 11.526  5.621   20.247  1.00 12.03 ? 93  ARG B O   1 
ATOM   1103 C CB  . ARG B 2 70 ? 12.704  2.542   20.652  1.00 12.23 ? 93  ARG B CB  1 
ATOM   1104 C CG  . ARG B 2 70 ? 13.451  1.426   21.377  1.00 13.05 ? 93  ARG B CG  1 
ATOM   1105 C CD  . ARG B 2 70 ? 13.575  0.169   20.513  1.00 12.98 ? 93  ARG B CD  1 
ATOM   1106 N NE  . ARG B 2 70 ? 12.364  -0.642  20.540  1.00 14.83 ? 93  ARG B NE  1 
ATOM   1107 C CZ  . ARG B 2 70 ? 11.411  -0.622  19.612  1.00 13.19 ? 93  ARG B CZ  1 
ATOM   1108 N NH1 . ARG B 2 70 ? 10.350  -1.400  19.752  1.00 12.69 ? 93  ARG B NH1 1 
ATOM   1109 N NH2 . ARG B 2 70 ? 11.520  0.162   18.542  1.00 13.66 ? 93  ARG B NH2 1 
ATOM   1110 N N   . ARG B 2 71 ? 13.678  5.284   19.668  1.00 12.92 ? 94  ARG B N   1 
ATOM   1111 C CA  . ARG B 2 71 ? 13.667  6.332   18.662  1.00 13.35 ? 94  ARG B CA  1 
ATOM   1112 C C   . ARG B 2 71 ? 13.843  5.749   17.272  1.00 13.33 ? 94  ARG B C   1 
ATOM   1113 O O   . ARG B 2 71 ? 13.826  6.479   16.287  1.00 13.14 ? 94  ARG B O   1 
ATOM   1114 C CB  . ARG B 2 71 ? 14.773  7.355   18.938  1.00 14.67 ? 94  ARG B CB  1 
ATOM   1115 C CG  . ARG B 2 71 ? 14.656  8.021   20.296  1.00 16.72 ? 94  ARG B CG  1 
ATOM   1116 C CD  . ARG B 2 71 ? 13.304  8.694   20.456  1.00 19.10 ? 94  ARG B CD  1 
ATOM   1117 N NE  . ARG B 2 71 ? 13.138  9.807   19.522  1.00 20.00 ? 94  ARG B NE  1 
ATOM   1118 C CZ  . ARG B 2 71 ? 12.013  10.506  19.391  1.00 21.11 ? 94  ARG B CZ  1 
ATOM   1119 N NH1 . ARG B 2 71 ? 10.954  10.207  20.129  1.00 21.49 ? 94  ARG B NH1 1 
ATOM   1120 N NH2 . ARG B 2 71 ? 11.951  11.504  18.525  1.00 20.59 ? 94  ARG B NH2 1 
ATOM   1121 N N   . THR B 2 72 ? 14.022  4.432   17.200  1.00 13.37 ? 95  THR B N   1 
ATOM   1122 C CA  . THR B 2 72 ? 14.188  3.751   15.923  1.00 12.91 ? 95  THR B CA  1 
ATOM   1123 C C   . THR B 2 72 ? 13.033  2.788   15.674  1.00 12.93 ? 95  THR B C   1 
ATOM   1124 O O   . THR B 2 72 ? 12.777  1.883   16.470  1.00 11.92 ? 95  THR B O   1 
ATOM   1125 C CB  . THR B 2 72 ? 15.511  2.955   15.861  1.00 14.38 ? 95  THR B CB  1 
ATOM   1126 O OG1 . THR B 2 72 ? 16.618  3.852   16.005  1.00 16.01 ? 95  THR B OG1 1 
ATOM   1127 C CG2 . THR B 2 72 ? 15.634  2.234   14.528  1.00 14.55 ? 95  THR B CG2 1 
ATOM   1128 N N   . LEU B 2 73 ? 12.329  3.005   14.568  1.00 12.05 ? 96  LEU B N   1 
ATOM   1129 C CA  . LEU B 2 73 ? 11.206  2.159   14.181  1.00 11.22 ? 96  LEU B CA  1 
ATOM   1130 C C   . LEU B 2 73 ? 11.762  0.823   13.683  1.00 11.56 ? 96  LEU B C   1 
ATOM   1131 O O   . LEU B 2 73 ? 12.628  0.788   12.798  1.00 12.27 ? 96  LEU B O   1 
ATOM   1132 C CB  . LEU B 2 73 ? 10.407  2.862   13.078  1.00 11.14 ? 96  LEU B CB  1 
ATOM   1133 C CG  . LEU B 2 73 ? 9.006   2.363   12.723  1.00 12.24 ? 96  LEU B CG  1 
ATOM   1134 C CD1 . LEU B 2 73 ? 8.286   3.460   11.943  1.00 13.69 ? 96  LEU B CD1 1 
ATOM   1135 C CD2 . LEU B 2 73 ? 9.074   1.081   11.916  1.00 15.53 ? 96  LEU B CD2 1 
ATOM   1136 N N   . GLN B 2 74 ? 11.264  -0.269  14.257  1.00 11.24 ? 97  GLN B N   1 
ATOM   1137 C CA  . GLN B 2 74 ? 11.720  -1.617  13.917  1.00 11.76 ? 97  GLN B CA  1 
ATOM   1138 C C   . GLN B 2 74 ? 10.643  -2.499  13.301  1.00 12.10 ? 97  GLN B C   1 
ATOM   1139 O O   . GLN B 2 74 ? 9.450   -2.214  13.411  1.00 11.11 ? 97  GLN B O   1 
ATOM   1140 C CB  . GLN B 2 74 ? 12.264  -2.299  15.179  1.00 12.72 ? 97  GLN B CB  1 
ATOM   1141 C CG  . GLN B 2 74 ? 13.408  -1.540  15.833  1.00 13.22 ? 97  GLN B CG  1 
ATOM   1142 C CD  . GLN B 2 74 ? 13.770  -2.048  17.225  1.00 15.86 ? 97  GLN B CD  1 
ATOM   1143 O OE1 . GLN B 2 74 ? 14.757  -1.604  17.809  1.00 19.42 ? 97  GLN B OE1 1 
ATOM   1144 N NE2 . GLN B 2 74 ? 12.975  -2.968  17.759  1.00 15.99 ? 97  GLN B NE2 1 
ATOM   1145 N N   . ARG B 2 75 ? 11.069  -3.580  12.647  1.00 11.33 ? 98  ARG B N   1 
ATOM   1146 C CA  . ARG B 2 75 ? 10.125  -4.512  12.040  1.00 12.84 ? 98  ARG B CA  1 
ATOM   1147 C C   . ARG B 2 75 ? 9.124   -5.043  13.066  1.00 11.89 ? 98  ARG B C   1 
ATOM   1148 O O   . ARG B 2 75 ? 7.952   -5.235  12.747  1.00 12.31 ? 98  ARG B O   1 
ATOM   1149 C CB  . ARG B 2 75 ? 10.867  -5.696  11.395  1.00 12.18 ? 98  ARG B CB  1 
ATOM   1150 C CG  . ARG B 2 75 ? 9.947   -6.782  10.814  1.00 12.83 ? 98  ARG B CG  1 
ATOM   1151 C CD  . ARG B 2 75 ? 10.745  -7.945  10.196  1.00 16.80 ? 98  ARG B CD  1 
ATOM   1152 N NE  . ARG B 2 75 ? 11.515  -7.508  9.031   1.00 17.22 ? 98  ARG B NE  1 
ATOM   1153 C CZ  . ARG B 2 75 ? 11.115  -7.630  7.770   1.00 19.31 ? 98  ARG B CZ  1 
ATOM   1154 N NH1 . ARG B 2 75 ? 9.948   -8.197  7.480   1.00 17.81 ? 98  ARG B NH1 1 
ATOM   1155 N NH2 . ARG B 2 75 ? 11.875  -7.149  6.790   1.00 17.59 ? 98  ARG B NH2 1 
ATOM   1156 N N   . ASN B 2 76 ? 9.574   -5.289  14.298  1.00 11.54 ? 99  ASN B N   1 
ATOM   1157 C CA  . ASN B 2 76 ? 8.666   -5.814  15.305  1.00 11.04 ? 99  ASN B CA  1 
ATOM   1158 C C   . ASN B 2 76 ? 7.565   -4.819  15.657  1.00 9.49  ? 99  ASN B C   1 
ATOM   1159 O O   . ASN B 2 76 ? 6.493   -5.225  16.105  1.00 10.35 ? 99  ASN B O   1 
ATOM   1160 C CB  . ASN B 2 76 ? 9.431   -6.253  16.562  1.00 12.74 ? 99  ASN B CB  1 
ATOM   1161 C CG  . ASN B 2 76 ? 9.976   -5.085  17.361  1.00 14.93 ? 99  ASN B CG  1 
ATOM   1162 O OD1 . ASN B 2 76 ? 10.647  -4.214  16.828  1.00 18.92 ? 99  ASN B OD1 1 
ATOM   1163 N ND2 . ASN B 2 76 ? 9.690   -5.075  18.660  1.00 22.89 ? 99  ASN B ND2 1 
ATOM   1164 N N   . ASP B 2 77 ? 7.830   -3.526  15.450  1.00 10.08 ? 100 ASP B N   1 
ATOM   1165 C CA  . ASP B 2 77 ? 6.828   -2.491  15.714  1.00 8.64  ? 100 ASP B CA  1 
ATOM   1166 C C   . ASP B 2 77 ? 5.752   -2.586  14.632  1.00 8.79  ? 100 ASP B C   1 
ATOM   1167 O O   . ASP B 2 77 ? 4.563   -2.384  14.901  1.00 8.43  ? 100 ASP B O   1 
ATOM   1168 C CB  . ASP B 2 77 ? 7.448   -1.086  15.676  1.00 8.49  ? 100 ASP B CB  1 
ATOM   1169 C CG  . ASP B 2 77 ? 8.437   -0.848  16.802  1.00 9.15  ? 100 ASP B CG  1 
ATOM   1170 O OD1 . ASP B 2 77 ? 8.188   -1.330  17.926  1.00 11.43 ? 100 ASP B OD1 1 
ATOM   1171 O OD2 . ASP B 2 77 ? 9.451   -0.161  16.563  1.00 10.01 ? 100 ASP B OD2 1 
ATOM   1172 N N   . ILE B 2 78 ? 6.181   -2.891  13.407  1.00 9.25  ? 101 ILE B N   1 
ATOM   1173 C CA  . ILE B 2 78 ? 5.259   -3.031  12.283  1.00 8.60  ? 101 ILE B CA  1 
ATOM   1174 C C   . ILE B 2 78 ? 4.416   -4.287  12.504  1.00 8.11  ? 101 ILE B C   1 
ATOM   1175 O O   . ILE B 2 78 ? 3.199   -4.261  12.339  1.00 8.46  ? 101 ILE B O   1 
ATOM   1176 C CB  . ILE B 2 78 ? 6.033   -3.131  10.942  1.00 9.26  ? 101 ILE B CB  1 
ATOM   1177 C CG1 . ILE B 2 78 ? 6.808   -1.830  10.708  1.00 9.89  ? 101 ILE B CG1 1 
ATOM   1178 C CG2 . ILE B 2 78 ? 5.058   -3.394  9.782   1.00 11.22 ? 101 ILE B CG2 1 
ATOM   1179 C CD1 . ILE B 2 78 ? 7.870   -1.907  9.613   1.00 10.83 ? 101 ILE B CD1 1 
ATOM   1180 N N   . ALA B 2 79 ? 5.059   -5.388  12.894  1.00 8.48  ? 102 ALA B N   1 
ATOM   1181 C CA  . ALA B 2 79 ? 4.325   -6.624  13.158  1.00 9.65  ? 102 ALA B CA  1 
ATOM   1182 C C   . ALA B 2 79 ? 3.264   -6.387  14.240  1.00 8.59  ? 102 ALA B C   1 
ATOM   1183 O O   . ALA B 2 79 ? 2.140   -6.879  14.147  1.00 9.44  ? 102 ALA B O   1 
ATOM   1184 C CB  . ALA B 2 79 ? 5.299   -7.727  13.599  1.00 9.75  ? 102 ALA B CB  1 
ATOM   1185 N N   . MET B 2 80 ? 3.610   -5.620  15.268  1.00 8.72  ? 103 MET B N   1 
ATOM   1186 C CA  . MET B 2 80 ? 2.658   -5.343  16.333  1.00 8.74  ? 103 MET B CA  1 
ATOM   1187 C C   . MET B 2 80 ? 1.488   -4.510  15.796  1.00 8.89  ? 103 MET B C   1 
ATOM   1188 O O   . MET B 2 80 ? 0.325   -4.812  16.057  1.00 8.65  ? 103 MET B O   1 
ATOM   1189 C CB  . MET B 2 80 ? 3.353   -4.585  17.473  1.00 10.42 ? 103 MET B CB  1 
ATOM   1190 C CG  . MET B 2 80 ? 2.410   -4.179  18.576  1.00 12.67 ? 103 MET B CG  1 
ATOM   1191 S SD  . MET B 2 80 ? 1.702   -5.587  19.437  1.00 18.50 ? 103 MET B SD  1 
ATOM   1192 C CE  . MET B 2 80 ? 1.875   -5.041  21.153  1.00 17.79 ? 103 MET B CE  1 
ATOM   1193 N N   . ALA B 2 81 ? 1.807   -3.464  15.037  1.00 8.74  ? 104 ALA B N   1 
ATOM   1194 C CA  . ALA B 2 81 ? 0.777   -2.591  14.479  1.00 8.74  ? 104 ALA B CA  1 
ATOM   1195 C C   . ALA B 2 81 ? -0.222  -3.367  13.630  1.00 8.68  ? 104 ALA B C   1 
ATOM   1196 O O   . ALA B 2 81 ? -1.422  -3.093  13.652  1.00 9.66  ? 104 ALA B O   1 
ATOM   1197 C CB  . ALA B 2 81 ? 1.427   -1.502  13.635  1.00 8.36  ? 104 ALA B CB  1 
ATOM   1198 N N   . ILE B 2 82 ? 0.281   -4.338  12.882  1.00 7.98  ? 105 ILE B N   1 
ATOM   1199 C CA  . ILE B 2 82 ? -0.565  -5.138  12.013  1.00 8.99  ? 105 ILE B CA  1 
ATOM   1200 C C   . ILE B 2 82 ? -1.650  -5.886  12.792  1.00 9.38  ? 105 ILE B C   1 
ATOM   1201 O O   . ILE B 2 82 ? -2.778  -6.042  12.316  1.00 10.71 ? 105 ILE B O   1 
ATOM   1202 C CB  . ILE B 2 82 ? 0.317   -6.106  11.192  1.00 8.78  ? 105 ILE B CB  1 
ATOM   1203 C CG1 . ILE B 2 82 ? 1.037   -5.305  10.103  1.00 9.12  ? 105 ILE B CG1 1 
ATOM   1204 C CG2 . ILE B 2 82 ? -0.518  -7.244  10.613  1.00 9.00  ? 105 ILE B CG2 1 
ATOM   1205 C CD1 . ILE B 2 82 ? 2.191   -6.034  9.434   1.00 11.70 ? 105 ILE B CD1 1 
ATOM   1206 N N   . THR B 2 83 ? -1.325  -6.324  14.003  1.00 9.28  ? 106 THR B N   1 
ATOM   1207 C CA  . THR B 2 83 ? -2.295  -7.055  14.815  1.00 9.63  ? 106 THR B CA  1 
ATOM   1208 C C   . THR B 2 83 ? -3.347  -6.165  15.484  1.00 9.98  ? 106 THR B C   1 
ATOM   1209 O O   . THR B 2 83 ? -4.292  -6.678  16.097  1.00 12.79 ? 106 THR B O   1 
ATOM   1210 C CB  . THR B 2 83 ? -1.598  -7.871  15.932  1.00 9.28  ? 106 THR B CB  1 
ATOM   1211 O OG1 . THR B 2 83 ? -1.111  -6.984  16.953  1.00 10.34 ? 106 THR B OG1 1 
ATOM   1212 C CG2 . THR B 2 83 ? -0.442  -8.665  15.366  1.00 10.14 ? 106 THR B CG2 1 
ATOM   1213 N N   . LYS B 2 84 ? -3.207  -4.846  15.351  1.00 9.73  ? 107 LYS B N   1 
ATOM   1214 C CA  . LYS B 2 84 ? -4.143  -3.923  15.999  1.00 10.84 ? 107 LYS B CA  1 
ATOM   1215 C C   . LYS B 2 84 ? -5.090  -3.152  15.087  1.00 12.51 ? 107 LYS B C   1 
ATOM   1216 O O   . LYS B 2 84 ? -5.893  -2.346  15.568  1.00 12.93 ? 107 LYS B O   1 
ATOM   1217 C CB  . LYS B 2 84 ? -3.364  -2.907  16.842  1.00 11.35 ? 107 LYS B CB  1 
ATOM   1218 C CG  . LYS B 2 84 ? -2.431  -3.516  17.879  1.00 10.89 ? 107 LYS B CG  1 
ATOM   1219 C CD  . LYS B 2 84 ? -3.192  -4.240  18.981  1.00 12.44 ? 107 LYS B CD  1 
ATOM   1220 C CE  . LYS B 2 84 ? -2.226  -4.740  20.049  1.00 15.49 ? 107 LYS B CE  1 
ATOM   1221 N NZ  . LYS B 2 84 ? -2.942  -5.109  21.301  1.00 14.30 ? 107 LYS B NZ  1 
ATOM   1222 N N   . PHE B 2 85 ? -5.015  -3.406  13.787  1.00 11.86 ? 108 PHE B N   1 
ATOM   1223 C CA  . PHE B 2 85 ? -5.848  -2.694  12.821  1.00 11.71 ? 108 PHE B CA  1 
ATOM   1224 C C   . PHE B 2 85 ? -6.436  -3.720  11.854  1.00 12.43 ? 108 PHE B C   1 
ATOM   1225 O O   . PHE B 2 85 ? -5.698  -4.435  11.171  1.00 12.02 ? 108 PHE B O   1 
ATOM   1226 C CB  . PHE B 2 85 ? -4.963  -1.680  12.090  1.00 10.69 ? 108 PHE B CB  1 
ATOM   1227 C CG  . PHE B 2 85 ? -5.708  -0.675  11.239  1.00 12.07 ? 108 PHE B CG  1 
ATOM   1228 C CD1 . PHE B 2 85 ? -6.983  -0.235  11.575  1.00 13.79 ? 108 PHE B CD1 1 
ATOM   1229 C CD2 . PHE B 2 85 ? -5.074  -0.108  10.142  1.00 11.27 ? 108 PHE B CD2 1 
ATOM   1230 C CE1 . PHE B 2 85 ? -7.612  0.767   10.823  1.00 13.10 ? 108 PHE B CE1 1 
ATOM   1231 C CE2 . PHE B 2 85 ? -5.689  0.893   9.382   1.00 12.32 ? 108 PHE B CE2 1 
ATOM   1232 C CZ  . PHE B 2 85 ? -6.959  1.332   9.726   1.00 12.65 ? 108 PHE B CZ  1 
ATOM   1233 N N   . ASP B 2 86 ? -7.764  -3.799  11.816  1.00 13.35 ? 109 ASP B N   1 
ATOM   1234 C CA  . ASP B 2 86 ? -8.455  -4.750  10.949  1.00 15.79 ? 109 ASP B CA  1 
ATOM   1235 C C   . ASP B 2 86 ? -8.048  -4.598  9.488   1.00 13.17 ? 109 ASP B C   1 
ATOM   1236 O O   . ASP B 2 86 ? -8.001  -5.571  8.739   1.00 12.75 ? 109 ASP B O   1 
ATOM   1237 C CB  . ASP B 2 86 ? -9.982  -4.583  11.077  1.00 18.44 ? 109 ASP B CB  1 
ATOM   1238 C CG  . ASP B 2 86 ? -10.434 -3.130  10.963  1.00 24.84 ? 109 ASP B CG  1 
ATOM   1239 O OD1 . ASP B 2 86 ? -9.966  -2.410  10.055  1.00 28.75 ? 109 ASP B OD1 1 
ATOM   1240 O OD2 . ASP B 2 86 ? -11.279 -2.705  11.783  1.00 29.81 ? 109 ASP B OD2 1 
ATOM   1241 N N   . GLN B 2 87 ? -7.757  -3.367  9.098   1.00 13.19 ? 110 GLN B N   1 
ATOM   1242 C CA  . GLN B 2 87 ? -7.371  -3.069  7.727   1.00 13.73 ? 110 GLN B CA  1 
ATOM   1243 C C   . GLN B 2 87 ? -6.064  -3.746  7.348   1.00 13.55 ? 110 GLN B C   1 
ATOM   1244 O O   . GLN B 2 87 ? -5.768  -3.926  6.165   1.00 14.34 ? 110 GLN B O   1 
ATOM   1245 C CB  . GLN B 2 87 ? -7.234  -1.559  7.562   1.00 16.52 ? 110 GLN B CB  1 
ATOM   1246 C CG  . GLN B 2 87 ? -7.530  -1.055  6.178   1.00 19.58 ? 110 GLN B CG  1 
ATOM   1247 C CD  . GLN B 2 87 ? -7.571  0.458   6.128   1.00 18.51 ? 110 GLN B CD  1 
ATOM   1248 O OE1 . GLN B 2 87 ? -6.551  1.115   6.284   1.00 25.71 ? 110 GLN B OE1 1 
ATOM   1249 N NE2 . GLN B 2 87 ? -8.756  1.014   5.923   1.00 24.30 ? 110 GLN B NE2 1 
ATOM   1250 N N   . PHE B 2 88 ? -5.279  -4.126  8.353   1.00 10.43 ? 111 PHE B N   1 
ATOM   1251 C CA  . PHE B 2 88 ? -3.999  -4.776  8.104   1.00 9.94  ? 111 PHE B CA  1 
ATOM   1252 C C   . PHE B 2 88 ? -4.047  -6.299  8.288   1.00 9.65  ? 111 PHE B C   1 
ATOM   1253 O O   . PHE B 2 88 ? -3.006  -6.948  8.306   1.00 10.32 ? 111 PHE B O   1 
ATOM   1254 C CB  . PHE B 2 88 ? -2.910  -4.191  9.022   1.00 10.55 ? 111 PHE B CB  1 
ATOM   1255 C CG  . PHE B 2 88 ? -2.616  -2.721  8.793   1.00 12.94 ? 111 PHE B CG  1 
ATOM   1256 C CD1 . PHE B 2 88 ? -2.970  -2.087  7.602   1.00 12.18 ? 111 PHE B CD1 1 
ATOM   1257 C CD2 . PHE B 2 88 ? -1.941  -1.983  9.768   1.00 10.78 ? 111 PHE B CD2 1 
ATOM   1258 C CE1 . PHE B 2 88 ? -2.654  -0.735  7.386   1.00 12.05 ? 111 PHE B CE1 1 
ATOM   1259 C CE2 . PHE B 2 88 ? -1.619  -0.633  9.564   1.00 12.05 ? 111 PHE B CE2 1 
ATOM   1260 C CZ  . PHE B 2 88 ? -1.976  -0.011  8.373   1.00 12.96 ? 111 PHE B CZ  1 
ATOM   1261 N N   . ASP B 2 89 ? -5.245  -6.864  8.439   1.00 9.92  ? 112 ASP B N   1 
ATOM   1262 C CA  . ASP B 2 89 ? -5.379  -8.315  8.610   1.00 11.07 ? 112 ASP B CA  1 
ATOM   1263 C C   . ASP B 2 89 ? -4.632  -9.093  7.528   1.00 8.86  ? 112 ASP B C   1 
ATOM   1264 O O   . ASP B 2 89 ? -4.037  -10.125 7.803   1.00 9.76  ? 112 ASP B O   1 
ATOM   1265 C CB  . ASP B 2 89 ? -6.854  -8.745  8.574   1.00 13.48 ? 112 ASP B CB  1 
ATOM   1266 C CG  . ASP B 2 89 ? -7.576  -8.534  9.900   1.00 16.32 ? 112 ASP B CG  1 
ATOM   1267 O OD1 . ASP B 2 89 ? -6.921  -8.218  10.909  1.00 17.76 ? 112 ASP B OD1 1 
ATOM   1268 O OD2 . ASP B 2 89 ? -8.818  -8.703  9.931   1.00 16.00 ? 112 ASP B OD2 1 
ATOM   1269 N N   . PHE B 2 90 ? -4.675  -8.604  6.291   1.00 10.07 ? 113 PHE B N   1 
ATOM   1270 C CA  . PHE B 2 90 ? -4.009  -9.290  5.182   1.00 9.50  ? 113 PHE B CA  1 
ATOM   1271 C C   . PHE B 2 90 ? -2.485  -9.424  5.335   1.00 8.54  ? 113 PHE B C   1 
ATOM   1272 O O   . PHE B 2 90 ? -1.850  -10.229 4.646   1.00 11.33 ? 113 PHE B O   1 
ATOM   1273 C CB  . PHE B 2 90 ? -4.361  -8.591  3.850   1.00 9.30  ? 113 PHE B CB  1 
ATOM   1274 C CG  . PHE B 2 90 ? -3.604  -7.305  3.600   1.00 8.72  ? 113 PHE B CG  1 
ATOM   1275 C CD1 . PHE B 2 90 ? -2.519  -7.284  2.724   1.00 10.71 ? 113 PHE B CD1 1 
ATOM   1276 C CD2 . PHE B 2 90 ? -3.983  -6.118  4.226   1.00 9.57  ? 113 PHE B CD2 1 
ATOM   1277 C CE1 . PHE B 2 90 ? -1.819  -6.098  2.474   1.00 9.85  ? 113 PHE B CE1 1 
ATOM   1278 C CE2 . PHE B 2 90 ? -3.289  -4.930  3.985   1.00 8.65  ? 113 PHE B CE2 1 
ATOM   1279 C CZ  . PHE B 2 90 ? -2.206  -4.921  3.109   1.00 10.08 ? 113 PHE B CZ  1 
ATOM   1280 N N   . LEU B 2 91 ? -1.903  -8.671  6.264   1.00 8.97  ? 114 LEU B N   1 
ATOM   1281 C CA  . LEU B 2 91 ? -0.456  -8.714  6.485   1.00 9.45  ? 114 LEU B CA  1 
ATOM   1282 C C   . LEU B 2 91 ? -0.011  -9.575  7.666   1.00 9.19  ? 114 LEU B C   1 
ATOM   1283 O O   . LEU B 2 91 ? 1.182   -9.733  7.900   1.00 9.91  ? 114 LEU B O   1 
ATOM   1284 C CB  . LEU B 2 91 ? 0.077   -7.294  6.708   1.00 9.27  ? 114 LEU B CB  1 
ATOM   1285 C CG  . LEU B 2 91 ? -0.106  -6.312  5.545   1.00 8.60  ? 114 LEU B CG  1 
ATOM   1286 C CD1 . LEU B 2 91 ? 0.138   -4.885  6.030   1.00 9.05  ? 114 LEU B CD1 1 
ATOM   1287 C CD2 . LEU B 2 91 ? 0.843   -6.668  4.414   1.00 10.56 ? 114 LEU B CD2 1 
ATOM   1288 N N   . ILE B 2 92 ? -0.954  -10.145 8.401   1.00 8.24  ? 115 ILE B N   1 
ATOM   1289 C CA  . ILE B 2 92 ? -0.589  -10.919 9.583   1.00 10.20 ? 115 ILE B CA  1 
ATOM   1290 C C   . ILE B 2 92 ? 0.465   -12.003 9.362   1.00 10.67 ? 115 ILE B C   1 
ATOM   1291 O O   . ILE B 2 92 ? 1.395   -12.132 10.163  1.00 10.44 ? 115 ILE B O   1 
ATOM   1292 C CB  . ILE B 2 92 ? -1.848  -11.511 10.249  1.00 11.35 ? 115 ILE B CB  1 
ATOM   1293 C CG1 . ILE B 2 92 ? -2.689  -10.363 10.814  1.00 13.90 ? 115 ILE B CG1 1 
ATOM   1294 C CG2 . ILE B 2 92 ? -1.464  -12.498 11.345  1.00 15.50 ? 115 ILE B CG2 1 
ATOM   1295 C CD1 . ILE B 2 92 ? -3.972  -10.793 11.471  1.00 18.07 ? 115 ILE B CD1 1 
ATOM   1296 N N   . ASP B 2 93 ? 0.354   -12.767 8.281   1.00 9.94  ? 116 ASP B N   1 
ATOM   1297 C CA  . ASP B 2 93 ? 1.343   -13.818 8.054   1.00 9.69  ? 116 ASP B CA  1 
ATOM   1298 C C   . ASP B 2 93 ? 2.575   -13.334 7.290   1.00 12.07 ? 116 ASP B C   1 
ATOM   1299 O O   . ASP B 2 93 ? 3.570   -14.055 7.186   1.00 13.24 ? 116 ASP B O   1 
ATOM   1300 C CB  . ASP B 2 93 ? 0.701   -15.012 7.337   1.00 10.48 ? 116 ASP B CB  1 
ATOM   1301 C CG  . ASP B 2 93 ? -0.347  -15.706 8.186   1.00 11.82 ? 116 ASP B CG  1 
ATOM   1302 O OD1 . ASP B 2 93 ? -0.220  -15.698 9.429   1.00 12.86 ? 116 ASP B OD1 1 
ATOM   1303 O OD2 . ASP B 2 93 ? -1.297  -16.274 7.604   1.00 14.86 ? 116 ASP B OD2 1 
ATOM   1304 N N   . ILE B 2 94 ? 2.506   -12.105 6.773   1.00 10.89 ? 117 ILE B N   1 
ATOM   1305 C CA  . ILE B 2 94 ? 3.615   -11.497 6.036   1.00 12.72 ? 117 ILE B CA  1 
ATOM   1306 C C   . ILE B 2 94 ? 4.652   -10.927 7.012   1.00 11.51 ? 117 ILE B C   1 
ATOM   1307 O O   . ILE B 2 94 ? 5.864   -11.035 6.794   1.00 12.61 ? 117 ILE B O   1 
ATOM   1308 C CB  . ILE B 2 94 ? 3.105   -10.345 5.132   1.00 15.27 ? 117 ILE B CB  1 
ATOM   1309 C CG1 . ILE B 2 94 ? 2.037   -10.873 4.172   1.00 17.84 ? 117 ILE B CG1 1 
ATOM   1310 C CG2 . ILE B 2 94 ? 4.266   -9.728  4.356   1.00 17.51 ? 117 ILE B CG2 1 
ATOM   1311 C CD1 . ILE B 2 94 ? 2.517   -12.014 3.292   1.00 18.69 ? 117 ILE B CD1 1 
ATOM   1312 N N   . VAL B 2 95 ? 4.161   -10.291 8.071   1.00 10.79 ? 118 VAL B N   1 
ATOM   1313 C CA  . VAL B 2 95 ? 5.015   -9.706  9.099   1.00 10.75 ? 118 VAL B CA  1 
ATOM   1314 C C   . VAL B 2 95 ? 4.450   -10.142 10.446  1.00 10.82 ? 118 VAL B C   1 
ATOM   1315 O O   . VAL B 2 95 ? 3.767   -9.383  11.138  1.00 11.56 ? 118 VAL B O   1 
ATOM   1316 C CB  . VAL B 2 95 ? 5.022   -8.167  9.022   1.00 11.46 ? 118 VAL B CB  1 
ATOM   1317 C CG1 . VAL B 2 95 ? 6.109   -7.611  9.937   1.00 11.56 ? 118 VAL B CG1 1 
ATOM   1318 C CG2 . VAL B 2 95 ? 5.240   -7.726  7.587   1.00 12.93 ? 118 VAL B CG2 1 
ATOM   1319 N N   . PRO B 2 96 ? 4.727   -11.388 10.837  1.00 10.60 ? 119 PRO B N   1 
ATOM   1320 C CA  . PRO B 2 96 ? 4.234   -11.924 12.102  1.00 10.58 ? 119 PRO B CA  1 
ATOM   1321 C C   . PRO B 2 96 ? 5.014   -11.447 13.316  1.00 10.27 ? 119 PRO B C   1 
ATOM   1322 O O   . PRO B 2 96 ? 6.205   -11.139 13.227  1.00 11.83 ? 119 PRO B O   1 
ATOM   1323 C CB  . PRO B 2 96 ? 4.385   -13.427 11.907  1.00 10.94 ? 119 PRO B CB  1 
ATOM   1324 C CG  . PRO B 2 96 ? 5.687   -13.497 11.139  1.00 10.19 ? 119 PRO B CG  1 
ATOM   1325 C CD  . PRO B 2 96 ? 5.522   -12.396 10.107  1.00 11.43 ? 119 PRO B CD  1 
ATOM   1326 N N   . ARG B 2 97 ? 4.333   -11.395 14.450  1.00 12.33 ? 120 ARG B N   1 
ATOM   1327 C CA  . ARG B 2 97 ? 4.977   -11.010 15.698  1.00 13.87 ? 120 ARG B CA  1 
ATOM   1328 C C   . ARG B 2 97 ? 5.904   -12.146 16.126  1.00 17.33 ? 120 ARG B C   1 
ATOM   1329 O O   . ARG B 2 97 ? 6.900   -11.869 16.830  1.00 16.28 ? 120 ARG B O   1 
ATOM   1330 C CB  . ARG B 2 97 ? 3.937   -10.753 16.783  1.00 14.06 ? 120 ARG B CB  1 
ATOM   1331 C CG  . ARG B 2 97 ? 3.063   -9.538  16.529  1.00 15.19 ? 120 ARG B CG  1 
ATOM   1332 C CD  . ARG B 2 97 ? 2.413   -9.096  17.824  1.00 16.80 ? 120 ARG B CD  1 
ATOM   1333 N NE  . ARG B 2 97 ? 3.434   -8.758  18.811  1.00 19.31 ? 120 ARG B NE  1 
ATOM   1334 C CZ  . ARG B 2 97 ? 3.205   -8.644  20.114  1.00 18.99 ? 120 ARG B CZ  1 
ATOM   1335 N NH1 . ARG B 2 97 ? 4.200   -8.334  20.937  1.00 22.57 ? 120 ARG B NH1 1 
ATOM   1336 N NH2 . ARG B 2 97 ? 1.984   -8.837  20.596  1.00 18.62 ? 120 ARG B NH2 1 
ATOM   1337 O OXT . ARG B 2 97 ? 5.608   -13.307 15.759  1.00 16.92 ? 120 ARG B OXT 1 
HETATM 1338 O O   . HOH C 3 .  ? 6.839   -2.218  -2.709  1.00 12.33 ? 142 HOH A O   1 
HETATM 1339 O O   . HOH C 3 .  ? 15.719  3.982   -3.777  1.00 15.63 ? 143 HOH A O   1 
HETATM 1340 O O   . HOH C 3 .  ? 15.667  6.188   -5.263  1.00 17.89 ? 144 HOH A O   1 
HETATM 1341 O O   . HOH C 3 .  ? 13.613  7.796   -5.569  1.00 29.98 ? 145 HOH A O   1 
HETATM 1342 O O   . HOH C 3 .  ? 14.725  -0.383  -3.628  1.00 19.73 ? 146 HOH A O   1 
HETATM 1343 O O   . HOH C 3 .  ? 14.555  8.903   1.256   1.00 22.15 ? 147 HOH A O   1 
HETATM 1344 O O   . HOH C 3 .  ? 11.337  11.969  10.558  1.00 21.50 ? 148 HOH A O   1 
HETATM 1345 O O   . HOH C 3 .  ? 10.604  12.776  4.519   1.00 32.65 ? 149 HOH A O   1 
HETATM 1346 O O   . HOH C 3 .  ? 2.638   12.087  7.174   1.00 17.14 ? 150 HOH A O   1 
HETATM 1347 O O   . HOH C 3 .  ? 3.876   9.549   14.257  1.00 23.27 ? 151 HOH A O   1 
HETATM 1348 O O   . HOH C 3 .  ? 9.114   16.390  15.054  1.00 16.77 ? 152 HOH A O   1 
HETATM 1349 O O   . HOH C 3 .  ? 14.756  14.480  19.512  1.00 25.38 ? 153 HOH A O   1 
HETATM 1350 O O   . HOH C 3 .  ? 13.001  18.165  16.268  1.00 20.09 ? 154 HOH A O   1 
HETATM 1351 O O   . HOH C 3 .  ? 11.918  15.102  19.218  1.00 19.53 ? 155 HOH A O   1 
HETATM 1352 O O   . HOH C 3 .  ? 17.877  11.454  14.971  1.00 36.19 ? 156 HOH A O   1 
HETATM 1353 O O   . HOH C 3 .  ? 16.537  6.834   9.733   1.00 20.70 ? 157 HOH A O   1 
HETATM 1354 O O   . HOH C 3 .  ? 16.437  4.631   2.418   1.00 23.91 ? 158 HOH A O   1 
HETATM 1355 O O   . HOH C 3 .  ? 18.149  -2.940  10.067  1.00 18.00 ? 159 HOH A O   1 
HETATM 1356 O O   . HOH C 3 .  ? 12.576  -7.888  1.732   1.00 30.58 ? 160 HOH A O   1 
HETATM 1357 O O   . HOH C 3 .  ? 1.219   -13.604 0.215   1.00 50.04 ? 161 HOH A O   1 
HETATM 1358 O O   . HOH C 3 .  ? 1.118   -8.843  -7.779  1.00 26.57 ? 162 HOH A O   1 
HETATM 1359 O O   . HOH C 3 .  ? -9.496  -11.080 -1.483  1.00 38.31 ? 163 HOH A O   1 
HETATM 1360 O O   . HOH C 3 .  ? -8.108  -12.549 -9.347  1.00 49.18 ? 164 HOH A O   1 
HETATM 1361 O O   . HOH C 3 .  ? -5.188  -11.888 -2.668  1.00 26.54 ? 165 HOH A O   1 
HETATM 1362 O O   . HOH C 3 .  ? -10.248 -13.136 -18.984 1.00 39.89 ? 166 HOH A O   1 
HETATM 1363 O O   . HOH C 3 .  ? -11.964 -2.157  -18.802 1.00 16.34 ? 167 HOH A O   1 
HETATM 1364 O O   . HOH C 3 .  ? -18.614 -3.991  -17.879 1.00 23.49 ? 168 HOH A O   1 
HETATM 1365 O O   . HOH C 3 .  ? -11.483 -4.554  -21.092 1.00 11.79 ? 169 HOH A O   1 
HETATM 1366 O O   . HOH C 3 .  ? -9.533  -4.218  -23.019 1.00 12.17 ? 170 HOH A O   1 
HETATM 1367 O O   . HOH C 3 .  ? -15.984 -2.269  -11.576 1.00 19.44 ? 171 HOH A O   1 
HETATM 1368 O O   . HOH C 3 .  ? -14.176 -1.282  3.104   1.00 33.61 ? 172 HOH A O   1 
HETATM 1369 O O   . HOH C 3 .  ? -16.223 -7.893  1.528   1.00 39.32 ? 173 HOH A O   1 
HETATM 1370 O O   . HOH C 3 .  ? -15.000 -9.388  3.469   1.00 30.61 ? 174 HOH A O   1 
HETATM 1371 O O   . HOH C 3 .  ? -10.570 -8.149  3.463   1.00 20.42 ? 175 HOH A O   1 
HETATM 1372 O O   . HOH C 3 .  ? -13.037 -7.896  4.237   1.00 44.34 ? 176 HOH A O   1 
HETATM 1373 O O   . HOH C 3 .  ? -8.340  -4.689  4.840   1.00 17.95 ? 177 HOH A O   1 
HETATM 1374 O O   . HOH C 3 .  ? -11.872 2.138   5.227   1.00 25.34 ? 178 HOH A O   1 
HETATM 1375 O O   . HOH C 3 .  ? -16.275 7.210   -1.364  1.00 48.09 ? 179 HOH A O   1 
HETATM 1376 O O   . HOH C 3 .  ? -17.157 4.171   -1.628  1.00 38.25 ? 180 HOH A O   1 
HETATM 1377 O O   . HOH C 3 .  ? -11.595 10.396  -10.427 1.00 24.33 ? 181 HOH A O   1 
HETATM 1378 O O   . HOH C 3 .  ? -3.027  14.417  -8.719  1.00 17.72 ? 182 HOH A O   1 
HETATM 1379 O O   . HOH C 3 .  ? 0.707   9.342   -10.064 1.00 20.96 ? 183 HOH A O   1 
HETATM 1380 O O   . HOH C 3 .  ? -1.628  16.026  -10.564 1.00 19.11 ? 184 HOH A O   1 
HETATM 1381 O O   . HOH C 3 .  ? -11.418 11.214  -12.955 1.00 27.19 ? 185 HOH A O   1 
HETATM 1382 O O   . HOH C 3 .  ? -7.195  19.297  -20.912 1.00 42.08 ? 186 HOH A O   1 
HETATM 1383 O O   . HOH C 3 .  ? -3.704  20.888  -16.102 1.00 22.29 ? 187 HOH A O   1 
HETATM 1384 O O   . HOH C 3 .  ? -9.826  15.173  -14.706 1.00 20.36 ? 188 HOH A O   1 
HETATM 1385 O O   . HOH C 3 .  ? -6.547  7.527   -17.964 1.00 11.82 ? 189 HOH A O   1 
HETATM 1386 O O   . HOH C 3 .  ? -5.820  4.912   5.901   1.00 18.83 ? 190 HOH A O   1 
HETATM 1387 O O   . HOH C 3 .  ? 13.850  -4.260  12.477  1.00 18.11 ? 191 HOH A O   1 
HETATM 1388 O O   . HOH C 3 .  ? 16.176  -3.540  13.857  1.00 31.41 ? 192 HOH A O   1 
HETATM 1389 O O   . HOH C 3 .  ? 19.084  0.703   12.964  1.00 33.68 ? 193 HOH A O   1 
HETATM 1390 O O   . HOH C 3 .  ? 7.438   -10.669 4.396   1.00 26.83 ? 194 HOH A O   1 
HETATM 1391 O O   . HOH C 3 .  ? 15.007  -3.699  -0.372  1.00 28.01 ? 195 HOH A O   1 
HETATM 1392 O O   . HOH C 3 .  ? 12.434  -4.067  -6.558  1.00 28.69 ? 196 HOH A O   1 
HETATM 1393 O O   . HOH C 3 .  ? 6.486   -8.181  -4.884  1.00 32.31 ? 197 HOH A O   1 
HETATM 1394 O O   . HOH C 3 .  ? 16.294  2.133   -5.680  1.00 18.95 ? 198 HOH A O   1 
HETATM 1395 O O   . HOH C 3 .  ? 17.330  -3.012  0.524   1.00 36.00 ? 199 HOH A O   1 
HETATM 1396 O O   . HOH C 3 .  ? 10.761  10.769  -2.892  1.00 39.61 ? 200 HOH A O   1 
HETATM 1397 O O   . HOH C 3 .  ? 8.601   9.569   -1.727  1.00 29.91 ? 201 HOH A O   1 
HETATM 1398 O O   . HOH C 3 .  ? 7.282   8.801   -3.828  1.00 28.51 ? 202 HOH A O   1 
HETATM 1399 O O   . HOH C 3 .  ? 4.243   11.979  2.899   1.00 18.62 ? 203 HOH A O   1 
HETATM 1400 O O   . HOH C 3 .  ? 16.628  7.227   1.730   1.00 36.37 ? 204 HOH A O   1 
HETATM 1401 O O   . HOH C 3 .  ? 14.313  9.621   3.821   1.00 40.27 ? 205 HOH A O   1 
HETATM 1402 O O   . HOH C 3 .  ? 9.423   14.083  10.152  1.00 33.52 ? 206 HOH A O   1 
HETATM 1403 O O   . HOH C 3 .  ? 11.648  15.777  16.454  1.00 16.23 ? 207 HOH A O   1 
HETATM 1404 O O   . HOH C 3 .  ? 16.116  11.467  11.978  1.00 37.82 ? 208 HOH A O   1 
HETATM 1405 O O   . HOH C 3 .  ? 18.650  13.905  14.793  1.00 34.86 ? 209 HOH A O   1 
HETATM 1406 O O   . HOH C 3 .  ? 16.864  12.912  19.120  1.00 29.81 ? 210 HOH A O   1 
HETATM 1407 O O   . HOH C 3 .  ? 18.599  3.375   8.790   1.00 42.52 ? 211 HOH A O   1 
HETATM 1408 O O   . HOH C 3 .  ? 19.387  -0.104  10.229  1.00 21.56 ? 212 HOH A O   1 
HETATM 1409 O O   . HOH C 3 .  ? 17.806  -4.600  12.088  1.00 42.34 ? 213 HOH A O   1 
HETATM 1410 O O   . HOH C 3 .  ? 18.621  2.476   5.667   1.00 34.61 ? 214 HOH A O   1 
HETATM 1411 O O   . HOH C 3 .  ? 21.654  -0.574  8.643   1.00 42.76 ? 215 HOH A O   1 
HETATM 1412 O O   . HOH C 3 .  ? 17.968  5.972   7.707   1.00 43.45 ? 216 HOH A O   1 
HETATM 1413 O O   . HOH C 3 .  ? 14.588  -6.361  0.397   1.00 43.47 ? 217 HOH A O   1 
HETATM 1414 O O   . HOH C 3 .  ? -1.633  -10.934 1.813   1.00 34.14 ? 218 HOH A O   1 
HETATM 1415 O O   . HOH C 3 .  ? 8.518   -10.014 -0.398  1.00 44.69 ? 219 HOH A O   1 
HETATM 1416 O O   . HOH C 3 .  ? 6.629   -10.435 1.684   1.00 32.70 ? 220 HOH A O   1 
HETATM 1417 O O   . HOH C 3 .  ? -2.866  -9.719  -7.802  1.00 29.51 ? 221 HOH A O   1 
HETATM 1418 O O   . HOH C 3 .  ? -7.449  -10.276 -3.018  1.00 20.65 ? 222 HOH A O   1 
HETATM 1419 O O   . HOH C 3 .  ? -9.599  -10.478 -15.358 1.00 34.69 ? 223 HOH A O   1 
HETATM 1420 O O   . HOH C 3 .  ? -16.122 -8.835  -7.288  1.00 50.78 ? 224 HOH A O   1 
HETATM 1421 O O   . HOH C 3 .  ? -21.423 -8.989  -15.802 1.00 34.68 ? 225 HOH A O   1 
HETATM 1422 O O   . HOH C 3 .  ? -20.301 -12.185 -16.072 1.00 34.14 ? 226 HOH A O   1 
HETATM 1423 O O   . HOH C 3 .  ? -21.329 -3.175  -16.898 1.00 39.92 ? 227 HOH A O   1 
HETATM 1424 O O   . HOH C 3 .  ? -21.397 -6.646  -18.555 1.00 29.72 ? 228 HOH A O   1 
HETATM 1425 O O   . HOH C 3 .  ? -18.187 -2.774  -14.818 1.00 31.13 ? 229 HOH A O   1 
HETATM 1426 O O   . HOH C 3 .  ? -13.111 0.295   -18.867 1.00 28.98 ? 230 HOH A O   1 
HETATM 1427 O O   . HOH C 3 .  ? -6.751  -9.744  -19.388 1.00 33.21 ? 231 HOH A O   1 
HETATM 1428 O O   . HOH C 3 .  ? -5.933  -10.877 -22.006 1.00 33.75 ? 232 HOH A O   1 
HETATM 1429 O O   . HOH C 3 .  ? -7.213  -10.251 -24.612 1.00 26.92 ? 233 HOH A O   1 
HETATM 1430 O O   . HOH C 3 .  ? -4.294  -9.518  -25.671 1.00 33.11 ? 234 HOH A O   1 
HETATM 1431 O O   . HOH C 3 .  ? -13.733 -11.184 -19.376 1.00 30.66 ? 235 HOH A O   1 
HETATM 1432 O O   . HOH C 3 .  ? -5.470  -2.561  -22.168 1.00 13.34 ? 236 HOH A O   1 
HETATM 1433 O O   . HOH C 3 .  ? -3.018  -3.807  -22.260 1.00 16.71 ? 237 HOH A O   1 
HETATM 1434 O O   . HOH C 3 .  ? -16.090 1.218   -8.445  1.00 32.93 ? 238 HOH A O   1 
HETATM 1435 O O   . HOH C 3 .  ? -12.267 -1.245  7.133   1.00 38.14 ? 239 HOH A O   1 
HETATM 1436 O O   . HOH C 3 .  ? -13.924 7.279   0.662   1.00 17.99 ? 240 HOH A O   1 
HETATM 1437 O O   . HOH C 3 .  ? -11.630 9.293   3.380   1.00 27.14 ? 241 HOH A O   1 
HETATM 1438 O O   . HOH C 3 .  ? -7.559  5.660   4.267   1.00 34.65 ? 242 HOH A O   1 
HETATM 1439 O O   . HOH C 3 .  ? -7.713  7.948   3.715   1.00 38.68 ? 243 HOH A O   1 
HETATM 1440 O O   . HOH C 3 .  ? -6.693  10.125  3.434   1.00 28.95 ? 244 HOH A O   1 
HETATM 1441 O O   . HOH C 3 .  ? -6.525  13.220  -2.719  1.00 22.69 ? 245 HOH A O   1 
HETATM 1442 O O   . HOH C 3 .  ? -5.461  15.124  -4.539  1.00 26.99 ? 246 HOH A O   1 
HETATM 1443 O O   . HOH C 3 .  ? -12.632 7.854   -10.426 1.00 40.21 ? 247 HOH A O   1 
HETATM 1444 O O   . HOH C 3 .  ? 0.397   13.646  -8.945  1.00 42.69 ? 248 HOH A O   1 
HETATM 1445 O O   . HOH C 3 .  ? -10.349 12.432  -14.853 1.00 26.30 ? 249 HOH A O   1 
HETATM 1446 O O   . HOH C 3 .  ? -9.951  14.601  -17.799 1.00 23.82 ? 250 HOH A O   1 
HETATM 1447 O O   . HOH C 3 .  ? -8.020  17.056  -19.403 1.00 32.12 ? 251 HOH A O   1 
HETATM 1448 O O   . HOH C 3 .  ? -5.931  20.769  -18.965 1.00 29.55 ? 252 HOH A O   1 
HETATM 1449 O O   . HOH C 3 .  ? -3.836  21.887  -13.621 1.00 41.84 ? 253 HOH A O   1 
HETATM 1450 O O   . HOH C 3 .  ? 10.209  11.568  -8.619  1.00 32.44 ? 254 HOH A O   1 
HETATM 1451 O O   . HOH C 3 .  ? -7.024  -9.666  -15.186 1.00 30.17 ? 255 HOH A O   1 
HETATM 1452 O O   . HOH C 3 .  ? -5.050  11.463  1.796   1.00 39.13 ? 256 HOH A O   1 
HETATM 1453 O O   . HOH C 3 .  ? 13.058  -3.781  -9.374  1.00 32.91 ? 257 HOH A O   1 
HETATM 1454 O O   . HOH C 3 .  ? 13.391  -9.694  -2.207  1.00 38.81 ? 258 HOH A O   1 
HETATM 1455 O O   . HOH C 3 .  ? 11.257  8.746   -7.577  1.00 37.57 ? 259 HOH A O   1 
HETATM 1456 O O   . HOH C 3 .  ? 18.254  4.011   -2.468  1.00 22.24 ? 260 HOH A O   1 
HETATM 1457 O O   . HOH C 3 .  ? 19.120  0.984   -2.206  1.00 40.43 ? 261 HOH A O   1 
HETATM 1458 O O   . HOH C 3 .  ? 18.989  -0.293  0.525   1.00 29.99 ? 262 HOH A O   1 
HETATM 1459 O O   . HOH C 3 .  ? 18.627  2.061   2.146   1.00 42.19 ? 263 HOH A O   1 
HETATM 1460 O O   . HOH C 3 .  ? 16.342  9.737   -2.945  1.00 41.58 ? 264 HOH A O   1 
HETATM 1461 O O   . HOH C 3 .  ? 5.018   9.746   -3.676  1.00 35.34 ? 265 HOH A O   1 
HETATM 1462 O O   . HOH C 3 .  ? 4.398   13.357  10.902  1.00 32.16 ? 266 HOH A O   1 
HETATM 1463 O O   . HOH C 3 .  ? 5.942   15.610  8.424   1.00 39.54 ? 267 HOH A O   1 
HETATM 1464 O O   . HOH C 3 .  ? 10.081  14.755  7.399   1.00 42.16 ? 268 HOH A O   1 
HETATM 1465 O O   . HOH C 3 .  ? 0.515   12.691  5.209   1.00 42.05 ? 269 HOH A O   1 
HETATM 1466 O O   . HOH C 3 .  ? 5.148   11.671  15.442  1.00 26.99 ? 270 HOH A O   1 
HETATM 1467 O O   . HOH C 3 .  ? 16.499  16.710  12.667  1.00 43.95 ? 271 HOH A O   1 
HETATM 1468 O O   . HOH C 3 .  ? 15.194  18.462  14.704  1.00 31.59 ? 272 HOH A O   1 
HETATM 1469 O O   . HOH C 3 .  ? 9.363   18.990  14.607  1.00 41.13 ? 273 HOH A O   1 
HETATM 1470 O O   . HOH C 3 .  ? 19.599  -4.507  8.295   1.00 46.18 ? 274 HOH A O   1 
HETATM 1471 O O   . HOH C 3 .  ? 14.059  -8.680  11.672  1.00 38.20 ? 275 HOH A O   1 
HETATM 1472 O O   . HOH C 3 .  ? 14.921  -7.253  5.534   1.00 42.24 ? 276 HOH A O   1 
HETATM 1473 O O   . HOH C 3 .  ? 6.942   -13.498 0.943   1.00 36.61 ? 277 HOH A O   1 
HETATM 1474 O O   . HOH C 3 .  ? 12.119  -5.543  0.826   1.00 40.25 ? 278 HOH A O   1 
HETATM 1475 O O   . HOH C 3 .  ? 3.477   -8.759  -4.374  1.00 33.93 ? 279 HOH A O   1 
HETATM 1476 O O   . HOH C 3 .  ? -2.616  -11.159 -2.934  1.00 39.84 ? 280 HOH A O   1 
HETATM 1477 O O   . HOH C 3 .  ? 1.401   -11.544 -7.049  1.00 36.71 ? 281 HOH A O   1 
HETATM 1478 O O   . HOH C 3 .  ? -1.748  -11.792 -5.988  1.00 33.22 ? 282 HOH A O   1 
HETATM 1479 O O   . HOH C 3 .  ? -9.159  -11.803 -4.620  1.00 34.31 ? 283 HOH A O   1 
HETATM 1480 O O   . HOH C 3 .  ? -11.850 -11.221 -0.660  1.00 36.37 ? 284 HOH A O   1 
HETATM 1481 O O   . HOH C 3 .  ? -10.834 -14.150 -13.152 1.00 45.21 ? 285 HOH A O   1 
HETATM 1482 O O   . HOH C 3 .  ? -17.547 -0.588  -13.030 1.00 44.30 ? 286 HOH A O   1 
HETATM 1483 O O   . HOH C 3 .  ? -16.105 -0.018  -15.554 1.00 34.54 ? 287 HOH A O   1 
HETATM 1484 O O   . HOH C 3 .  ? -17.756 4.415   -4.292  1.00 42.79 ? 288 HOH A O   1 
HETATM 1485 O O   . HOH C 3 .  ? -14.564 -5.380  4.505   1.00 40.31 ? 289 HOH A O   1 
HETATM 1486 O O   . HOH C 3 .  ? -13.601 0.196   4.808   1.00 31.16 ? 290 HOH A O   1 
HETATM 1487 O O   . HOH C 3 .  ? -16.557 5.947   0.650   1.00 49.20 ? 291 HOH A O   1 
HETATM 1488 O O   . HOH C 3 .  ? -13.459 12.478  -4.306  1.00 27.88 ? 292 HOH A O   1 
HETATM 1489 O O   . HOH C 3 .  ? -13.853 13.511  -7.118  1.00 43.35 ? 293 HOH A O   1 
HETATM 1490 O O   . HOH C 3 .  ? -12.336 7.277   -14.835 1.00 42.93 ? 294 HOH A O   1 
HETATM 1491 O O   . HOH C 3 .  ? -9.493  19.764  -17.607 1.00 29.15 ? 295 HOH A O   1 
HETATM 1492 O O   . HOH C 3 .  ? -3.340  -10.234 -22.908 1.00 41.69 ? 296 HOH A O   1 
HETATM 1493 O O   . HOH C 3 .  ? 16.650  9.394   -0.252  1.00 47.25 ? 297 HOH A O   1 
HETATM 1494 O O   . HOH C 3 .  ? 13.190  10.188  -2.431  1.00 46.52 ? 298 HOH A O   1 
HETATM 1495 O O   . HOH C 3 .  ? 12.821  13.611  1.981   1.00 47.00 ? 299 HOH A O   1 
HETATM 1496 O O   . HOH C 3 .  ? 13.356  12.096  4.029   1.00 43.27 ? 300 HOH A O   1 
HETATM 1497 O O   . HOH C 3 .  ? 9.222   14.936  1.440   1.00 44.80 ? 301 HOH A O   1 
HETATM 1498 O O   . HOH C 3 .  ? 5.398   13.673  13.333  1.00 45.86 ? 302 HOH A O   1 
HETATM 1499 O O   . HOH C 3 .  ? 19.698  10.422  16.625  1.00 41.71 ? 303 HOH A O   1 
HETATM 1500 O O   . HOH C 3 .  ? 18.479  -5.036  6.029   1.00 41.46 ? 304 HOH A O   1 
HETATM 1501 O O   . HOH C 3 .  ? -8.639  -12.750 -12.066 1.00 34.99 ? 305 HOH A O   1 
HETATM 1502 O O   . HOH C 3 .  ? -9.227  -13.814 -2.672  1.00 41.65 ? 306 HOH A O   1 
HETATM 1503 O O   . HOH C 3 .  ? -10.844 -10.939 -17.623 1.00 37.55 ? 307 HOH A O   1 
HETATM 1504 O O   . HOH C 3 .  ? -11.443 -16.818 -13.112 1.00 44.56 ? 308 HOH A O   1 
HETATM 1505 O O   . HOH C 3 .  ? -20.077 -8.255  -11.158 1.00 44.90 ? 309 HOH A O   1 
HETATM 1506 O O   . HOH C 3 .  ? -15.502 -12.581 -18.229 1.00 39.73 ? 310 HOH A O   1 
HETATM 1507 O O   . HOH C 3 .  ? -12.563 -13.588 -19.942 1.00 49.55 ? 311 HOH A O   1 
HETATM 1508 O O   . HOH C 3 .  ? -15.864 1.967   -4.743  1.00 36.55 ? 312 HOH A O   1 
HETATM 1509 O O   . HOH C 3 .  ? -17.419 -0.412  1.725   1.00 46.59 ? 313 HOH A O   1 
HETATM 1510 O O   . HOH C 3 .  ? -2.879  15.702  -6.206  1.00 37.51 ? 314 HOH A O   1 
HETATM 1511 O O   . HOH C 3 .  ? 10.202  -10.231 -4.374  1.00 42.16 ? 315 HOH A O   1 
HETATM 1512 O O   . HOH C 3 .  ? 17.819  18.338  16.081  1.00 35.58 ? 316 HOH A O   1 
HETATM 1513 O O   . HOH C 3 .  ? -8.291  -11.773 -19.862 1.00 37.54 ? 317 HOH A O   1 
HETATM 1514 O O   . HOH C 3 .  ? -4.785  19.485  -11.323 1.00 35.17 ? 318 HOH A O   1 
HETATM 1515 O O   . HOH C 3 .  ? 13.635  11.516  10.330  1.00 35.58 ? 319 HOH A O   1 
HETATM 1516 O O   . HOH D 3 .  ? 3.899   10.337  5.396   1.00 12.60 ? 121 HOH B O   1 
HETATM 1517 O O   . HOH D 3 .  ? -10.423 -5.411  6.681   1.00 27.75 ? 122 HOH B O   1 
HETATM 1518 O O   . HOH D 3 .  ? -7.022  -7.061  5.518   1.00 14.58 ? 123 HOH B O   1 
HETATM 1519 O O   . HOH D 3 .  ? -8.949  -8.918  5.469   1.00 15.24 ? 124 HOH B O   1 
HETATM 1520 O O   . HOH D 3 .  ? 6.075   -1.839  -16.278 1.00 16.58 ? 125 HOH B O   1 
HETATM 1521 O O   . HOH D 3 .  ? 5.402   -0.548  -18.681 1.00 19.88 ? 126 HOH B O   1 
HETATM 1522 O O   . HOH D 3 .  ? 10.124  -0.756  -13.242 1.00 15.19 ? 127 HOH B O   1 
HETATM 1523 O O   . HOH D 3 .  ? 10.084  2.133   -12.381 1.00 19.63 ? 128 HOH B O   1 
HETATM 1524 O O   . HOH D 3 .  ? 1.284   -11.025 -15.694 1.00 21.99 ? 129 HOH B O   1 
HETATM 1525 O O   . HOH D 3 .  ? 5.546   -10.773 -14.184 1.00 39.54 ? 130 HOH B O   1 
HETATM 1526 O O   . HOH D 3 .  ? -4.216  -0.221  -20.771 1.00 21.89 ? 131 HOH B O   1 
HETATM 1527 O O   . HOH D 3 .  ? -1.193  -3.438  -19.615 1.00 12.94 ? 132 HOH B O   1 
HETATM 1528 O O   . HOH D 3 .  ? -0.347  3.448   -16.359 1.00 16.00 ? 133 HOH B O   1 
HETATM 1529 O O   . HOH D 3 .  ? -0.315  3.974   -19.059 1.00 13.65 ? 134 HOH B O   1 
HETATM 1530 O O   . HOH D 3 .  ? -1.168  0.784   -16.917 1.00 19.33 ? 135 HOH B O   1 
HETATM 1531 O O   . HOH D 3 .  ? -2.365  7.962   5.626   1.00 10.81 ? 136 HOH B O   1 
HETATM 1532 O O   . HOH D 3 .  ? -2.227  10.437  4.650   1.00 23.56 ? 137 HOH B O   1 
HETATM 1533 O O   . HOH D 3 .  ? -4.526  2.459   5.688   1.00 19.20 ? 138 HOH B O   1 
HETATM 1534 O O   . HOH D 3 .  ? -2.400  -0.470  14.342  1.00 9.38  ? 139 HOH B O   1 
HETATM 1535 O O   . HOH D 3 .  ? -0.448  0.345   16.086  1.00 9.48  ? 140 HOH B O   1 
HETATM 1536 O O   . HOH D 3 .  ? 3.050   7.725   22.360  1.00 22.03 ? 141 HOH B O   1 
HETATM 1537 O O   . HOH D 3 .  ? 2.941   -1.545  22.511  1.00 11.65 ? 142 HOH B O   1 
HETATM 1538 O O   . HOH D 3 .  ? 8.274   11.193  19.935  1.00 26.76 ? 143 HOH B O   1 
HETATM 1539 O O   . HOH D 3 .  ? 10.197  7.465   21.767  1.00 21.78 ? 144 HOH B O   1 
HETATM 1540 O O   . HOH D 3 .  ? 11.440  8.194   23.875  1.00 20.75 ? 145 HOH B O   1 
HETATM 1541 O O   . HOH D 3 .  ? 2.602   1.086   27.984  1.00 29.66 ? 146 HOH B O   1 
HETATM 1542 O O   . HOH D 3 .  ? 7.187   7.402   24.965  1.00 35.86 ? 147 HOH B O   1 
HETATM 1543 O O   . HOH D 3 .  ? 4.133   4.346   26.814  1.00 22.61 ? 148 HOH B O   1 
HETATM 1544 O O   . HOH D 3 .  ? 6.309   3.058   27.964  1.00 46.53 ? 149 HOH B O   1 
HETATM 1545 O O   . HOH D 3 .  ? 12.679  -0.298  25.177  1.00 19.10 ? 150 HOH B O   1 
HETATM 1546 O O   . HOH D 3 .  ? 12.792  -2.140  23.005  1.00 29.88 ? 151 HOH B O   1 
HETATM 1547 O O   . HOH D 3 .  ? 15.896  2.972   19.361  1.00 26.40 ? 152 HOH B O   1 
HETATM 1548 O O   . HOH D 3 .  ? 12.872  -4.621  20.361  1.00 28.56 ? 153 HOH B O   1 
HETATM 1549 O O   . HOH D 3 .  ? 16.799  -0.284  17.018  1.00 43.38 ? 154 HOH B O   1 
HETATM 1550 O O   . HOH D 3 .  ? 12.556  -6.094  14.894  1.00 17.40 ? 155 HOH B O   1 
HETATM 1551 O O   . HOH D 3 .  ? 5.947   -7.627  17.586  1.00 15.09 ? 156 HOH B O   1 
HETATM 1552 O O   . HOH D 3 .  ? 7.855   -9.405  16.753  1.00 19.17 ? 157 HOH B O   1 
HETATM 1553 O O   . HOH D 3 .  ? 8.951   -8.888  14.025  1.00 23.14 ? 158 HOH B O   1 
HETATM 1554 O O   . HOH D 3 .  ? 6.797   -3.403  19.298  1.00 16.73 ? 159 HOH B O   1 
HETATM 1555 O O   . HOH D 3 .  ? 1.531   -9.305  12.742  1.00 11.60 ? 160 HOH B O   1 
HETATM 1556 O O   . HOH D 3 .  ? 1.375   -11.675 14.054  1.00 12.12 ? 161 HOH B O   1 
HETATM 1557 O O   . HOH D 3 .  ? -0.713  -8.546  19.209  1.00 14.52 ? 162 HOH B O   1 
HETATM 1558 O O   . HOH D 3 .  ? 0.121   -12.205 16.498  1.00 18.18 ? 163 HOH B O   1 
HETATM 1559 O O   . HOH D 3 .  ? -1.397  -11.020 18.402  1.00 16.33 ? 164 HOH B O   1 
HETATM 1560 O O   . HOH D 3 .  ? -4.815  -8.166  18.369  1.00 42.14 ? 165 HOH B O   1 
HETATM 1561 O O   . HOH D 3 .  ? -4.137  -10.766 17.827  1.00 25.83 ? 166 HOH B O   1 
HETATM 1562 O O   . HOH D 3 .  ? -5.152  -7.159  12.769  1.00 22.90 ? 167 HOH B O   1 
HETATM 1563 O O   . HOH D 3 .  ? -5.297  -9.251  14.551  1.00 25.23 ? 168 HOH B O   1 
HETATM 1564 O O   . HOH D 3 .  ? -7.046  0.287   15.308  1.00 13.81 ? 169 HOH B O   1 
HETATM 1565 O O   . HOH D 3 .  ? -7.282  -2.824  17.951  1.00 24.36 ? 170 HOH B O   1 
HETATM 1566 O O   . HOH D 3 .  ? -7.056  -5.938  14.551  1.00 23.22 ? 171 HOH B O   1 
HETATM 1567 O O   . HOH D 3 .  ? -9.256  -2.288  13.801  1.00 25.81 ? 172 HOH B O   1 
HETATM 1568 O O   . HOH D 3 .  ? -7.465  -10.083 13.485  1.00 32.67 ? 173 HOH B O   1 
HETATM 1569 O O   . HOH D 3 .  ? -1.406  -12.643 5.857   1.00 17.79 ? 174 HOH B O   1 
HETATM 1570 O O   . HOH D 3 .  ? -3.408  -16.008 6.058   1.00 34.01 ? 175 HOH B O   1 
HETATM 1571 O O   . HOH D 3 .  ? -1.068  -18.502 5.982   1.00 24.15 ? 176 HOH B O   1 
HETATM 1572 O O   . HOH D 3 .  ? -1.637  -16.738 11.605  1.00 18.72 ? 177 HOH B O   1 
HETATM 1573 O O   . HOH D 3 .  ? 10.193  -12.436 12.212  1.00 31.39 ? 178 HOH B O   1 
HETATM 1574 O O   . HOH D 3 .  ? 3.413   -14.829 15.502  1.00 16.90 ? 179 HOH B O   1 
HETATM 1575 O O   . HOH D 3 .  ? 1.538   -14.334 17.351  1.00 20.30 ? 180 HOH B O   1 
HETATM 1576 O O   . HOH D 3 .  ? 1.418   -14.379 13.241  1.00 15.94 ? 181 HOH B O   1 
HETATM 1577 O O   . HOH D 3 .  ? 4.348   11.773  0.055   1.00 51.70 ? 182 HOH B O   1 
HETATM 1578 O O   . HOH D 3 .  ? 15.668  10.569  18.385  1.00 18.72 ? 183 HOH B O   1 
HETATM 1579 O O   . HOH D 3 .  ? 18.842  3.865   14.416  1.00 31.90 ? 184 HOH B O   1 
HETATM 1580 O O   . HOH D 3 .  ? 17.426  -1.298  14.725  1.00 34.93 ? 185 HOH B O   1 
HETATM 1581 O O   . HOH D 3 .  ? -5.636  -8.236  -16.782 1.00 34.69 ? 186 HOH B O   1 
HETATM 1582 O O   . HOH D 3 .  ? -12.672 3.202   -14.439 1.00 21.61 ? 187 HOH B O   1 
HETATM 1583 O O   . HOH D 3 .  ? 13.664  -1.194  -5.969  1.00 39.26 ? 188 HOH B O   1 
HETATM 1584 O O   . HOH D 3 .  ? 3.256   9.074   -9.452  1.00 18.16 ? 189 HOH B O   1 
HETATM 1585 O O   . HOH D 3 .  ? 9.819   4.004   -14.317 1.00 11.87 ? 190 HOH B O   1 
HETATM 1586 O O   . HOH D 3 .  ? 11.237  2.879   -9.977  1.00 40.57 ? 191 HOH B O   1 
HETATM 1587 O O   . HOH D 3 .  ? 11.973  -2.817  -12.588 1.00 36.42 ? 192 HOH B O   1 
HETATM 1588 O O   . HOH D 3 .  ? 4.832   -4.337  -16.662 1.00 24.51 ? 193 HOH B O   1 
HETATM 1589 O O   . HOH D 3 .  ? 2.756   -0.178  -19.544 1.00 32.77 ? 194 HOH B O   1 
HETATM 1590 O O   . HOH D 3 .  ? 5.818   -8.247  -13.539 1.00 23.67 ? 195 HOH B O   1 
HETATM 1591 O O   . HOH D 3 .  ? 8.999   -2.052  -16.004 1.00 42.12 ? 196 HOH B O   1 
HETATM 1592 O O   . HOH D 3 .  ? 5.857   -6.719  -16.031 1.00 24.54 ? 197 HOH B O   1 
HETATM 1593 O O   . HOH D 3 .  ? 4.918   -8.725  -17.809 1.00 41.68 ? 198 HOH B O   1 
HETATM 1594 O O   . HOH D 3 .  ? -4.025  -14.140 -7.313  1.00 50.72 ? 199 HOH B O   1 
HETATM 1595 O O   . HOH D 3 .  ? -11.614 5.293   -13.492 1.00 45.42 ? 200 HOH B O   1 
HETATM 1596 O O   . HOH D 3 .  ? 2.800   8.580   -4.250  1.00 34.48 ? 201 HOH B O   1 
HETATM 1597 O O   . HOH D 3 .  ? 5.299   -3.099  21.793  1.00 19.57 ? 202 HOH B O   1 
HETATM 1598 O O   . HOH D 3 .  ? 8.067   -10.217 11.754  1.00 24.30 ? 203 HOH B O   1 
HETATM 1599 O O   . HOH D 3 .  ? 8.283   -10.357 8.666   1.00 20.05 ? 204 HOH B O   1 
HETATM 1600 O O   . HOH D 3 .  ? 11.772  -8.571  14.016  1.00 27.48 ? 205 HOH B O   1 
HETATM 1601 O O   . HOH D 3 .  ? 10.109  -9.236  18.400  1.00 37.28 ? 206 HOH B O   1 
HETATM 1602 O O   . HOH D 3 .  ? -5.792  -5.573  21.045  1.00 41.05 ? 207 HOH B O   1 
HETATM 1603 O O   . HOH D 3 .  ? -10.233 -7.897  7.722   1.00 42.78 ? 208 HOH B O   1 
HETATM 1604 O O   . HOH D 3 .  ? 8.712   -12.333 14.281  1.00 34.68 ? 209 HOH B O   1 
HETATM 1605 O O   . HOH D 3 .  ? 6.997   -6.103  19.885  1.00 34.98 ? 210 HOH B O   1 
HETATM 1606 O O   . HOH D 3 .  ? 2.598   -16.451 21.209  1.00 42.87 ? 211 HOH B O   1 
HETATM 1607 O O   . HOH D 3 .  ? 17.840  3.865   18.168  1.00 38.90 ? 212 HOH B O   1 
HETATM 1608 O O   . HOH D 3 .  ? 19.037  5.007   11.684  1.00 39.14 ? 213 HOH B O   1 
HETATM 1609 O O   . HOH D 3 .  ? -0.993  -8.305  -8.598  1.00 28.81 ? 214 HOH B O   1 
HETATM 1610 O O   . HOH D 3 .  ? -11.886 5.541   -11.113 1.00 43.36 ? 215 HOH B O   1 
HETATM 1611 O O   . HOH D 3 .  ? -11.028 -3.249  7.701   1.00 46.32 ? 216 HOH B O   1 
HETATM 1612 O O   . HOH D 3 .  ? 2.459   -10.073 -18.175 1.00 39.19 ? 217 HOH B O   1 
HETATM 1613 O O   . HOH D 3 .  ? 4.399   -6.405  -20.229 1.00 42.07 ? 218 HOH B O   1 
HETATM 1614 O O   . HOH D 3 .  ? -5.643  -13.301 -9.230  1.00 44.76 ? 219 HOH B O   1 
HETATM 1615 O O   . HOH D 3 .  ? 1.126   -12.970 -17.530 1.00 42.55 ? 220 HOH B O   1 
HETATM 1616 O O   . HOH D 3 .  ? 10.827  -3.554  21.747  1.00 30.12 ? 221 HOH B O   1 
HETATM 1617 O O   . HOH D 3 .  ? 4.584   6.623   25.348  1.00 43.33 ? 222 HOH B O   1 
HETATM 1618 O O   . HOH D 3 .  ? -7.582  -5.336  17.164  1.00 28.76 ? 223 HOH B O   1 
HETATM 1619 O O   . HOH D 3 .  ? -10.229 -8.946  12.122  1.00 37.40 ? 224 HOH B O   1 
HETATM 1620 O O   . HOH D 3 .  ? -0.025  -14.211 3.726   1.00 31.47 ? 225 HOH B O   1 
HETATM 1621 O O   . HOH D 3 .  ? 3.032   -13.756 19.819  1.00 41.82 ? 226 HOH B O   1 
HETATM 1622 O O   . HOH D 3 .  ? 6.904   -8.969  20.146  1.00 42.59 ? 227 HOH B O   1 
HETATM 1623 O O   . HOH D 3 .  ? 6.637   -12.128 19.467  1.00 46.63 ? 228 HOH B O   1 
HETATM 1624 O O   . HOH D 3 .  ? 1.365   -8.435  -19.894 1.00 39.80 ? 229 HOH B O   1 
HETATM 1625 O O   . HOH D 3 .  ? 4.656   -12.611 -6.531  1.00 44.31 ? 230 HOH B O   1 
HETATM 1626 O O   . HOH D 3 .  ? 4.626   -13.906 -9.305  1.00 48.66 ? 231 HOH B O   1 
HETATM 1627 O O   . HOH D 3 .  ? 1.511   -12.842 -20.299 1.00 48.97 ? 232 HOH B O   1 
HETATM 1628 O O   . HOH D 3 .  ? 3.104   -4.131  -19.076 1.00 39.84 ? 233 HOH B O   1 
HETATM 1629 O O   . HOH D 3 .  ? -12.035 3.954   -17.351 1.00 42.55 ? 234 HOH B O   1 
HETATM 1630 O O   . HOH D 3 .  ? -10.378 2.348   -18.500 1.00 36.74 ? 235 HOH B O   1 
HETATM 1631 O O   . HOH D 3 .  ? 1.481   10.461  -3.032  1.00 44.96 ? 236 HOH B O   1 
HETATM 1632 O O   . HOH D 3 .  ? 5.273   -2.587  25.598  1.00 38.60 ? 237 HOH B O   1 
HETATM 1633 O O   . HOH D 3 .  ? 15.646  4.329   21.363  1.00 42.24 ? 238 HOH B O   1 
HETATM 1634 O O   . HOH D 3 .  ? -8.326  -7.618  13.296  1.00 44.23 ? 239 HOH B O   1 
HETATM 1635 O O   . HOH D 3 .  ? 6.242   -11.094 -16.805 1.00 36.78 ? 240 HOH B O   1 
HETATM 1636 O O   . HOH D 3 .  ? 5.613   -5.706  22.234  1.00 39.70 ? 241 HOH B O   1 
# 
